data_6OL0
#
_entry.id   6OL0
#
_cell.length_a   106.785
_cell.length_b   102.353
_cell.length_c   171.846
_cell.angle_alpha   90.00
_cell.angle_beta   97.79
_cell.angle_gamma   90.00
#
_symmetry.space_group_name_H-M   'P 1 21 1'
#
loop_
_entity.id
_entity.type
_entity.pdbx_description
1 polymer 'Transporter, NadC family'
2 non-polymer 'SODIUM ION'
3 non-polymer '(2S)-2-hydroxybutanedioic acid'
#
_entity_poly.entity_id   1
_entity_poly.type   'polypeptide(L)'
_entity_poly.pdbx_seq_one_letter_code
;REWFLHRNSLIVLADVALFLALYHFLPFEHNVVLGISMLAFIAVLWLTEALHVTVTAILVPVMAVFFGIFETQAALNNFA
NSIIFLFLGGFALAAAMHHQGLDKVIADKVLAMAQGKMSVAVFMLFGVTALLSMWISNTATAAMMLPLVLGVLSKVDADK
QRSTYVFVLLGVAYSASIGGIATLVGSPPNAIAAAEVGLSFTDWMKFGLPTAMMMLPMAIAILYFLLKPTLNGMFELDRA
PVNWDKGKVVTLGIFGLTVFLWIFSSPINAALGGFKSFDTLVALGAILMLSFARVVHWKEIQKTADWGVLLLFGGGLCLS
NVLKQTGTSVFLANALSDMVSHMGIFVVILVVATFVVFLTEFASNTASAALLIPVFATVAEAFGMSPVLLSVLIAVAASC
AFMLPVATPPNAIVFASGHIKQSEMMRVGLYLNIACIGLLTAIAMLFWQ
;
_entity_poly.pdbx_strand_id   C,D,A,B
#
loop_
_chem_comp.id
_chem_comp.type
_chem_comp.name
_chem_comp.formula
LMR non-polymer '(2S)-2-hydroxybutanedioic acid' 'C4 H6 O5'
NA non-polymer 'SODIUM ION' 'Na 1'
#
# COMPACT_ATOMS: atom_id res chain seq x y z
N HIS A 6 -11.03 3.40 0.24
CA HIS A 6 -11.04 1.96 0.02
C HIS A 6 -12.47 1.45 -0.24
N ARG A 7 -12.57 0.30 -0.89
CA ARG A 7 -13.87 -0.28 -1.17
C ARG A 7 -14.64 -0.55 0.13
N ASN A 8 -14.05 -1.32 1.03
CA ASN A 8 -14.73 -1.70 2.26
C ASN A 8 -15.02 -0.48 3.13
N SER A 9 -14.13 0.50 3.14
CA SER A 9 -14.35 1.72 3.92
C SER A 9 -15.63 2.43 3.48
N LEU A 10 -16.05 2.24 2.23
CA LEU A 10 -17.29 2.87 1.77
C LEU A 10 -18.52 2.12 2.25
N ILE A 11 -18.50 0.78 2.18
CA ILE A 11 -19.63 -0.02 2.64
C ILE A 11 -20.01 0.37 4.07
N VAL A 12 -19.01 0.68 4.90
CA VAL A 12 -19.28 1.10 6.26
C VAL A 12 -20.09 2.40 6.27
N LEU A 13 -19.63 3.40 5.51
CA LEU A 13 -20.35 4.67 5.45
C LEU A 13 -21.72 4.50 4.83
N ALA A 14 -21.83 3.68 3.78
CA ALA A 14 -23.13 3.40 3.20
C ALA A 14 -24.06 2.70 4.19
N ASP A 15 -23.50 1.84 5.05
CA ASP A 15 -24.31 1.18 6.06
C ASP A 15 -24.73 2.15 7.16
N VAL A 16 -23.84 3.07 7.54
CA VAL A 16 -24.21 4.08 8.52
C VAL A 16 -25.37 4.92 8.03
N ALA A 17 -25.35 5.31 6.75
CA ALA A 17 -26.45 6.07 6.18
C ALA A 17 -27.75 5.25 6.20
N LEU A 18 -27.66 4.00 5.76
CA LEU A 18 -28.83 3.12 5.78
C LEU A 18 -29.45 3.05 7.16
N PHE A 19 -28.62 2.96 8.20
CA PHE A 19 -29.14 2.92 9.57
C PHE A 19 -29.92 4.20 9.89
N LEU A 20 -29.29 5.37 9.68
CA LEU A 20 -29.98 6.62 9.96
C LEU A 20 -31.29 6.72 9.19
N ALA A 21 -31.30 6.29 7.93
CA ALA A 21 -32.52 6.34 7.14
C ALA A 21 -33.62 5.47 7.75
N LEU A 22 -33.34 4.18 7.93
CA LEU A 22 -34.34 3.28 8.53
C LEU A 22 -34.70 3.75 9.94
N TYR A 23 -33.76 4.33 10.67
CA TYR A 23 -34.01 4.75 12.04
C TYR A 23 -35.06 5.85 12.09
N HIS A 24 -34.91 6.87 11.24
CA HIS A 24 -35.76 8.04 11.29
C HIS A 24 -37.03 7.93 10.44
N PHE A 25 -37.06 6.99 9.48
CA PHE A 25 -38.15 6.94 8.51
C PHE A 25 -39.11 5.78 8.72
N LEU A 26 -38.67 4.68 9.34
CA LEU A 26 -39.56 3.55 9.54
C LEU A 26 -40.72 3.95 10.44
N PRO A 27 -41.98 3.69 10.04
CA PRO A 27 -43.12 4.14 10.83
C PRO A 27 -43.65 3.05 11.75
N PHE A 28 -42.78 2.49 12.59
CA PHE A 28 -43.13 1.45 13.54
C PHE A 28 -42.75 1.91 14.95
N GLU A 29 -43.10 1.07 15.93
CA GLU A 29 -42.69 1.33 17.30
C GLU A 29 -41.18 1.53 17.36
N HIS A 30 -40.75 2.52 18.15
CA HIS A 30 -39.35 2.92 18.14
C HIS A 30 -38.41 1.74 18.34
N ASN A 31 -38.75 0.86 19.29
CA ASN A 31 -37.88 -0.29 19.56
C ASN A 31 -37.74 -1.18 18.34
N VAL A 32 -38.85 -1.45 17.63
CA VAL A 32 -38.77 -2.26 16.42
C VAL A 32 -37.89 -1.59 15.39
N VAL A 33 -37.98 -0.27 15.27
CA VAL A 33 -37.13 0.46 14.34
C VAL A 33 -35.67 0.28 14.71
N LEU A 34 -35.35 0.44 16.00
CA LEU A 34 -33.97 0.25 16.46
C LEU A 34 -33.49 -1.18 16.19
N GLY A 35 -34.33 -2.17 16.52
CA GLY A 35 -33.96 -3.55 16.26
C GLY A 35 -33.80 -3.84 14.78
N ILE A 36 -34.72 -3.33 13.96
CA ILE A 36 -34.62 -3.52 12.51
C ILE A 36 -33.38 -2.81 11.97
N SER A 37 -33.17 -1.56 12.37
CA SER A 37 -32.01 -0.80 11.91
C SER A 37 -30.71 -1.52 12.25
N MET A 38 -30.57 -1.96 13.51
CA MET A 38 -29.35 -2.63 13.91
C MET A 38 -29.15 -3.93 13.14
N LEU A 39 -30.23 -4.71 12.98
CA LEU A 39 -30.12 -5.97 12.25
C LEU A 39 -29.61 -5.74 10.84
N ALA A 40 -30.19 -4.76 10.14
CA ALA A 40 -29.70 -4.42 8.81
C ALA A 40 -28.24 -4.00 8.86
N PHE A 41 -27.87 -3.16 9.84
CA PHE A 41 -26.49 -2.72 9.97
C PHE A 41 -25.55 -3.90 10.07
N ILE A 42 -25.76 -4.77 11.07
CA ILE A 42 -24.86 -5.90 11.28
C ILE A 42 -24.87 -6.83 10.07
N ALA A 43 -26.04 -7.07 9.48
CA ALA A 43 -26.14 -7.95 8.33
C ALA A 43 -25.15 -7.56 7.24
N VAL A 44 -25.08 -6.27 6.91
CA VAL A 44 -24.16 -5.82 5.88
C VAL A 44 -22.71 -6.06 6.28
N LEU A 45 -22.33 -5.58 7.47
CA LEU A 45 -20.96 -5.67 7.92
C LEU A 45 -20.45 -7.11 7.98
N TRP A 46 -21.34 -8.10 8.09
CA TRP A 46 -20.92 -9.49 8.19
C TRP A 46 -20.92 -10.20 6.84
N LEU A 47 -21.82 -9.84 5.93
CA LEU A 47 -21.85 -10.49 4.62
C LEU A 47 -20.80 -9.90 3.68
N THR A 48 -20.68 -8.57 3.66
CA THR A 48 -19.66 -7.92 2.82
C THR A 48 -18.27 -8.02 3.44
N GLU A 49 -18.19 -8.08 4.77
CA GLU A 49 -16.90 -8.11 5.47
C GLU A 49 -16.10 -6.85 5.23
N ALA A 50 -16.78 -5.70 5.09
CA ALA A 50 -16.07 -4.43 5.04
C ALA A 50 -15.19 -4.27 6.28
N LEU A 51 -15.71 -4.65 7.43
CA LEU A 51 -14.95 -4.81 8.65
C LEU A 51 -14.83 -6.29 8.96
N HIS A 52 -13.69 -6.69 9.54
CA HIS A 52 -13.47 -8.10 9.83
C HIS A 52 -14.65 -8.66 10.62
N VAL A 53 -15.11 -9.84 10.22
CA VAL A 53 -16.24 -10.54 10.84
C VAL A 53 -16.20 -10.35 12.35
N THR A 54 -15.02 -10.46 12.95
CA THR A 54 -14.90 -10.30 14.39
C THR A 54 -15.13 -8.86 14.82
N VAL A 55 -14.66 -7.91 14.02
CA VAL A 55 -14.86 -6.49 14.36
C VAL A 55 -16.33 -6.14 14.37
N THR A 56 -17.10 -6.69 13.42
CA THR A 56 -18.54 -6.44 13.41
C THR A 56 -19.21 -7.03 14.64
N ALA A 57 -18.77 -8.22 15.07
CA ALA A 57 -19.32 -8.83 16.27
C ALA A 57 -19.14 -7.93 17.48
N ILE A 58 -17.97 -7.32 17.62
CA ILE A 58 -17.73 -6.42 18.74
C ILE A 58 -18.61 -5.17 18.65
N LEU A 59 -19.02 -4.80 17.43
CA LEU A 59 -19.87 -3.63 17.25
C LEU A 59 -21.29 -3.88 17.71
N VAL A 60 -21.73 -5.14 17.73
CA VAL A 60 -23.10 -5.50 18.12
C VAL A 60 -23.36 -5.02 19.54
N PRO A 61 -22.57 -5.45 20.53
CA PRO A 61 -22.88 -5.06 21.92
C PRO A 61 -22.77 -3.57 22.17
N VAL A 62 -21.73 -2.92 21.63
CA VAL A 62 -21.54 -1.50 21.86
C VAL A 62 -22.76 -0.70 21.39
N MET A 63 -23.47 -1.21 20.39
CA MET A 63 -24.69 -0.53 19.95
C MET A 63 -25.82 -0.75 20.95
N ALA A 64 -26.11 -2.02 21.26
CA ALA A 64 -27.18 -2.31 22.22
C ALA A 64 -26.97 -1.58 23.53
N VAL A 65 -25.71 -1.43 23.94
CA VAL A 65 -25.42 -0.78 25.21
C VAL A 65 -25.72 0.71 25.14
N PHE A 66 -25.28 1.37 24.05
CA PHE A 66 -25.45 2.81 23.96
C PHE A 66 -26.90 3.21 23.70
N PHE A 67 -27.68 2.35 23.05
CA PHE A 67 -29.08 2.63 22.74
C PHE A 67 -30.03 2.07 23.78
N GLY A 68 -29.58 1.87 25.02
CA GLY A 68 -30.45 1.47 26.10
C GLY A 68 -31.04 0.08 25.96
N ILE A 69 -30.64 -0.70 24.96
CA ILE A 69 -31.15 -2.05 24.81
C ILE A 69 -30.70 -2.92 25.98
N PHE A 70 -29.42 -2.82 26.34
CA PHE A 70 -28.86 -3.57 27.45
C PHE A 70 -27.93 -2.66 28.24
N GLU A 71 -27.59 -3.08 29.44
CA GLU A 71 -26.53 -2.44 30.20
C GLU A 71 -25.19 -3.03 29.79
N THR A 72 -24.12 -2.25 30.01
CA THR A 72 -22.81 -2.64 29.50
C THR A 72 -22.49 -4.09 29.83
N GLN A 73 -22.43 -4.42 31.13
CA GLN A 73 -22.03 -5.76 31.53
C GLN A 73 -22.97 -6.81 30.95
N ALA A 74 -24.27 -6.50 30.87
CA ALA A 74 -25.22 -7.45 30.33
C ALA A 74 -24.89 -7.82 28.89
N ALA A 75 -24.49 -6.84 28.08
CA ALA A 75 -24.17 -7.11 26.68
C ALA A 75 -22.91 -7.94 26.55
N LEU A 76 -21.86 -7.59 27.30
CA LEU A 76 -20.60 -8.31 27.20
C LEU A 76 -20.75 -9.77 27.60
N ASN A 77 -21.66 -10.06 28.55
CA ASN A 77 -21.79 -11.42 29.07
C ASN A 77 -22.11 -12.45 28.00
N ASN A 78 -22.64 -12.01 26.84
CA ASN A 78 -22.97 -12.97 25.79
C ASN A 78 -21.73 -13.71 25.29
N PHE A 79 -20.57 -13.07 25.34
CA PHE A 79 -19.32 -13.66 24.86
C PHE A 79 -18.78 -14.77 25.75
N ALA A 80 -19.50 -15.19 26.79
CA ALA A 80 -19.03 -16.24 27.69
C ALA A 80 -19.91 -17.48 27.64
N ASN A 81 -20.64 -17.71 26.55
CA ASN A 81 -21.49 -18.88 26.45
C ASN A 81 -20.69 -20.15 26.61
N SER A 82 -21.32 -21.17 27.22
CA SER A 82 -20.63 -22.42 27.48
C SER A 82 -20.15 -23.08 26.19
N ILE A 83 -20.85 -22.86 25.07
CA ILE A 83 -20.45 -23.46 23.80
C ILE A 83 -19.10 -22.90 23.35
N ILE A 84 -18.86 -21.61 23.60
CA ILE A 84 -17.59 -20.99 23.22
C ILE A 84 -16.43 -21.79 23.80
N PHE A 85 -16.51 -22.12 25.09
CA PHE A 85 -15.45 -22.91 25.72
C PHE A 85 -15.42 -24.33 25.17
N LEU A 86 -16.58 -24.88 24.81
CA LEU A 86 -16.60 -26.20 24.17
C LEU A 86 -15.80 -26.18 22.87
N PHE A 87 -15.93 -25.11 22.08
CA PHE A 87 -15.15 -25.00 20.85
C PHE A 87 -13.67 -24.76 21.15
N LEU A 88 -13.38 -24.00 22.21
CA LEU A 88 -12.00 -23.78 22.60
C LEU A 88 -11.31 -25.08 22.98
N GLY A 89 -12.05 -26.02 23.57
CA GLY A 89 -11.48 -27.32 23.86
C GLY A 89 -11.08 -28.07 22.61
N GLY A 90 -11.92 -28.01 21.57
CA GLY A 90 -11.56 -28.61 20.30
C GLY A 90 -10.35 -27.97 19.65
N PHE A 91 -10.11 -26.69 19.94
CA PHE A 91 -8.93 -26.02 19.42
C PHE A 91 -7.66 -26.53 20.12
N ALA A 92 -7.69 -26.60 21.45
CA ALA A 92 -6.55 -27.16 22.18
C ALA A 92 -6.41 -28.65 21.90
N LEU A 93 -7.52 -29.35 21.64
CA LEU A 93 -7.43 -30.76 21.29
C LEU A 93 -6.77 -30.94 19.94
N ALA A 94 -7.07 -30.06 18.98
CA ALA A 94 -6.41 -30.13 17.68
C ALA A 94 -4.96 -29.67 17.79
N ALA A 95 -4.73 -28.52 18.43
CA ALA A 95 -3.38 -28.03 18.62
C ALA A 95 -2.50 -29.09 19.30
N ALA A 96 -3.08 -29.87 20.20
CA ALA A 96 -2.31 -30.90 20.90
C ALA A 96 -1.80 -31.95 19.92
N MET A 97 -2.70 -32.55 19.14
CA MET A 97 -2.31 -33.60 18.21
C MET A 97 -1.65 -33.05 16.95
N HIS A 98 -1.64 -31.73 16.75
CA HIS A 98 -0.90 -31.12 15.66
C HIS A 98 0.53 -30.82 16.07
N HIS A 99 0.71 -30.14 17.20
CA HIS A 99 2.06 -29.94 17.74
C HIS A 99 2.73 -31.28 17.99
N GLN A 100 1.97 -32.31 18.34
CA GLN A 100 2.50 -33.65 18.53
C GLN A 100 2.79 -34.34 17.20
N GLY A 101 2.19 -33.88 16.11
CA GLY A 101 2.34 -34.50 14.81
C GLY A 101 1.40 -35.65 14.53
N LEU A 102 0.35 -35.82 15.34
CA LEU A 102 -0.58 -36.92 15.17
C LEU A 102 -1.42 -36.81 13.91
N ASP A 103 -1.46 -35.65 13.26
CA ASP A 103 -2.26 -35.52 12.04
C ASP A 103 -1.51 -36.05 10.82
N LYS A 104 -0.19 -35.83 10.77
CA LYS A 104 0.60 -36.37 9.65
C LYS A 104 0.67 -37.88 9.73
N VAL A 105 0.98 -38.42 10.91
CA VAL A 105 1.06 -39.87 11.06
C VAL A 105 -0.28 -40.53 10.74
N ILE A 106 -1.37 -39.82 11.00
CA ILE A 106 -2.69 -40.36 10.63
C ILE A 106 -2.84 -40.40 9.11
N ALA A 107 -2.12 -39.53 8.40
CA ALA A 107 -2.17 -39.54 6.95
C ALA A 107 -1.24 -40.58 6.34
N ASP A 108 -0.05 -40.75 6.94
CA ASP A 108 0.91 -41.71 6.39
C ASP A 108 0.41 -43.14 6.57
N LYS A 109 0.09 -43.52 7.81
CA LYS A 109 -0.37 -44.88 8.06
C LYS A 109 -1.57 -45.25 7.19
N VAL A 110 -2.37 -44.26 6.82
CA VAL A 110 -3.52 -44.49 5.93
C VAL A 110 -3.11 -44.39 4.48
N LEU A 111 -2.39 -43.33 4.11
CA LEU A 111 -1.93 -43.20 2.73
C LEU A 111 -1.00 -44.35 2.34
N ALA A 112 -0.23 -44.87 3.30
CA ALA A 112 0.60 -46.03 3.05
C ALA A 112 -0.19 -47.33 3.09
N MET A 113 -1.38 -47.32 3.71
CA MET A 113 -2.25 -48.47 3.66
C MET A 113 -2.60 -48.85 2.23
N ALA A 114 -2.73 -47.85 1.35
CA ALA A 114 -2.82 -48.11 -0.08
C ALA A 114 -1.47 -48.59 -0.59
N GLN A 115 -1.46 -49.80 -1.17
CA GLN A 115 -0.21 -50.44 -1.56
C GLN A 115 0.68 -49.48 -2.36
N GLY A 116 0.13 -48.92 -3.42
CA GLY A 116 0.85 -47.98 -4.26
C GLY A 116 0.00 -47.55 -5.43
N LYS A 117 -1.28 -47.91 -5.39
CA LYS A 117 -2.21 -47.59 -6.48
C LYS A 117 -2.60 -46.13 -6.36
N MET A 118 -2.09 -45.30 -7.27
CA MET A 118 -2.48 -43.89 -7.28
C MET A 118 -3.95 -43.73 -7.59
N SER A 119 -4.54 -44.68 -8.32
CA SER A 119 -5.97 -44.60 -8.65
C SER A 119 -6.83 -44.57 -7.39
N VAL A 120 -6.60 -45.52 -6.48
CA VAL A 120 -7.36 -45.59 -5.24
C VAL A 120 -6.76 -44.72 -4.14
N ALA A 121 -5.61 -44.10 -4.39
CA ALA A 121 -5.02 -43.21 -3.40
C ALA A 121 -5.82 -41.91 -3.26
N VAL A 122 -6.17 -41.30 -4.39
CA VAL A 122 -6.88 -40.02 -4.37
C VAL A 122 -8.17 -40.13 -3.56
N PHE A 123 -8.89 -41.24 -3.72
CA PHE A 123 -10.12 -41.43 -2.96
C PHE A 123 -9.87 -41.39 -1.46
N MET A 124 -8.76 -41.96 -1.01
CA MET A 124 -8.39 -41.91 0.40
C MET A 124 -8.05 -40.50 0.87
N LEU A 125 -7.65 -39.60 -0.04
CA LEU A 125 -7.35 -38.24 0.35
C LEU A 125 -8.59 -37.50 0.85
N PHE A 126 -9.76 -37.80 0.28
CA PHE A 126 -10.98 -37.13 0.70
C PHE A 126 -11.43 -37.60 2.08
N GLY A 127 -11.42 -38.92 2.30
CA GLY A 127 -11.87 -39.45 3.57
C GLY A 127 -11.08 -38.93 4.76
N VAL A 128 -9.81 -38.60 4.57
CA VAL A 128 -9.01 -38.06 5.66
C VAL A 128 -9.28 -36.58 5.87
N THR A 129 -9.39 -35.82 4.78
CA THR A 129 -9.70 -34.40 4.90
C THR A 129 -11.00 -34.19 5.68
N ALA A 130 -11.99 -35.06 5.47
CA ALA A 130 -13.25 -34.94 6.18
C ALA A 130 -13.09 -35.35 7.64
N LEU A 131 -12.45 -36.50 7.89
CA LEU A 131 -12.26 -36.96 9.26
C LEU A 131 -11.41 -35.97 10.05
N LEU A 132 -10.43 -35.36 9.40
CA LEU A 132 -9.61 -34.35 10.09
C LEU A 132 -10.42 -33.09 10.36
N SER A 133 -11.30 -32.70 9.43
CA SER A 133 -12.13 -31.53 9.65
C SER A 133 -13.13 -31.73 10.78
N MET A 134 -13.44 -32.98 11.13
CA MET A 134 -14.37 -33.24 12.21
C MET A 134 -13.90 -32.63 13.53
N TRP A 135 -12.58 -32.45 13.70
CA TRP A 135 -12.05 -32.06 14.99
C TRP A 135 -11.13 -30.85 14.89
N ILE A 136 -10.50 -30.66 13.73
CA ILE A 136 -9.53 -29.58 13.57
C ILE A 136 -10.24 -28.32 13.07
N SER A 137 -10.60 -28.31 11.79
CA SER A 137 -11.22 -27.14 11.18
C SER A 137 -11.47 -27.39 9.70
N ASN A 138 -11.78 -26.34 8.95
CA ASN A 138 -11.95 -26.42 7.50
C ASN A 138 -10.85 -25.69 6.74
N THR A 139 -10.64 -24.42 7.03
CA THR A 139 -9.53 -23.70 6.41
C THR A 139 -8.20 -24.34 6.74
N ALA A 140 -8.00 -24.72 8.01
CA ALA A 140 -6.75 -25.35 8.42
C ALA A 140 -6.63 -26.74 7.80
N THR A 141 -7.73 -27.50 7.75
CA THR A 141 -7.68 -28.83 7.16
C THR A 141 -7.34 -28.76 5.68
N ALA A 142 -7.82 -27.72 4.98
CA ALA A 142 -7.50 -27.56 3.57
C ALA A 142 -6.03 -27.19 3.39
N ALA A 143 -5.56 -26.20 4.17
CA ALA A 143 -4.17 -25.78 4.06
C ALA A 143 -3.22 -26.90 4.48
N MET A 144 -3.66 -27.78 5.37
CA MET A 144 -2.82 -28.89 5.79
C MET A 144 -2.82 -30.04 4.78
N MET A 145 -3.91 -30.19 4.02
CA MET A 145 -4.01 -31.27 3.05
C MET A 145 -3.39 -30.91 1.71
N LEU A 146 -3.38 -29.63 1.34
CA LEU A 146 -2.84 -29.20 0.06
C LEU A 146 -1.44 -29.75 -0.20
N PRO A 147 -0.46 -29.58 0.70
CA PRO A 147 0.86 -30.18 0.46
C PRO A 147 0.80 -31.69 0.29
N LEU A 148 -0.09 -32.36 1.03
CA LEU A 148 -0.25 -33.80 0.88
C LEU A 148 -0.98 -34.17 -0.41
N VAL A 149 -1.70 -33.22 -1.00
CA VAL A 149 -2.33 -33.46 -2.29
C VAL A 149 -1.35 -33.22 -3.43
N LEU A 150 -0.58 -32.14 -3.37
CA LEU A 150 0.46 -31.88 -4.36
C LEU A 150 1.70 -32.75 -4.18
N GLY A 151 1.55 -33.93 -3.60
CA GLY A 151 2.64 -34.85 -3.43
C GLY A 151 2.37 -36.16 -4.16
N VAL A 152 1.13 -36.62 -4.07
CA VAL A 152 0.72 -37.79 -4.85
C VAL A 152 0.77 -37.48 -6.33
N LEU A 153 0.39 -36.27 -6.72
CA LEU A 153 0.42 -35.84 -8.12
C LEU A 153 1.87 -35.53 -8.49
N SER A 154 2.57 -36.55 -8.97
CA SER A 154 3.98 -36.42 -9.33
C SER A 154 4.39 -37.57 -10.24
N LYS A 155 3.78 -38.74 -10.07
CA LYS A 155 4.08 -39.86 -10.96
C LYS A 155 3.62 -39.59 -12.39
N VAL A 156 2.52 -38.86 -12.56
CA VAL A 156 1.99 -38.53 -13.89
C VAL A 156 1.36 -37.14 -13.87
N ASP A 157 2.16 -36.11 -14.15
CA ASP A 157 1.71 -34.72 -14.04
C ASP A 157 1.16 -34.16 -15.34
N ALA A 158 0.56 -35.00 -16.18
CA ALA A 158 -0.05 -34.58 -17.44
C ALA A 158 -1.00 -33.41 -17.25
N ASP A 159 -0.44 -32.20 -17.15
CA ASP A 159 -1.28 -31.01 -16.98
C ASP A 159 -2.36 -30.88 -18.05
N LYS A 160 -2.12 -31.46 -19.24
CA LYS A 160 -3.19 -31.54 -20.24
C LYS A 160 -4.32 -32.46 -19.81
N GLN A 161 -4.01 -33.50 -19.04
CA GLN A 161 -5.01 -34.42 -18.52
C GLN A 161 -5.59 -33.85 -17.23
N ARG A 162 -6.75 -33.20 -17.35
CA ARG A 162 -7.36 -32.50 -16.23
C ARG A 162 -8.55 -33.23 -15.63
N SER A 163 -9.28 -34.04 -16.40
CA SER A 163 -10.37 -34.80 -15.82
C SER A 163 -9.87 -35.87 -14.86
N THR A 164 -8.56 -36.03 -14.71
CA THR A 164 -7.96 -36.88 -13.71
C THR A 164 -7.08 -36.09 -12.75
N TYR A 165 -7.15 -34.76 -12.79
CA TYR A 165 -6.23 -33.93 -12.02
C TYR A 165 -6.92 -32.89 -11.15
N VAL A 166 -7.90 -32.17 -11.70
CA VAL A 166 -8.64 -31.19 -10.91
C VAL A 166 -9.60 -31.87 -9.94
N PHE A 167 -10.08 -33.07 -10.29
CA PHE A 167 -11.02 -33.78 -9.43
C PHE A 167 -10.47 -33.96 -8.02
N VAL A 168 -9.16 -34.15 -7.88
CA VAL A 168 -8.58 -34.35 -6.56
C VAL A 168 -8.38 -33.06 -5.78
N LEU A 169 -8.30 -31.90 -6.45
CA LEU A 169 -8.15 -30.64 -5.73
C LEU A 169 -9.49 -30.11 -5.23
N LEU A 170 -10.49 -30.03 -6.11
CA LEU A 170 -11.82 -29.61 -5.68
C LEU A 170 -12.45 -30.60 -4.72
N GLY A 171 -11.99 -31.85 -4.71
CA GLY A 171 -12.54 -32.83 -3.79
C GLY A 171 -12.19 -32.54 -2.35
N VAL A 172 -10.90 -32.25 -2.09
CA VAL A 172 -10.49 -31.96 -0.72
C VAL A 172 -11.04 -30.63 -0.25
N ALA A 173 -11.16 -29.65 -1.15
CA ALA A 173 -11.76 -28.38 -0.77
C ALA A 173 -13.21 -28.57 -0.35
N TYR A 174 -13.87 -29.61 -0.86
CA TYR A 174 -15.24 -29.93 -0.47
C TYR A 174 -15.28 -30.89 0.71
N SER A 175 -14.37 -31.87 0.75
CA SER A 175 -14.33 -32.80 1.86
C SER A 175 -14.04 -32.08 3.17
N ALA A 176 -13.25 -31.00 3.12
CA ALA A 176 -12.99 -30.23 4.33
C ALA A 176 -14.25 -29.52 4.81
N SER A 177 -15.08 -29.06 3.88
CA SER A 177 -16.32 -28.39 4.26
C SER A 177 -17.39 -29.40 4.68
N ILE A 178 -17.44 -30.55 4.02
CA ILE A 178 -18.41 -31.57 4.40
C ILE A 178 -18.01 -32.23 5.71
N GLY A 179 -16.71 -32.44 5.92
CA GLY A 179 -16.25 -33.04 7.16
C GLY A 179 -16.55 -32.19 8.38
N GLY A 180 -16.62 -30.87 8.20
CA GLY A 180 -16.94 -29.99 9.30
C GLY A 180 -18.39 -30.03 9.74
N ILE A 181 -19.24 -30.76 9.01
CA ILE A 181 -20.65 -30.91 9.36
C ILE A 181 -20.91 -32.20 10.12
N ALA A 182 -19.86 -32.91 10.52
CA ALA A 182 -20.02 -34.20 11.20
C ALA A 182 -20.20 -34.05 12.70
N THR A 183 -19.50 -33.09 13.32
CA THR A 183 -19.52 -32.92 14.76
C THR A 183 -19.72 -31.44 15.10
N LEU A 184 -20.05 -31.19 16.38
CA LEU A 184 -20.21 -29.82 16.84
C LEU A 184 -18.93 -29.02 16.63
N VAL A 185 -17.78 -29.65 16.85
CA VAL A 185 -16.49 -29.05 16.53
C VAL A 185 -16.17 -29.35 15.08
N GLY A 186 -15.55 -28.38 14.40
CA GLY A 186 -15.24 -28.53 12.98
C GLY A 186 -15.50 -27.26 12.20
N SER A 187 -16.75 -26.80 12.21
CA SER A 187 -17.13 -25.56 11.56
C SER A 187 -17.82 -24.65 12.57
N PRO A 188 -17.46 -23.37 12.63
CA PRO A 188 -18.07 -22.46 13.59
C PRO A 188 -19.59 -22.47 13.49
N PRO A 189 -20.16 -22.46 12.29
CA PRO A 189 -21.63 -22.46 12.18
C PRO A 189 -22.30 -23.50 13.06
N ASN A 190 -21.73 -24.70 13.16
CA ASN A 190 -22.31 -25.72 14.04
C ASN A 190 -22.43 -25.20 15.47
N ALA A 191 -21.37 -24.57 15.98
CA ALA A 191 -21.40 -24.07 17.34
C ALA A 191 -22.44 -22.97 17.52
N ILE A 192 -22.61 -22.12 16.49
CA ILE A 192 -23.59 -21.03 16.59
C ILE A 192 -24.99 -21.60 16.78
N ALA A 193 -25.28 -22.73 16.12
CA ALA A 193 -26.59 -23.35 16.28
C ALA A 193 -26.74 -23.93 17.68
N ALA A 194 -25.74 -24.69 18.15
CA ALA A 194 -25.82 -25.27 19.48
C ALA A 194 -25.92 -24.21 20.55
N ALA A 195 -25.24 -23.08 20.36
CA ALA A 195 -25.30 -22.00 21.35
C ALA A 195 -26.66 -21.31 21.32
N GLU A 196 -27.31 -21.26 20.16
CA GLU A 196 -28.62 -20.61 20.06
C GLU A 196 -29.70 -21.44 20.74
N VAL A 197 -29.78 -22.73 20.41
CA VAL A 197 -30.84 -23.59 20.93
C VAL A 197 -30.41 -24.42 22.13
N GLY A 198 -29.13 -24.40 22.49
CA GLY A 198 -28.66 -25.17 23.63
C GLY A 198 -28.51 -26.64 23.32
N LEU A 199 -27.76 -26.95 22.26
CA LEU A 199 -27.51 -28.32 21.86
C LEU A 199 -26.28 -28.88 22.56
N SER A 200 -26.33 -30.17 22.86
CA SER A 200 -25.16 -30.89 23.35
C SER A 200 -24.35 -31.42 22.18
N PHE A 201 -23.11 -31.85 22.48
CA PHE A 201 -22.25 -32.38 21.43
C PHE A 201 -22.88 -33.61 20.79
N THR A 202 -23.37 -34.54 21.61
CA THR A 202 -24.02 -35.73 21.08
C THR A 202 -25.32 -35.40 20.37
N ASP A 203 -25.95 -34.27 20.70
CA ASP A 203 -27.17 -33.87 20.00
C ASP A 203 -26.88 -33.51 18.55
N TRP A 204 -25.82 -32.74 18.31
CA TRP A 204 -25.52 -32.29 16.95
C TRP A 204 -24.89 -33.39 16.10
N MET A 205 -24.21 -34.36 16.71
CA MET A 205 -23.59 -35.42 15.93
C MET A 205 -24.65 -36.34 15.30
N LYS A 206 -25.72 -36.63 16.05
CA LYS A 206 -26.81 -37.41 15.48
C LYS A 206 -27.41 -36.74 14.25
N PHE A 207 -27.33 -35.41 14.19
CA PHE A 207 -27.84 -34.67 13.04
C PHE A 207 -26.80 -34.61 11.92
N GLY A 208 -25.63 -34.04 12.21
CA GLY A 208 -24.69 -33.73 11.15
C GLY A 208 -23.99 -34.96 10.59
N LEU A 209 -23.51 -35.84 11.48
CA LEU A 209 -22.75 -37.00 11.04
C LEU A 209 -23.46 -37.81 9.97
N PRO A 210 -24.72 -38.22 10.15
CA PRO A 210 -25.44 -38.87 9.03
C PRO A 210 -25.40 -38.04 7.76
N THR A 211 -25.59 -36.72 7.85
CA THR A 211 -25.52 -35.88 6.67
C THR A 211 -24.12 -35.90 6.07
N ALA A 212 -23.09 -35.85 6.92
CA ALA A 212 -21.72 -35.97 6.41
C ALA A 212 -21.50 -37.34 5.78
N MET A 213 -21.99 -38.38 6.43
CA MET A 213 -21.96 -39.71 5.83
C MET A 213 -22.76 -39.74 4.54
N MET A 214 -23.83 -38.94 4.47
CA MET A 214 -24.71 -38.92 3.30
C MET A 214 -24.14 -38.05 2.18
N MET A 215 -23.66 -36.86 2.52
CA MET A 215 -23.29 -35.88 1.50
C MET A 215 -21.95 -36.18 0.85
N LEU A 216 -21.04 -36.85 1.57
CA LEU A 216 -19.71 -37.09 0.99
C LEU A 216 -19.78 -38.00 -0.22
N PRO A 217 -20.39 -39.19 -0.16
CA PRO A 217 -20.48 -40.02 -1.37
C PRO A 217 -21.23 -39.32 -2.50
N MET A 218 -22.39 -38.73 -2.19
CA MET A 218 -23.15 -38.01 -3.20
C MET A 218 -22.32 -36.91 -3.85
N ALA A 219 -21.39 -36.30 -3.12
CA ALA A 219 -20.55 -35.26 -3.69
C ALA A 219 -19.51 -35.83 -4.64
N ILE A 220 -18.87 -36.94 -4.27
CA ILE A 220 -17.87 -37.55 -5.12
C ILE A 220 -18.50 -38.08 -6.41
N ALA A 221 -19.70 -38.66 -6.31
CA ALA A 221 -20.38 -39.17 -7.49
C ALA A 221 -20.56 -38.09 -8.56
N ILE A 222 -20.91 -36.88 -8.13
CA ILE A 222 -21.12 -35.79 -9.09
C ILE A 222 -19.80 -35.44 -9.78
N LEU A 223 -18.70 -35.40 -9.02
CA LEU A 223 -17.40 -35.16 -9.64
C LEU A 223 -16.93 -36.34 -10.47
N TYR A 224 -17.22 -37.56 -10.00
CA TYR A 224 -16.79 -38.75 -10.73
C TYR A 224 -17.44 -38.82 -12.10
N PHE A 225 -18.76 -38.67 -12.17
CA PHE A 225 -19.50 -38.77 -13.42
C PHE A 225 -19.45 -37.49 -14.26
N LEU A 226 -18.28 -36.88 -14.39
CA LEU A 226 -18.11 -35.72 -15.26
C LEU A 226 -16.89 -35.91 -16.17
N ASN A 243 6.23 -42.59 13.34
CA ASN A 243 6.39 -43.54 14.43
C ASN A 243 5.80 -43.00 15.73
N TRP A 244 5.12 -43.86 16.48
CA TRP A 244 4.54 -43.45 17.76
C TRP A 244 5.63 -43.01 18.72
N ASP A 245 5.71 -41.72 19.00
CA ASP A 245 6.75 -41.20 19.89
C ASP A 245 6.19 -40.88 21.26
N LYS A 246 6.68 -39.82 21.90
CA LYS A 246 6.29 -39.52 23.27
C LYS A 246 4.80 -39.23 23.38
N GLY A 247 4.05 -40.15 23.98
CA GLY A 247 2.65 -39.90 24.29
C GLY A 247 1.78 -39.57 23.11
N LYS A 248 2.09 -40.09 21.92
CA LYS A 248 1.10 -40.02 20.84
C LYS A 248 -0.07 -40.95 21.11
N VAL A 249 0.17 -42.05 21.83
CA VAL A 249 -0.93 -42.83 22.38
C VAL A 249 -1.56 -42.06 23.53
N VAL A 250 -0.77 -41.28 24.25
CA VAL A 250 -1.32 -40.41 25.29
C VAL A 250 -2.21 -39.36 24.67
N THR A 251 -1.73 -38.68 23.62
CA THR A 251 -2.58 -37.76 22.87
C THR A 251 -3.81 -38.50 22.35
N LEU A 252 -3.63 -39.72 21.85
CA LEU A 252 -4.76 -40.52 21.41
C LEU A 252 -5.62 -40.93 22.60
N GLY A 253 -4.99 -41.35 23.70
CA GLY A 253 -5.75 -41.70 24.88
C GLY A 253 -6.57 -40.54 25.41
N ILE A 254 -5.94 -39.37 25.56
CA ILE A 254 -6.66 -38.17 25.97
C ILE A 254 -7.74 -37.83 24.94
N PHE A 255 -7.35 -37.75 23.67
CA PHE A 255 -8.32 -37.47 22.60
C PHE A 255 -9.46 -38.47 22.63
N GLY A 256 -9.14 -39.77 22.62
CA GLY A 256 -10.18 -40.78 22.68
C GLY A 256 -11.08 -40.62 23.89
N LEU A 257 -10.48 -40.40 25.06
CA LEU A 257 -11.26 -40.20 26.27
C LEU A 257 -12.19 -39.00 26.14
N THR A 258 -11.69 -37.90 25.57
CA THR A 258 -12.53 -36.71 25.42
C THR A 258 -13.72 -36.98 24.51
N VAL A 259 -13.47 -37.55 23.32
CA VAL A 259 -14.56 -37.82 22.39
C VAL A 259 -15.52 -38.84 22.97
N PHE A 260 -15.01 -39.80 23.76
CA PHE A 260 -15.89 -40.78 24.37
C PHE A 260 -16.89 -40.13 25.32
N LEU A 261 -16.43 -39.19 26.15
CA LEU A 261 -17.33 -38.51 27.07
C LEU A 261 -18.31 -37.61 26.33
N TRP A 262 -17.85 -36.96 25.25
CA TRP A 262 -18.72 -36.09 24.48
C TRP A 262 -19.90 -36.86 23.91
N ILE A 263 -19.66 -38.10 23.45
CA ILE A 263 -20.74 -38.91 22.90
C ILE A 263 -21.66 -39.39 24.01
N PHE A 264 -21.09 -39.96 25.07
CA PHE A 264 -21.85 -40.49 26.20
C PHE A 264 -22.09 -39.44 27.27
N SER A 265 -22.06 -38.15 26.92
CA SER A 265 -22.24 -37.10 27.91
C SER A 265 -23.64 -37.17 28.53
N SER A 266 -24.65 -37.50 27.73
CA SER A 266 -26.02 -37.54 28.24
C SER A 266 -26.16 -38.50 29.41
N PRO A 267 -25.81 -39.78 29.29
CA PRO A 267 -25.98 -40.68 30.44
C PRO A 267 -24.94 -40.47 31.53
N ILE A 268 -23.71 -40.11 31.17
CA ILE A 268 -22.67 -39.92 32.17
C ILE A 268 -23.04 -38.78 33.11
N ASN A 269 -23.47 -37.65 32.55
CA ASN A 269 -23.85 -36.52 33.38
C ASN A 269 -25.06 -36.83 34.24
N ALA A 270 -26.06 -37.51 33.66
CA ALA A 270 -27.24 -37.88 34.43
C ALA A 270 -26.87 -38.78 35.61
N ALA A 271 -25.90 -39.67 35.41
CA ALA A 271 -25.42 -40.56 36.46
C ALA A 271 -24.29 -39.95 37.28
N LEU A 272 -24.30 -38.63 37.48
CA LEU A 272 -23.24 -37.97 38.23
C LEU A 272 -23.78 -36.80 39.05
N GLY A 273 -25.03 -36.43 38.81
CA GLY A 273 -25.62 -35.31 39.50
C GLY A 273 -26.21 -34.28 38.56
N GLY A 274 -26.16 -34.56 37.26
CA GLY A 274 -26.73 -33.68 36.26
C GLY A 274 -26.05 -32.33 36.19
N PHE A 275 -24.79 -32.30 35.76
CA PHE A 275 -24.10 -31.04 35.55
C PHE A 275 -24.68 -30.34 34.33
N LYS A 276 -24.59 -29.01 34.34
CA LYS A 276 -25.33 -28.19 33.38
C LYS A 276 -24.84 -28.40 31.95
N SER A 277 -23.62 -27.95 31.66
CA SER A 277 -23.05 -28.06 30.32
C SER A 277 -21.92 -29.09 30.35
N PHE A 278 -22.30 -30.36 30.49
CA PHE A 278 -21.30 -31.42 30.60
C PHE A 278 -20.35 -31.41 29.41
N ASP A 279 -20.88 -31.24 28.20
CA ASP A 279 -20.01 -31.22 27.03
C ASP A 279 -18.92 -30.16 27.18
N THR A 280 -19.28 -28.98 27.68
CA THR A 280 -18.28 -27.95 27.92
C THR A 280 -17.30 -28.38 29.00
N LEU A 281 -17.79 -28.98 30.07
CA LEU A 281 -16.91 -29.48 31.12
C LEU A 281 -15.90 -30.48 30.55
N VAL A 282 -16.37 -31.40 29.71
CA VAL A 282 -15.47 -32.37 29.08
C VAL A 282 -14.43 -31.65 28.24
N ALA A 283 -14.86 -30.66 27.46
CA ALA A 283 -13.93 -29.92 26.60
C ALA A 283 -12.84 -29.24 27.42
N LEU A 284 -13.21 -28.65 28.57
CA LEU A 284 -12.21 -27.98 29.39
C LEU A 284 -11.29 -28.98 30.08
N GLY A 285 -11.81 -30.14 30.46
CA GLY A 285 -10.95 -31.17 31.03
C GLY A 285 -9.88 -31.63 30.06
N ALA A 286 -10.21 -31.72 28.78
CA ALA A 286 -9.21 -32.07 27.78
C ALA A 286 -8.06 -31.09 27.80
N ILE A 287 -8.36 -29.79 27.84
CA ILE A 287 -7.30 -28.79 27.94
C ILE A 287 -6.44 -29.04 29.17
N LEU A 288 -7.05 -29.52 30.26
CA LEU A 288 -6.29 -29.81 31.48
C LEU A 288 -5.45 -31.06 31.30
N MET A 289 -6.08 -32.15 30.85
CA MET A 289 -5.32 -33.38 30.61
C MET A 289 -4.22 -33.15 29.59
N LEU A 290 -4.53 -32.43 28.51
CA LEU A 290 -3.52 -32.17 27.49
C LEU A 290 -2.38 -31.33 28.05
N SER A 291 -2.67 -30.47 29.03
CA SER A 291 -1.63 -29.69 29.68
C SER A 291 -1.00 -30.44 30.84
N PHE A 292 -1.79 -31.20 31.60
CA PHE A 292 -1.24 -32.05 32.64
C PHE A 292 -0.35 -33.14 32.05
N ALA A 293 -0.82 -33.78 30.97
CA ALA A 293 -0.05 -34.82 30.30
C ALA A 293 1.20 -34.28 29.63
N ARG A 294 1.45 -32.98 29.69
CA ARG A 294 2.64 -32.33 29.15
C ARG A 294 2.73 -32.45 27.63
N VAL A 295 1.70 -32.98 26.98
CA VAL A 295 1.76 -33.25 25.56
C VAL A 295 1.64 -31.99 24.70
N VAL A 296 1.13 -30.89 25.26
CA VAL A 296 0.96 -29.66 24.50
C VAL A 296 1.14 -28.48 25.45
N HIS A 297 1.97 -27.52 25.05
CA HIS A 297 2.16 -26.30 25.82
C HIS A 297 1.06 -25.30 25.50
N TRP A 298 0.82 -24.37 26.43
CA TRP A 298 -0.28 -23.42 26.25
C TRP A 298 -0.04 -22.49 25.07
N LYS A 299 1.21 -22.04 24.88
CA LYS A 299 1.50 -21.19 23.73
C LYS A 299 1.05 -21.83 22.43
N GLU A 300 1.07 -23.17 22.36
CA GLU A 300 0.52 -23.86 21.20
C GLU A 300 -0.98 -23.63 21.10
N ILE A 301 -1.69 -23.81 22.21
CA ILE A 301 -3.15 -23.66 22.21
C ILE A 301 -3.53 -22.22 21.88
N GLN A 302 -2.75 -21.26 22.39
CA GLN A 302 -3.05 -19.86 22.15
C GLN A 302 -2.93 -19.50 20.67
N LYS A 303 -2.08 -20.22 19.93
CA LYS A 303 -1.93 -19.97 18.50
C LYS A 303 -3.03 -20.65 17.69
N THR A 304 -3.29 -21.93 17.95
CA THR A 304 -4.24 -22.68 17.15
C THR A 304 -5.65 -22.10 17.25
N ALA A 305 -6.05 -21.70 18.46
CA ALA A 305 -7.41 -21.22 18.67
C ALA A 305 -7.65 -19.95 17.87
N ASP A 306 -8.76 -19.92 17.12
CA ASP A 306 -9.17 -18.74 16.36
C ASP A 306 -10.02 -17.87 17.28
N TRP A 307 -9.33 -17.07 18.11
CA TRP A 307 -10.02 -16.23 19.07
C TRP A 307 -10.99 -15.27 18.39
N GLY A 308 -10.71 -14.87 17.14
CA GLY A 308 -11.65 -14.02 16.43
C GLY A 308 -13.00 -14.69 16.21
N VAL A 309 -12.99 -16.00 15.96
CA VAL A 309 -14.25 -16.73 15.79
C VAL A 309 -14.97 -16.86 17.12
N LEU A 310 -14.22 -17.12 18.20
CA LEU A 310 -14.85 -17.22 19.52
C LEU A 310 -15.54 -15.92 19.90
N LEU A 311 -14.92 -14.78 19.57
CA LEU A 311 -15.59 -13.51 19.78
C LEU A 311 -16.81 -13.37 18.88
N LEU A 312 -16.77 -13.93 17.68
CA LEU A 312 -17.93 -13.89 16.80
C LEU A 312 -19.12 -14.61 17.41
N PHE A 313 -18.88 -15.79 18.00
CA PHE A 313 -19.94 -16.52 18.67
C PHE A 313 -20.72 -15.61 19.61
N GLY A 314 -20.01 -14.94 20.52
CA GLY A 314 -20.68 -14.01 21.43
C GLY A 314 -21.40 -12.89 20.70
N GLY A 315 -20.74 -12.31 19.69
CA GLY A 315 -21.38 -11.25 18.93
C GLY A 315 -22.70 -11.67 18.32
N GLY A 316 -22.79 -12.91 17.87
CA GLY A 316 -24.04 -13.39 17.30
C GLY A 316 -25.13 -13.56 18.35
N LEU A 317 -24.75 -14.01 19.54
CA LEU A 317 -25.74 -14.13 20.62
C LEU A 317 -26.22 -12.76 21.08
N CYS A 318 -25.30 -11.80 21.21
CA CYS A 318 -25.72 -10.45 21.57
C CYS A 318 -26.73 -9.89 20.59
N LEU A 319 -26.50 -10.10 19.29
CA LEU A 319 -27.47 -9.67 18.29
C LEU A 319 -28.80 -10.39 18.48
N SER A 320 -28.75 -11.71 18.67
CA SER A 320 -29.98 -12.48 18.89
C SER A 320 -30.78 -11.90 20.06
N ASN A 321 -30.10 -11.56 21.16
CA ASN A 321 -30.80 -11.00 22.30
C ASN A 321 -31.31 -9.59 22.01
N VAL A 322 -30.61 -8.85 21.14
CA VAL A 322 -31.08 -7.53 20.76
C VAL A 322 -32.40 -7.63 20.01
N LEU A 323 -32.57 -8.68 19.20
CA LEU A 323 -33.82 -8.87 18.48
C LEU A 323 -34.98 -9.11 19.44
N LYS A 324 -34.74 -9.90 20.50
CA LYS A 324 -35.80 -10.20 21.45
C LYS A 324 -36.14 -8.97 22.29
N GLN A 325 -35.14 -8.37 22.93
CA GLN A 325 -35.39 -7.26 23.84
C GLN A 325 -36.12 -6.12 23.13
N THR A 326 -35.84 -5.91 21.85
CA THR A 326 -36.51 -4.87 21.08
C THR A 326 -37.80 -5.33 20.43
N GLY A 327 -38.14 -6.61 20.54
CA GLY A 327 -39.34 -7.14 19.93
C GLY A 327 -39.29 -7.33 18.43
N THR A 328 -38.11 -7.18 17.82
CA THR A 328 -38.00 -7.35 16.38
C THR A 328 -38.34 -8.77 15.95
N SER A 329 -38.11 -9.76 16.83
CA SER A 329 -38.45 -11.13 16.52
C SER A 329 -39.96 -11.31 16.36
N VAL A 330 -40.74 -10.75 17.28
CA VAL A 330 -42.19 -10.86 17.19
C VAL A 330 -42.73 -9.98 16.08
N PHE A 331 -42.07 -8.84 15.81
CA PHE A 331 -42.52 -7.97 14.73
C PHE A 331 -42.36 -8.65 13.38
N LEU A 332 -41.24 -9.33 13.16
CA LEU A 332 -41.03 -10.02 11.89
C LEU A 332 -41.88 -11.29 11.81
N ALA A 333 -42.04 -12.00 12.93
CA ALA A 333 -42.90 -13.17 12.94
C ALA A 333 -44.32 -12.82 12.54
N ASN A 334 -44.85 -11.72 13.08
CA ASN A 334 -46.19 -11.28 12.69
C ASN A 334 -46.23 -10.87 11.22
N ALA A 335 -45.17 -10.21 10.75
CA ALA A 335 -45.13 -9.80 9.34
C ALA A 335 -45.08 -11.00 8.40
N LEU A 336 -44.41 -12.07 8.81
CA LEU A 336 -44.33 -13.28 8.01
C LEU A 336 -45.44 -14.27 8.31
N SER A 337 -46.35 -13.93 9.24
CA SER A 337 -47.41 -14.85 9.63
C SER A 337 -48.22 -15.31 8.43
N ASP A 338 -48.72 -14.36 7.63
CA ASP A 338 -49.54 -14.73 6.47
C ASP A 338 -48.72 -15.49 5.42
N MET A 339 -47.43 -15.20 5.29
CA MET A 339 -46.62 -15.87 4.29
C MET A 339 -46.28 -17.30 4.68
N VAL A 340 -45.93 -17.52 5.96
CA VAL A 340 -45.59 -18.85 6.41
C VAL A 340 -46.84 -19.72 6.51
N SER A 341 -48.02 -19.11 6.70
CA SER A 341 -49.26 -19.88 6.72
C SER A 341 -49.69 -20.28 5.31
N HIS A 342 -49.40 -19.45 4.31
CA HIS A 342 -49.65 -19.83 2.92
C HIS A 342 -48.71 -20.93 2.47
N MET A 343 -47.60 -21.13 3.18
CA MET A 343 -46.62 -22.15 2.86
C MET A 343 -46.73 -23.30 3.86
N GLY A 344 -46.37 -24.50 3.39
CA GLY A 344 -46.28 -25.64 4.28
C GLY A 344 -44.90 -25.73 4.91
N ILE A 345 -44.78 -26.64 5.88
CA ILE A 345 -43.48 -26.83 6.52
C ILE A 345 -42.46 -27.31 5.51
N PHE A 346 -42.91 -28.04 4.48
CA PHE A 346 -42.02 -28.41 3.39
C PHE A 346 -41.56 -27.17 2.62
N VAL A 347 -42.50 -26.32 2.22
CA VAL A 347 -42.15 -25.11 1.46
C VAL A 347 -41.17 -24.25 2.23
N VAL A 348 -41.39 -24.10 3.55
CA VAL A 348 -40.54 -23.21 4.34
C VAL A 348 -39.10 -23.69 4.32
N ILE A 349 -38.86 -24.93 4.76
CA ILE A 349 -37.50 -25.44 4.87
C ILE A 349 -36.82 -25.54 3.51
N LEU A 350 -37.60 -25.61 2.42
CA LEU A 350 -37.00 -25.63 1.10
C LEU A 350 -36.53 -24.24 0.69
N VAL A 351 -37.35 -23.22 0.92
CA VAL A 351 -36.92 -21.85 0.65
C VAL A 351 -35.71 -21.51 1.50
N VAL A 352 -35.74 -21.88 2.79
CA VAL A 352 -34.61 -21.61 3.68
C VAL A 352 -33.36 -22.33 3.17
N ALA A 353 -33.45 -23.64 3.00
CA ALA A 353 -32.31 -24.42 2.54
C ALA A 353 -31.75 -23.87 1.24
N THR A 354 -32.63 -23.68 0.24
CA THR A 354 -32.18 -23.12 -1.03
C THR A 354 -31.59 -21.73 -0.85
N PHE A 355 -32.24 -20.89 -0.04
CA PHE A 355 -31.78 -19.52 0.17
C PHE A 355 -30.34 -19.51 0.67
N VAL A 356 -30.04 -20.34 1.67
CA VAL A 356 -28.71 -20.33 2.28
C VAL A 356 -27.70 -21.04 1.38
N VAL A 357 -28.07 -22.20 0.82
CA VAL A 357 -27.13 -22.98 0.02
C VAL A 357 -26.51 -22.13 -1.08
N PHE A 358 -27.25 -21.16 -1.62
CA PHE A 358 -26.69 -20.25 -2.61
C PHE A 358 -26.12 -18.99 -1.99
N LEU A 359 -26.66 -18.56 -0.84
CA LEU A 359 -26.13 -17.36 -0.19
C LEU A 359 -24.72 -17.60 0.33
N THR A 360 -24.44 -18.79 0.86
CA THR A 360 -23.11 -19.08 1.38
C THR A 360 -22.04 -19.06 0.29
N GLU A 361 -22.44 -19.04 -0.99
CA GLU A 361 -21.48 -18.93 -2.07
C GLU A 361 -20.89 -17.53 -2.19
N PHE A 362 -21.61 -16.51 -1.70
CA PHE A 362 -21.19 -15.13 -1.82
C PHE A 362 -20.49 -14.59 -0.59
N ALA A 363 -20.74 -15.17 0.59
CA ALA A 363 -20.20 -14.67 1.84
C ALA A 363 -19.58 -15.81 2.64
N SER A 364 -18.88 -15.44 3.71
CA SER A 364 -18.20 -16.42 4.55
C SER A 364 -19.21 -17.40 5.15
N ASN A 365 -18.75 -18.63 5.37
CA ASN A 365 -19.62 -19.65 5.96
C ASN A 365 -20.14 -19.19 7.32
N THR A 366 -19.23 -18.91 8.26
CA THR A 366 -19.65 -18.50 9.59
C THR A 366 -20.33 -17.14 9.58
N ALA A 367 -19.82 -16.22 8.78
CA ALA A 367 -20.47 -14.91 8.67
C ALA A 367 -21.92 -15.05 8.23
N SER A 368 -22.22 -16.04 7.39
CA SER A 368 -23.60 -16.26 6.97
C SER A 368 -24.43 -16.86 8.10
N ALA A 369 -23.87 -17.86 8.79
CA ALA A 369 -24.60 -18.49 9.89
C ALA A 369 -24.81 -17.52 11.04
N ALA A 370 -23.82 -16.70 11.36
CA ALA A 370 -23.94 -15.77 12.48
C ALA A 370 -25.11 -14.80 12.27
N LEU A 371 -25.49 -14.55 11.02
CA LEU A 371 -26.58 -13.63 10.74
C LEU A 371 -27.95 -14.30 10.67
N LEU A 372 -28.02 -15.48 10.03
CA LEU A 372 -29.31 -16.10 9.78
C LEU A 372 -29.79 -16.94 10.97
N ILE A 373 -28.87 -17.57 11.70
CA ILE A 373 -29.28 -18.38 12.85
C ILE A 373 -30.08 -17.57 13.85
N PRO A 374 -29.64 -16.39 14.29
CA PRO A 374 -30.47 -15.62 15.23
C PRO A 374 -31.83 -15.23 14.66
N VAL A 375 -31.85 -14.66 13.45
CA VAL A 375 -33.10 -14.17 12.87
C VAL A 375 -34.12 -15.29 12.80
N PHE A 376 -33.74 -16.45 12.26
CA PHE A 376 -34.69 -17.53 12.05
C PHE A 376 -35.09 -18.18 13.37
N ALA A 377 -34.11 -18.48 14.22
CA ALA A 377 -34.40 -19.15 15.48
C ALA A 377 -35.34 -18.32 16.35
N THR A 378 -35.16 -16.99 16.36
CA THR A 378 -36.02 -16.16 17.19
C THR A 378 -37.42 -16.03 16.61
N VAL A 379 -37.52 -15.89 15.28
CA VAL A 379 -38.84 -15.84 14.64
C VAL A 379 -39.55 -17.18 14.79
N ALA A 380 -38.83 -18.28 14.54
CA ALA A 380 -39.41 -19.60 14.75
C ALA A 380 -39.85 -19.78 16.20
N GLU A 381 -39.11 -19.19 17.14
CA GLU A 381 -39.51 -19.25 18.55
C GLU A 381 -40.77 -18.45 18.81
N ALA A 382 -40.95 -17.34 18.11
CA ALA A 382 -42.17 -16.56 18.25
C ALA A 382 -43.39 -17.34 17.75
N PHE A 383 -43.19 -18.23 16.77
CA PHE A 383 -44.25 -19.08 16.27
C PHE A 383 -44.50 -20.29 17.15
N GLY A 384 -43.86 -20.38 18.31
CA GLY A 384 -44.03 -21.54 19.16
C GLY A 384 -43.52 -22.83 18.54
N MET A 385 -42.56 -22.73 17.63
CA MET A 385 -41.98 -23.87 16.95
C MET A 385 -40.59 -24.15 17.49
N SER A 386 -40.23 -25.42 17.58
CA SER A 386 -38.91 -25.80 18.04
C SER A 386 -37.86 -25.21 17.11
N PRO A 387 -37.05 -24.26 17.59
CA PRO A 387 -36.05 -23.63 16.72
C PRO A 387 -34.91 -24.55 16.32
N VAL A 388 -34.89 -25.79 16.80
CA VAL A 388 -33.81 -26.71 16.46
C VAL A 388 -33.76 -26.96 14.95
N LEU A 389 -34.92 -27.21 14.34
CA LEU A 389 -34.95 -27.56 12.93
C LEU A 389 -34.36 -26.45 12.06
N LEU A 390 -34.95 -25.25 12.12
CA LEU A 390 -34.45 -24.16 11.28
C LEU A 390 -33.00 -23.83 11.60
N SER A 391 -32.63 -23.88 12.89
CA SER A 391 -31.27 -23.52 13.27
C SER A 391 -30.25 -24.53 12.75
N VAL A 392 -30.46 -25.81 13.05
CA VAL A 392 -29.53 -26.85 12.60
C VAL A 392 -29.45 -26.86 11.08
N LEU A 393 -30.60 -26.67 10.41
CA LEU A 393 -30.59 -26.64 8.94
C LEU A 393 -29.68 -25.55 8.42
N ILE A 394 -29.88 -24.31 8.89
CA ILE A 394 -29.06 -23.19 8.42
C ILE A 394 -27.58 -23.46 8.68
N ALA A 395 -27.26 -24.03 9.85
CA ALA A 395 -25.87 -24.30 10.16
C ALA A 395 -25.25 -25.29 9.18
N VAL A 396 -26.04 -26.24 8.68
CA VAL A 396 -25.52 -27.22 7.72
C VAL A 396 -25.40 -26.61 6.34
N ALA A 397 -26.47 -25.97 5.86
CA ALA A 397 -26.44 -25.36 4.54
C ALA A 397 -25.41 -24.24 4.45
N ALA A 398 -25.06 -23.62 5.58
CA ALA A 398 -24.04 -22.57 5.56
C ALA A 398 -22.69 -23.12 5.13
N SER A 399 -22.45 -24.41 5.36
CA SER A 399 -21.21 -25.07 4.97
C SER A 399 -21.30 -25.70 3.58
N CYS A 400 -22.24 -25.25 2.76
CA CYS A 400 -22.41 -25.81 1.43
C CYS A 400 -21.99 -24.80 0.36
N ALA A 401 -20.75 -24.33 0.44
CA ALA A 401 -20.19 -23.41 -0.55
C ALA A 401 -19.26 -24.20 -1.46
N PHE A 402 -19.67 -24.39 -2.71
CA PHE A 402 -18.93 -25.23 -3.64
C PHE A 402 -18.67 -24.59 -4.99
N MET A 403 -19.38 -23.52 -5.36
CA MET A 403 -19.18 -22.88 -6.65
C MET A 403 -17.87 -22.09 -6.67
N LEU A 404 -17.96 -20.80 -6.98
CA LEU A 404 -16.79 -19.95 -7.12
C LEU A 404 -15.94 -19.98 -5.85
N PRO A 405 -14.71 -19.46 -5.89
CA PRO A 405 -13.93 -19.32 -4.66
C PRO A 405 -14.52 -18.24 -3.78
N VAL A 406 -13.73 -17.69 -2.86
CA VAL A 406 -14.12 -16.66 -1.89
C VAL A 406 -15.32 -17.09 -1.06
N ALA A 407 -15.91 -18.25 -1.36
CA ALA A 407 -16.97 -18.79 -0.54
C ALA A 407 -16.44 -19.37 0.76
N THR A 408 -15.40 -20.21 0.67
CA THR A 408 -14.76 -20.80 1.84
C THR A 408 -13.27 -20.84 1.57
N PRO A 409 -12.43 -20.60 2.58
CA PRO A 409 -10.99 -20.61 2.38
C PRO A 409 -10.54 -21.90 1.71
N PRO A 410 -11.02 -23.05 2.19
CA PRO A 410 -10.68 -24.31 1.49
C PRO A 410 -10.89 -24.24 -0.01
N ASN A 411 -11.92 -23.52 -0.46
CA ASN A 411 -12.11 -23.34 -1.90
C ASN A 411 -10.95 -22.54 -2.50
N ALA A 412 -10.60 -21.42 -1.86
CA ALA A 412 -9.50 -20.60 -2.34
C ALA A 412 -8.13 -21.23 -2.07
N ILE A 413 -8.08 -22.25 -1.21
CA ILE A 413 -6.81 -22.93 -0.95
C ILE A 413 -6.46 -23.85 -2.12
N VAL A 414 -7.41 -24.71 -2.52
CA VAL A 414 -7.21 -25.52 -3.71
C VAL A 414 -7.34 -24.69 -4.97
N PHE A 415 -7.91 -23.48 -4.87
CA PHE A 415 -8.03 -22.58 -6.01
C PHE A 415 -6.74 -21.81 -6.26
N ALA A 416 -5.99 -21.50 -5.19
CA ALA A 416 -4.72 -20.81 -5.34
C ALA A 416 -3.69 -21.63 -6.10
N SER A 417 -3.98 -22.90 -6.40
CA SER A 417 -3.07 -23.73 -7.20
C SER A 417 -2.94 -23.25 -8.63
N GLY A 418 -3.63 -22.17 -9.03
CA GLY A 418 -3.50 -21.62 -10.35
C GLY A 418 -3.75 -22.61 -11.48
N HIS A 419 -4.84 -23.37 -11.38
CA HIS A 419 -5.13 -24.37 -12.41
C HIS A 419 -6.63 -24.55 -12.62
N ILE A 420 -7.41 -24.60 -11.54
CA ILE A 420 -8.83 -24.86 -11.66
C ILE A 420 -9.54 -23.62 -12.19
N LYS A 421 -10.38 -23.82 -13.20
CA LYS A 421 -11.04 -22.71 -13.86
C LYS A 421 -12.25 -22.23 -13.07
N GLN A 422 -12.53 -20.93 -13.20
CA GLN A 422 -13.72 -20.36 -12.55
C GLN A 422 -14.99 -21.03 -13.07
N SER A 423 -15.15 -21.10 -14.39
CA SER A 423 -16.37 -21.66 -14.96
C SER A 423 -16.51 -23.14 -14.61
N GLU A 424 -15.38 -23.87 -14.57
CA GLU A 424 -15.44 -25.28 -14.18
C GLU A 424 -16.04 -25.43 -12.79
N MET A 425 -15.47 -24.73 -11.82
CA MET A 425 -15.99 -24.83 -10.45
C MET A 425 -17.37 -24.18 -10.35
N MET A 426 -17.58 -23.09 -11.09
CA MET A 426 -18.87 -22.39 -11.03
C MET A 426 -20.02 -23.27 -11.47
N ARG A 427 -19.77 -24.31 -12.25
CA ARG A 427 -20.83 -25.19 -12.73
C ARG A 427 -20.83 -26.56 -12.06
N VAL A 428 -19.68 -27.02 -11.56
CA VAL A 428 -19.68 -28.22 -10.73
C VAL A 428 -20.34 -27.94 -9.38
N GLY A 429 -20.15 -26.73 -8.86
CA GLY A 429 -20.82 -26.35 -7.63
C GLY A 429 -22.30 -26.10 -7.83
N LEU A 430 -22.68 -25.55 -8.98
CA LEU A 430 -24.09 -25.37 -9.28
C LEU A 430 -24.83 -26.69 -9.30
N TYR A 431 -24.13 -27.78 -9.65
CA TYR A 431 -24.72 -29.11 -9.57
C TYR A 431 -24.77 -29.61 -8.13
N LEU A 432 -23.66 -29.49 -7.40
CA LEU A 432 -23.62 -29.96 -6.03
C LEU A 432 -24.58 -29.17 -5.14
N ASN A 433 -24.72 -27.87 -5.39
CA ASN A 433 -25.64 -27.06 -4.59
C ASN A 433 -27.06 -27.61 -4.66
N ILE A 434 -27.61 -27.74 -5.88
CA ILE A 434 -28.94 -28.29 -6.04
C ILE A 434 -29.01 -29.70 -5.45
N ALA A 435 -27.94 -30.47 -5.59
CA ALA A 435 -27.91 -31.82 -5.03
C ALA A 435 -28.06 -31.78 -3.51
N CYS A 436 -27.41 -30.81 -2.86
CA CYS A 436 -27.47 -30.74 -1.41
C CYS A 436 -28.83 -30.24 -0.93
N ILE A 437 -29.38 -29.23 -1.59
CA ILE A 437 -30.69 -28.70 -1.21
C ILE A 437 -31.71 -29.83 -1.13
N GLY A 438 -31.60 -30.81 -2.04
CA GLY A 438 -32.48 -31.97 -1.96
C GLY A 438 -32.17 -32.83 -0.76
N LEU A 439 -30.90 -33.24 -0.62
CA LEU A 439 -30.52 -34.08 0.52
C LEU A 439 -30.89 -33.43 1.84
N LEU A 440 -30.66 -32.13 1.97
CA LEU A 440 -30.97 -31.44 3.22
C LEU A 440 -32.47 -31.41 3.47
N THR A 441 -33.23 -30.85 2.51
CA THR A 441 -34.69 -30.79 2.68
C THR A 441 -35.28 -32.16 2.93
N ALA A 442 -34.72 -33.20 2.32
CA ALA A 442 -35.19 -34.56 2.56
C ALA A 442 -34.94 -34.97 4.01
N ILE A 443 -33.67 -34.92 4.44
CA ILE A 443 -33.35 -35.29 5.82
C ILE A 443 -34.05 -34.36 6.80
N ALA A 444 -34.15 -33.07 6.45
CA ALA A 444 -34.82 -32.12 7.35
C ALA A 444 -36.28 -32.49 7.57
N MET A 445 -36.93 -33.06 6.57
CA MET A 445 -38.31 -33.51 6.73
C MET A 445 -38.40 -34.79 7.55
N LEU A 446 -37.43 -35.68 7.41
CA LEU A 446 -37.44 -36.93 8.17
C LEU A 446 -37.29 -36.67 9.66
N PHE A 447 -36.39 -35.77 10.05
CA PHE A 447 -36.18 -35.40 11.45
C PHE A 447 -37.32 -34.49 11.91
N TRP A 448 -38.52 -35.05 11.95
CA TRP A 448 -39.69 -34.30 12.40
C TRP A 448 -40.49 -35.09 13.42
N GLN A 449 -40.99 -36.26 13.04
CA GLN A 449 -41.72 -37.13 13.96
C GLN A 449 -41.35 -38.59 13.73
N HIS B 6 8.87 -35.48 35.44
CA HIS B 6 9.36 -34.12 35.38
C HIS B 6 9.08 -33.38 36.69
N ARG B 7 9.84 -32.30 36.93
CA ARG B 7 9.66 -31.54 38.17
C ARG B 7 8.23 -31.03 38.30
N ASN B 8 7.76 -30.27 37.31
CA ASN B 8 6.45 -29.64 37.42
C ASN B 8 5.34 -30.69 37.49
N SER B 9 5.48 -31.79 36.74
CA SER B 9 4.50 -32.86 36.83
C SER B 9 4.45 -33.44 38.24
N LEU B 10 5.56 -33.36 38.98
CA LEU B 10 5.58 -33.84 40.36
C LEU B 10 5.02 -32.78 41.30
N ILE B 11 5.39 -31.52 41.11
CA ILE B 11 4.86 -30.44 41.94
C ILE B 11 3.34 -30.48 41.95
N VAL B 12 2.75 -30.81 40.80
CA VAL B 12 1.30 -30.95 40.71
C VAL B 12 0.83 -32.07 41.63
N LEU B 13 1.50 -33.23 41.57
CA LEU B 13 1.10 -34.36 42.41
C LEU B 13 1.27 -34.04 43.89
N ALA B 14 2.34 -33.32 44.25
CA ALA B 14 2.50 -32.91 45.64
C ALA B 14 1.38 -31.98 46.07
N ASP B 15 0.90 -31.13 45.16
CA ASP B 15 -0.21 -30.25 45.48
C ASP B 15 -1.52 -31.03 45.56
N VAL B 16 -1.69 -32.05 44.70
CA VAL B 16 -2.89 -32.88 44.76
C VAL B 16 -3.01 -33.55 46.12
N ALA B 17 -1.88 -34.04 46.65
CA ALA B 17 -1.90 -34.65 47.98
C ALA B 17 -2.31 -33.64 49.05
N LEU B 18 -1.72 -32.45 49.01
CA LEU B 18 -2.07 -31.41 49.97
C LEU B 18 -3.56 -31.13 49.97
N PHE B 19 -4.17 -31.06 48.78
CA PHE B 19 -5.62 -30.84 48.69
C PHE B 19 -6.38 -31.97 49.37
N LEU B 20 -6.12 -33.21 48.94
CA LEU B 20 -6.80 -34.36 49.53
C LEU B 20 -6.58 -34.39 51.04
N ALA B 21 -5.36 -34.10 51.49
CA ALA B 21 -5.08 -34.09 52.93
C ALA B 21 -5.93 -33.04 53.62
N LEU B 22 -5.81 -31.78 53.20
CA LEU B 22 -6.62 -30.72 53.78
C LEU B 22 -8.11 -31.00 53.64
N TYR B 23 -8.50 -31.69 52.57
CA TYR B 23 -9.93 -31.93 52.32
C TYR B 23 -10.55 -32.78 53.42
N HIS B 24 -9.90 -33.90 53.76
CA HIS B 24 -10.48 -34.84 54.71
C HIS B 24 -10.09 -34.59 56.16
N PHE B 25 -9.05 -33.80 56.41
CA PHE B 25 -8.50 -33.65 57.76
C PHE B 25 -8.84 -32.33 58.44
N LEU B 26 -9.12 -31.28 57.68
CA LEU B 26 -9.44 -30.00 58.29
C LEU B 26 -10.73 -30.14 59.10
N PRO B 27 -10.74 -29.72 60.37
CA PRO B 27 -11.93 -29.93 61.20
C PRO B 27 -12.86 -28.72 61.24
N PHE B 28 -13.26 -28.24 60.08
CA PHE B 28 -14.16 -27.10 59.95
C PHE B 28 -15.38 -27.50 59.13
N GLU B 29 -16.33 -26.56 59.03
CA GLU B 29 -17.49 -26.74 58.18
C GLU B 29 -17.06 -27.11 56.77
N HIS B 30 -17.79 -28.05 56.16
CA HIS B 30 -17.36 -28.62 54.88
C HIS B 30 -17.05 -27.53 53.86
N ASN B 31 -17.90 -26.51 53.77
CA ASN B 31 -17.67 -25.45 52.80
C ASN B 31 -16.33 -24.77 53.04
N VAL B 32 -16.02 -24.46 54.30
CA VAL B 32 -14.73 -23.85 54.60
C VAL B 32 -13.60 -24.80 54.24
N VAL B 33 -13.77 -26.09 54.52
CA VAL B 33 -12.76 -27.08 54.16
C VAL B 33 -12.55 -27.10 52.65
N LEU B 34 -13.65 -27.15 51.90
CA LEU B 34 -13.55 -27.14 50.44
C LEU B 34 -12.89 -25.86 49.95
N GLY B 35 -13.32 -24.71 50.48
CA GLY B 35 -12.71 -23.45 50.11
C GLY B 35 -11.24 -23.37 50.50
N ILE B 36 -10.92 -23.84 51.71
CA ILE B 36 -9.53 -23.85 52.16
C ILE B 36 -8.70 -24.79 51.29
N SER B 37 -9.20 -26.00 51.05
CA SER B 37 -8.46 -26.97 50.25
C SER B 37 -8.15 -26.41 48.86
N MET B 38 -9.17 -25.87 48.19
CA MET B 38 -8.96 -25.33 46.84
C MET B 38 -7.98 -24.17 46.84
N LEU B 39 -8.13 -23.24 47.79
CA LEU B 39 -7.25 -22.08 47.82
C LEU B 39 -5.78 -22.49 47.90
N ALA B 40 -5.46 -23.41 48.80
CA ALA B 40 -4.09 -23.91 48.89
C ALA B 40 -3.65 -24.55 47.58
N PHE B 41 -4.54 -25.36 46.98
CA PHE B 41 -4.22 -26.00 45.70
C PHE B 41 -3.83 -24.97 44.64
N ILE B 42 -4.72 -24.02 44.37
CA ILE B 42 -4.47 -23.03 43.32
C ILE B 42 -3.22 -22.23 43.63
N ALA B 43 -3.04 -21.84 44.89
CA ALA B 43 -1.88 -21.04 45.29
C ALA B 43 -0.57 -21.66 44.78
N VAL B 44 -0.42 -22.97 44.97
CA VAL B 44 0.80 -23.65 44.53
C VAL B 44 0.94 -23.58 43.02
N LEU B 45 -0.10 -23.99 42.29
CA LEU B 45 -0.03 -24.06 40.83
C LEU B 45 0.29 -22.72 40.20
N TRP B 46 0.02 -21.61 40.88
CA TRP B 46 0.29 -20.30 40.31
C TRP B 46 1.65 -19.74 40.70
N LEU B 47 2.15 -20.07 41.89
CA LEU B 47 3.46 -19.58 42.31
C LEU B 47 4.58 -20.40 41.70
N THR B 48 4.45 -21.73 41.72
CA THR B 48 5.45 -22.59 41.09
C THR B 48 5.34 -22.60 39.58
N GLU B 49 4.13 -22.40 39.05
CA GLU B 49 3.89 -22.43 37.60
C GLU B 49 4.18 -23.80 37.01
N ALA B 50 3.93 -24.86 37.79
CA ALA B 50 4.04 -26.21 37.23
C ALA B 50 3.18 -26.36 35.99
N LEU B 51 1.96 -25.82 36.02
CA LEU B 51 1.12 -25.67 34.85
C LEU B 51 1.04 -24.19 34.48
N HIS B 52 0.93 -23.93 33.18
CA HIS B 52 0.89 -22.55 32.71
C HIS B 52 -0.18 -21.78 33.45
N VAL B 53 0.17 -20.57 33.89
CA VAL B 53 -0.73 -19.68 34.62
C VAL B 53 -2.13 -19.74 34.02
N THR B 54 -2.20 -19.74 32.69
CA THR B 54 -3.50 -19.78 32.02
C THR B 54 -4.16 -21.15 32.18
N VAL B 55 -3.37 -22.22 32.12
CA VAL B 55 -3.92 -23.56 32.29
C VAL B 55 -4.48 -23.72 33.70
N THR B 56 -3.80 -23.16 34.69
CA THR B 56 -4.33 -23.18 36.06
C THR B 56 -5.62 -22.40 36.16
N ALA B 57 -5.72 -21.27 35.46
CA ALA B 57 -6.95 -20.49 35.46
C ALA B 57 -8.13 -21.32 34.95
N ILE B 58 -7.91 -22.10 33.90
CA ILE B 58 -8.99 -22.96 33.38
C ILE B 58 -9.38 -24.01 34.41
N LEU B 59 -8.44 -24.40 35.28
CA LEU B 59 -8.74 -25.40 36.29
C LEU B 59 -9.64 -24.87 37.40
N VAL B 60 -9.65 -23.56 37.63
CA VAL B 60 -10.44 -22.95 38.69
C VAL B 60 -11.91 -23.28 38.50
N PRO B 61 -12.51 -22.90 37.36
CA PRO B 61 -13.96 -23.15 37.20
C PRO B 61 -14.32 -24.62 37.17
N VAL B 62 -13.52 -25.45 36.47
CA VAL B 62 -13.84 -26.87 36.37
C VAL B 62 -13.93 -27.50 37.75
N MET B 63 -13.18 -26.98 38.73
CA MET B 63 -13.28 -27.49 40.09
C MET B 63 -14.57 -27.01 40.75
N ALA B 64 -14.81 -25.70 40.75
CA ALA B 64 -16.01 -25.16 41.38
C ALA B 64 -17.27 -25.84 40.86
N VAL B 65 -17.29 -26.19 39.57
CA VAL B 65 -18.48 -26.81 38.98
C VAL B 65 -18.66 -28.22 39.52
N PHE B 66 -17.59 -29.00 39.57
CA PHE B 66 -17.70 -30.39 39.99
C PHE B 66 -17.95 -30.50 41.48
N PHE B 67 -17.46 -29.55 42.28
CA PHE B 67 -17.65 -29.57 43.72
C PHE B 67 -18.87 -28.75 44.17
N GLY B 68 -19.84 -28.55 43.28
CA GLY B 68 -21.10 -27.93 43.67
C GLY B 68 -21.04 -26.48 44.12
N ILE B 69 -19.89 -25.82 44.03
CA ILE B 69 -19.81 -24.43 44.45
C ILE B 69 -20.67 -23.55 43.56
N PHE B 70 -20.56 -23.71 42.24
CA PHE B 70 -21.34 -22.95 41.29
C PHE B 70 -21.78 -23.88 40.16
N GLU B 71 -22.74 -23.40 39.38
CA GLU B 71 -23.11 -24.05 38.14
C GLU B 71 -22.22 -23.57 37.01
N THR B 72 -22.09 -24.40 35.98
CA THR B 72 -21.14 -24.14 34.90
C THR B 72 -21.24 -22.70 34.38
N GLN B 73 -22.39 -22.34 33.83
CA GLN B 73 -22.53 -21.04 33.19
C GLN B 73 -22.24 -19.91 34.16
N ALA B 74 -22.62 -20.06 35.42
CA ALA B 74 -22.35 -19.00 36.40
C ALA B 74 -20.86 -18.77 36.55
N ALA B 75 -20.07 -19.85 36.57
CA ALA B 75 -18.63 -19.71 36.75
C ALA B 75 -17.98 -19.09 35.52
N LEU B 76 -18.35 -19.58 34.32
CA LEU B 76 -17.73 -19.08 33.10
C LEU B 76 -17.98 -17.59 32.89
N ASN B 77 -19.12 -17.08 33.35
CA ASN B 77 -19.46 -15.68 33.10
C ASN B 77 -18.42 -14.73 33.66
N ASN B 78 -17.62 -15.16 34.64
CA ASN B 78 -16.58 -14.29 35.18
C ASN B 78 -15.56 -13.92 34.11
N PHE B 79 -15.33 -14.80 33.14
CA PHE B 79 -14.35 -14.53 32.09
C PHE B 79 -14.81 -13.48 31.10
N ALA B 80 -15.97 -12.86 31.32
CA ALA B 80 -16.47 -11.80 30.45
C ALA B 80 -16.60 -10.47 31.19
N ASN B 81 -15.86 -10.29 32.27
CA ASN B 81 -15.91 -9.04 33.01
C ASN B 81 -15.53 -7.87 32.11
N SER B 82 -16.13 -6.72 32.39
CA SER B 82 -15.88 -5.55 31.55
C SER B 82 -14.41 -5.15 31.53
N ILE B 83 -13.67 -5.44 32.60
CA ILE B 83 -12.26 -5.10 32.63
C ILE B 83 -11.48 -5.91 31.61
N ILE B 84 -11.85 -7.19 31.44
CA ILE B 84 -11.17 -8.04 30.45
C ILE B 84 -11.24 -7.40 29.07
N PHE B 85 -12.44 -6.95 28.67
CA PHE B 85 -12.58 -6.31 27.37
C PHE B 85 -11.87 -4.95 27.36
N LEU B 86 -11.85 -4.24 28.48
CA LEU B 86 -11.06 -3.02 28.57
C LEU B 86 -9.59 -3.31 28.32
N PHE B 87 -9.09 -4.42 28.88
CA PHE B 87 -7.71 -4.81 28.63
C PHE B 87 -7.51 -5.28 27.19
N LEU B 88 -8.52 -5.95 26.62
CA LEU B 88 -8.42 -6.34 25.21
C LEU B 88 -8.34 -5.12 24.32
N GLY B 89 -8.99 -4.02 24.70
CA GLY B 89 -8.86 -2.79 23.94
C GLY B 89 -7.44 -2.24 23.98
N GLY B 90 -6.80 -2.31 25.14
CA GLY B 90 -5.41 -1.89 25.22
C GLY B 90 -4.48 -2.76 24.41
N PHE B 91 -4.85 -4.02 24.20
CA PHE B 91 -4.03 -4.89 23.35
C PHE B 91 -4.16 -4.49 21.89
N ALA B 92 -5.39 -4.28 21.40
CA ALA B 92 -5.57 -3.81 20.04
C ALA B 92 -5.06 -2.39 19.87
N LEU B 93 -5.13 -1.58 20.93
CA LEU B 93 -4.58 -0.23 20.87
C LEU B 93 -3.05 -0.27 20.79
N ALA B 94 -2.43 -1.18 21.54
CA ALA B 94 -0.98 -1.33 21.45
C ALA B 94 -0.57 -2.01 20.15
N ALA B 95 -1.24 -3.11 19.81
CA ALA B 95 -0.95 -3.80 18.54
C ALA B 95 -1.05 -2.85 17.36
N ALA B 96 -1.96 -1.88 17.42
CA ALA B 96 -2.13 -0.95 16.31
C ALA B 96 -0.86 -0.13 16.09
N MET B 97 -0.37 0.53 17.13
CA MET B 97 0.79 1.39 17.01
C MET B 97 2.11 0.64 16.88
N HIS B 98 2.09 -0.70 17.02
CA HIS B 98 3.30 -1.47 16.76
C HIS B 98 3.41 -1.87 15.29
N HIS B 99 2.36 -2.45 14.72
CA HIS B 99 2.36 -2.75 13.30
C HIS B 99 2.52 -1.48 12.46
N GLN B 100 1.99 -0.36 12.95
CA GLN B 100 2.15 0.92 12.26
C GLN B 100 3.52 1.54 12.45
N GLY B 101 4.24 1.15 13.51
CA GLY B 101 5.53 1.72 13.79
C GLY B 101 5.53 3.00 14.60
N LEU B 102 4.40 3.35 15.21
CA LEU B 102 4.33 4.61 15.97
C LEU B 102 5.22 4.60 17.20
N ASP B 103 5.69 3.42 17.64
CA ASP B 103 6.57 3.34 18.79
C ASP B 103 8.01 3.66 18.42
N LYS B 104 8.43 3.28 17.21
CA LYS B 104 9.79 3.57 16.77
C LYS B 104 10.00 5.07 16.60
N VAL B 105 9.08 5.75 15.92
CA VAL B 105 9.19 7.19 15.72
C VAL B 105 9.18 7.93 17.06
N ILE B 106 8.46 7.40 18.05
CA ILE B 106 8.44 8.03 19.37
C ILE B 106 9.80 7.93 20.04
N ALA B 107 10.60 6.93 19.69
CA ALA B 107 11.93 6.80 20.29
C ALA B 107 12.94 7.68 19.57
N ASP B 108 12.88 7.74 18.24
CA ASP B 108 13.84 8.54 17.47
C ASP B 108 13.63 10.03 17.70
N LYS B 109 12.41 10.52 17.47
CA LYS B 109 12.14 11.95 17.61
C LYS B 109 12.52 12.45 19.01
N VAL B 110 12.44 11.58 20.01
CA VAL B 110 12.85 11.95 21.37
C VAL B 110 14.33 11.70 21.58
N LEU B 111 14.81 10.51 21.20
CA LEU B 111 16.23 10.21 21.33
C LEU B 111 17.08 11.14 20.48
N ALA B 112 16.53 11.61 19.35
CA ALA B 112 17.25 12.57 18.51
C ALA B 112 17.21 13.98 19.09
N MET B 113 16.27 14.28 19.98
CA MET B 113 16.30 15.57 20.67
C MET B 113 17.62 15.77 21.39
N ALA B 114 18.15 14.70 21.99
CA ALA B 114 19.52 14.72 22.48
C ALA B 114 20.49 14.61 21.31
N GLN B 115 21.31 15.64 21.12
CA GLN B 115 22.20 15.69 19.96
C GLN B 115 23.04 14.42 19.86
N GLY B 116 23.75 14.06 20.93
CA GLY B 116 24.55 12.85 20.91
C GLY B 116 25.16 12.51 22.26
N LYS B 117 24.75 13.21 23.30
CA LYS B 117 25.29 13.02 24.65
C LYS B 117 24.70 11.76 25.28
N MET B 118 25.56 10.77 25.50
CA MET B 118 25.11 9.55 26.17
C MET B 118 24.53 9.85 27.55
N SER B 119 24.95 10.95 28.17
CA SER B 119 24.41 11.32 29.48
C SER B 119 22.91 11.50 29.41
N VAL B 120 22.44 12.31 28.44
CA VAL B 120 21.00 12.51 28.28
C VAL B 120 20.36 11.46 27.38
N ALA B 121 21.16 10.61 26.74
CA ALA B 121 20.57 9.53 25.94
C ALA B 121 19.98 8.45 26.84
N VAL B 122 20.77 7.96 27.80
CA VAL B 122 20.29 6.91 28.69
C VAL B 122 19.07 7.39 29.47
N PHE B 123 19.10 8.64 29.94
CA PHE B 123 17.95 9.19 30.64
C PHE B 123 16.72 9.19 29.74
N MET B 124 16.90 9.56 28.48
CA MET B 124 15.79 9.49 27.52
C MET B 124 15.43 8.05 27.19
N LEU B 125 16.38 7.12 27.33
CA LEU B 125 16.07 5.71 27.08
C LEU B 125 15.11 5.18 28.15
N PHE B 126 15.28 5.63 29.39
CA PHE B 126 14.39 5.18 30.47
C PHE B 126 13.03 5.86 30.37
N GLY B 127 13.02 7.18 30.17
CA GLY B 127 11.76 7.90 30.10
C GLY B 127 10.87 7.41 28.97
N VAL B 128 11.46 6.93 27.88
CA VAL B 128 10.67 6.41 26.77
C VAL B 128 10.23 4.98 27.07
N THR B 129 11.14 4.15 27.60
CA THR B 129 10.77 2.79 27.98
C THR B 129 9.61 2.80 28.97
N ALA B 130 9.59 3.76 29.89
CA ALA B 130 8.51 3.85 30.86
C ALA B 130 7.23 4.35 30.21
N LEU B 131 7.34 5.44 29.43
CA LEU B 131 6.16 5.98 28.77
C LEU B 131 5.57 4.97 27.79
N LEU B 132 6.40 4.17 27.14
CA LEU B 132 5.90 3.15 26.24
C LEU B 132 5.17 2.05 27.00
N SER B 133 5.65 1.72 28.20
CA SER B 133 5.00 0.70 29.02
C SER B 133 3.64 1.15 29.52
N MET B 134 3.37 2.47 29.56
CA MET B 134 2.08 2.94 30.05
C MET B 134 0.93 2.37 29.26
N TRP B 135 1.14 2.02 27.99
CA TRP B 135 0.03 1.66 27.12
C TRP B 135 0.24 0.33 26.42
N ILE B 136 1.50 -0.05 26.20
CA ILE B 136 1.80 -1.26 25.44
C ILE B 136 1.90 -2.46 26.38
N SER B 137 3.02 -2.55 27.10
CA SER B 137 3.26 -3.68 27.98
C SER B 137 4.63 -3.57 28.64
N ASN B 138 5.11 -4.65 29.25
CA ASN B 138 6.45 -4.71 29.83
C ASN B 138 7.34 -5.68 29.09
N THR B 139 6.90 -6.94 28.91
CA THR B 139 7.68 -7.89 28.12
C THR B 139 7.89 -7.37 26.70
N ALA B 140 6.84 -6.84 26.08
CA ALA B 140 6.98 -6.30 24.73
C ALA B 140 7.80 -5.01 24.75
N THR B 141 7.57 -4.16 25.74
CA THR B 141 8.33 -2.91 25.84
C THR B 141 9.81 -3.20 26.10
N ALA B 142 10.10 -4.24 26.88
CA ALA B 142 11.49 -4.60 27.15
C ALA B 142 12.15 -5.16 25.89
N ALA B 143 11.47 -6.08 25.21
CA ALA B 143 12.03 -6.65 23.99
C ALA B 143 12.18 -5.60 22.90
N MET B 144 11.33 -4.57 22.92
CA MET B 144 11.41 -3.50 21.93
C MET B 144 12.51 -2.50 22.25
N MET B 145 12.84 -2.31 23.52
CA MET B 145 13.85 -1.35 23.91
C MET B 145 15.26 -1.94 23.88
N LEU B 146 15.40 -3.23 24.12
CA LEU B 146 16.72 -3.87 24.15
C LEU B 146 17.56 -3.57 22.91
N PRO B 147 17.06 -3.77 21.68
CA PRO B 147 17.88 -3.41 20.51
C PRO B 147 18.26 -1.94 20.48
N LEU B 148 17.36 -1.06 20.93
CA LEU B 148 17.70 0.36 21.01
C LEU B 148 18.62 0.68 22.17
N VAL B 149 18.64 -0.19 23.19
CA VAL B 149 19.59 -0.04 24.29
C VAL B 149 20.93 -0.68 23.96
N LEU B 150 20.92 -1.91 23.43
CA LEU B 150 22.14 -2.55 22.99
C LEU B 150 22.64 -2.01 21.65
N GLY B 151 22.26 -0.79 21.30
CA GLY B 151 22.74 -0.13 20.10
C GLY B 151 23.46 1.14 20.50
N VAL B 152 22.85 1.87 21.45
CA VAL B 152 23.50 3.04 22.03
C VAL B 152 24.73 2.63 22.82
N LEU B 153 24.64 1.50 23.53
CA LEU B 153 25.76 0.97 24.31
C LEU B 153 26.82 0.30 23.45
N SER B 154 26.83 0.57 22.15
CA SER B 154 27.83 0.03 21.23
C SER B 154 29.09 0.87 21.11
N LYS B 155 28.97 2.20 21.19
CA LYS B 155 30.15 3.06 21.18
C LYS B 155 31.00 2.84 22.42
N VAL B 156 30.41 2.36 23.50
CA VAL B 156 31.16 2.00 24.70
C VAL B 156 30.94 0.51 24.83
N ASP B 157 31.74 -0.25 24.09
CA ASP B 157 31.59 -1.70 23.96
C ASP B 157 32.47 -2.47 24.94
N ALA B 158 33.54 -1.86 25.42
CA ALA B 158 34.44 -2.46 26.38
C ALA B 158 33.70 -3.23 27.47
N ASP B 159 33.28 -4.46 27.16
CA ASP B 159 32.61 -5.29 28.16
C ASP B 159 33.41 -5.35 29.45
N LYS B 160 34.73 -5.10 29.38
CA LYS B 160 35.50 -4.89 30.58
C LYS B 160 34.97 -3.69 31.36
N GLN B 161 34.48 -2.68 30.63
CA GLN B 161 33.77 -1.55 31.21
C GLN B 161 32.30 -1.95 31.26
N ARG B 162 31.88 -2.47 32.41
CA ARG B 162 30.53 -3.02 32.55
C ARG B 162 29.59 -2.11 33.34
N SER B 163 30.11 -1.32 34.28
CA SER B 163 29.27 -0.41 35.05
C SER B 163 28.71 0.74 34.22
N THR B 164 29.03 0.80 32.93
CA THR B 164 28.43 1.77 32.01
C THR B 164 27.64 1.06 30.93
N TYR B 165 27.38 -0.22 31.10
CA TYR B 165 26.72 -1.12 30.17
C TYR B 165 25.56 -1.86 30.85
N VAL B 166 25.77 -2.35 32.06
CA VAL B 166 24.68 -2.97 32.81
C VAL B 166 23.72 -1.90 33.32
N PHE B 167 24.22 -0.71 33.65
CA PHE B 167 23.34 0.35 34.13
C PHE B 167 22.26 0.67 33.09
N VAL B 168 22.61 0.63 31.81
CA VAL B 168 21.64 0.92 30.76
C VAL B 168 20.75 -0.27 30.46
N LEU B 169 21.21 -1.49 30.74
CA LEU B 169 20.37 -2.66 30.52
C LEU B 169 19.43 -2.88 31.69
N LEU B 170 19.98 -2.90 32.91
CA LEU B 170 19.13 -2.99 34.09
C LEU B 170 18.28 -1.75 34.28
N GLY B 171 18.69 -0.61 33.71
CA GLY B 171 17.89 0.60 33.83
C GLY B 171 16.60 0.51 33.04
N VAL B 172 16.68 0.09 31.78
CA VAL B 172 15.49 -0.05 30.96
C VAL B 172 14.66 -1.24 31.41
N ALA B 173 15.32 -2.31 31.87
CA ALA B 173 14.60 -3.47 32.39
C ALA B 173 13.74 -3.08 33.59
N TYR B 174 14.13 -2.05 34.33
CA TYR B 174 13.33 -1.54 35.45
C TYR B 174 12.37 -0.45 34.99
N SER B 175 12.80 0.42 34.08
CA SER B 175 11.91 1.46 33.59
C SER B 175 10.70 0.87 32.88
N ALA B 176 10.86 -0.28 32.23
CA ALA B 176 9.73 -0.93 31.58
C ALA B 176 8.72 -1.44 32.60
N SER B 177 9.21 -1.91 33.76
CA SER B 177 8.32 -2.41 34.80
C SER B 177 7.65 -1.28 35.57
N ILE B 178 8.36 -0.16 35.77
CA ILE B 178 7.77 0.97 36.49
C ILE B 178 6.71 1.65 35.64
N GLY B 179 6.92 1.71 34.33
CA GLY B 179 5.96 2.35 33.44
C GLY B 179 4.61 1.66 33.44
N GLY B 180 4.58 0.35 33.72
CA GLY B 180 3.32 -0.38 33.75
C GLY B 180 2.43 -0.06 34.93
N ILE B 181 2.91 0.75 35.87
CA ILE B 181 2.11 1.15 37.03
C ILE B 181 1.46 2.52 36.82
N ALA B 182 1.52 3.06 35.61
CA ALA B 182 1.00 4.39 35.35
C ALA B 182 -0.50 4.40 35.03
N THR B 183 -0.98 3.39 34.32
CA THR B 183 -2.38 3.35 33.89
C THR B 183 -2.97 1.99 34.20
N LEU B 184 -4.31 1.92 34.12
CA LEU B 184 -5.00 0.65 34.33
C LEU B 184 -4.54 -0.40 33.33
N VAL B 185 -4.30 0.01 32.09
CA VAL B 185 -3.70 -0.85 31.07
C VAL B 185 -2.19 -0.76 31.19
N GLY B 186 -1.52 -1.88 30.96
CA GLY B 186 -0.08 -1.93 31.09
C GLY B 186 0.43 -3.21 31.73
N SER B 187 -0.02 -3.47 32.96
CA SER B 187 0.34 -4.70 33.66
C SER B 187 -0.94 -5.41 34.09
N PRO B 188 -1.03 -6.72 33.90
CA PRO B 188 -2.25 -7.45 34.27
C PRO B 188 -2.65 -7.20 35.72
N PRO B 189 -1.68 -7.22 36.65
CA PRO B 189 -2.04 -6.98 38.06
C PRO B 189 -2.93 -5.78 38.30
N ASN B 190 -2.68 -4.67 37.59
CA ASN B 190 -3.53 -3.48 37.75
C ASN B 190 -4.99 -3.81 37.48
N ALA B 191 -5.27 -4.55 36.39
CA ALA B 191 -6.64 -4.88 36.05
C ALA B 191 -7.28 -5.77 37.10
N ILE B 192 -6.51 -6.68 37.69
CA ILE B 192 -7.04 -7.57 38.71
C ILE B 192 -7.54 -6.78 39.91
N ALA B 193 -6.83 -5.71 40.27
CA ALA B 193 -7.26 -4.87 41.39
C ALA B 193 -8.55 -4.12 41.05
N ALA B 194 -8.60 -3.48 39.89
CA ALA B 194 -9.79 -2.73 39.50
C ALA B 194 -11.01 -3.63 39.38
N ALA B 195 -10.81 -4.87 38.91
CA ALA B 195 -11.94 -5.79 38.78
C ALA B 195 -12.46 -6.24 40.14
N GLU B 196 -11.60 -6.33 41.15
CA GLU B 196 -12.05 -6.77 42.47
C GLU B 196 -12.89 -5.69 43.15
N VAL B 197 -12.37 -4.46 43.19
CA VAL B 197 -13.04 -3.38 43.90
C VAL B 197 -13.87 -2.50 42.98
N GLY B 198 -13.80 -2.69 41.67
CA GLY B 198 -14.58 -1.88 40.74
C GLY B 198 -14.00 -0.52 40.50
N LEU B 199 -12.73 -0.46 40.12
CA LEU B 199 -12.05 0.80 39.84
C LEU B 199 -12.23 1.19 38.38
N SER B 200 -12.36 2.49 38.15
CA SER B 200 -12.37 3.05 36.80
C SER B 200 -10.95 3.34 36.34
N PHE B 201 -10.81 3.61 35.03
CA PHE B 201 -9.50 3.92 34.49
C PHE B 201 -8.92 5.17 35.16
N THR B 202 -9.72 6.23 35.26
CA THR B 202 -9.26 7.43 35.93
C THR B 202 -9.04 7.22 37.42
N ASP B 203 -9.72 6.23 38.02
CA ASP B 203 -9.50 5.93 39.43
C ASP B 203 -8.10 5.36 39.66
N TRP B 204 -7.68 4.41 38.83
CA TRP B 204 -6.39 3.77 39.03
C TRP B 204 -5.23 4.67 38.61
N MET B 205 -5.46 5.60 37.68
CA MET B 205 -4.39 6.50 37.28
C MET B 205 -4.04 7.46 38.39
N LYS B 206 -5.05 7.94 39.13
CA LYS B 206 -4.78 8.77 40.30
C LYS B 206 -3.92 8.03 41.32
N PHE B 207 -4.02 6.71 41.35
CA PHE B 207 -3.21 5.91 42.26
C PHE B 207 -1.83 5.63 41.67
N GLY B 208 -1.80 4.95 40.53
CA GLY B 208 -0.53 4.46 40.01
C GLY B 208 0.35 5.54 39.42
N LEU B 209 -0.22 6.39 38.58
CA LEU B 209 0.57 7.42 37.90
C LEU B 209 1.42 8.26 38.84
N PRO B 210 0.85 8.86 39.90
CA PRO B 210 1.71 9.54 40.88
C PRO B 210 2.83 8.65 41.41
N THR B 211 2.53 7.39 41.71
CA THR B 211 3.57 6.49 42.18
C THR B 211 4.63 6.26 41.11
N ALA B 212 4.21 6.15 39.85
CA ALA B 212 5.17 5.99 38.77
C ALA B 212 6.06 7.22 38.63
N MET B 213 5.48 8.41 38.78
CA MET B 213 6.29 9.63 38.74
C MET B 213 7.35 9.64 39.84
N MET B 214 7.05 9.03 40.99
CA MET B 214 8.00 9.01 42.10
C MET B 214 9.03 7.90 41.94
N MET B 215 8.58 6.71 41.52
CA MET B 215 9.45 5.54 41.54
C MET B 215 10.50 5.57 40.43
N LEU B 216 10.21 6.24 39.31
CA LEU B 216 11.19 6.26 38.22
C LEU B 216 12.46 7.00 38.61
N PRO B 217 12.40 8.25 39.10
CA PRO B 217 13.65 8.91 39.55
C PRO B 217 14.34 8.16 40.66
N MET B 218 13.59 7.75 41.69
CA MET B 218 14.17 6.99 42.79
C MET B 218 14.89 5.75 42.31
N ALA B 219 14.41 5.13 41.23
CA ALA B 219 15.07 3.93 40.70
C ALA B 219 16.37 4.29 40.00
N ILE B 220 16.36 5.36 39.20
CA ILE B 220 17.58 5.76 38.50
C ILE B 220 18.64 6.22 39.50
N ALA B 221 18.22 6.96 40.53
CA ALA B 221 19.18 7.40 41.55
C ALA B 221 19.93 6.23 42.15
N ILE B 222 19.23 5.13 42.43
CA ILE B 222 19.89 3.95 42.98
C ILE B 222 20.84 3.36 41.95
N LEU B 223 20.43 3.33 40.68
CA LEU B 223 21.35 2.88 39.64
C LEU B 223 22.44 3.91 39.39
N TYR B 224 22.10 5.19 39.46
CA TYR B 224 23.09 6.24 39.24
C TYR B 224 24.16 6.22 40.32
N PHE B 225 23.75 6.20 41.59
CA PHE B 225 24.67 6.22 42.73
C PHE B 225 25.26 4.86 43.05
N LEU B 226 25.69 4.11 42.03
CA LEU B 226 26.40 2.86 42.25
C LEU B 226 27.68 2.79 41.44
N ASN B 243 9.96 8.67 9.86
CA ASN B 243 9.10 9.74 9.37
C ASN B 243 7.62 9.34 9.44
N TRP B 244 6.78 10.29 9.83
CA TRP B 244 5.34 10.05 9.94
C TRP B 244 4.75 9.69 8.58
N ASP B 245 4.34 8.43 8.42
CA ASP B 245 3.81 7.97 7.14
C ASP B 245 2.30 7.86 7.20
N LYS B 246 1.73 6.87 6.51
CA LYS B 246 0.27 6.76 6.39
C LYS B 246 -0.37 6.58 7.76
N GLY B 247 -1.06 7.60 8.24
CA GLY B 247 -1.86 7.51 9.45
C GLY B 247 -1.09 7.12 10.70
N LYS B 248 0.18 7.48 10.80
CA LYS B 248 0.85 7.38 12.09
C LYS B 248 0.36 8.46 13.04
N VAL B 249 -0.06 9.60 12.51
CA VAL B 249 -0.78 10.59 13.30
C VAL B 249 -2.20 10.10 13.58
N VAL B 250 -2.75 9.30 12.67
CA VAL B 250 -4.07 8.71 12.90
C VAL B 250 -4.02 7.75 14.08
N THR B 251 -3.02 6.87 14.11
CA THR B 251 -2.84 6.01 15.28
C THR B 251 -2.72 6.83 16.56
N LEU B 252 -1.98 7.95 16.49
CA LEU B 252 -1.89 8.84 17.63
C LEU B 252 -3.22 9.53 17.90
N GLY B 253 -3.91 9.98 16.85
CA GLY B 253 -5.20 10.63 17.03
C GLY B 253 -6.19 9.74 17.74
N ILE B 254 -6.34 8.49 17.27
CA ILE B 254 -7.19 7.53 17.96
C ILE B 254 -6.68 7.32 19.38
N PHE B 255 -5.40 7.01 19.51
CA PHE B 255 -4.79 6.85 20.83
C PHE B 255 -5.01 8.10 21.68
N GLY B 256 -4.64 9.27 21.15
CA GLY B 256 -4.86 10.50 21.88
C GLY B 256 -6.32 10.71 22.23
N LEU B 257 -7.21 10.52 21.26
CA LEU B 257 -8.64 10.64 21.52
C LEU B 257 -9.08 9.63 22.58
N THR B 258 -8.61 8.39 22.48
CA THR B 258 -8.99 7.37 23.45
C THR B 258 -8.51 7.74 24.84
N VAL B 259 -7.23 8.09 24.98
CA VAL B 259 -6.70 8.46 26.28
C VAL B 259 -7.40 9.69 26.82
N PHE B 260 -7.79 10.61 25.94
CA PHE B 260 -8.55 11.78 26.38
C PHE B 260 -9.88 11.37 26.99
N LEU B 261 -10.58 10.44 26.34
CA LEU B 261 -11.86 9.96 26.88
C LEU B 261 -11.64 9.16 28.16
N TRP B 262 -10.56 8.38 28.21
CA TRP B 262 -10.26 7.60 29.41
C TRP B 262 -10.05 8.52 30.61
N ILE B 263 -9.40 9.66 30.40
CA ILE B 263 -9.18 10.60 31.49
C ILE B 263 -10.49 11.28 31.88
N PHE B 264 -11.21 11.81 30.89
CA PHE B 264 -12.47 12.49 31.11
C PHE B 264 -13.67 11.54 31.04
N SER B 265 -13.45 10.24 31.30
CA SER B 265 -14.54 9.28 31.22
C SER B 265 -15.61 9.57 32.26
N SER B 266 -15.21 10.04 33.44
CA SER B 266 -16.17 10.31 34.50
C SER B 266 -17.24 11.31 34.08
N PRO B 267 -16.89 12.52 33.60
CA PRO B 267 -17.94 13.47 33.22
C PRO B 267 -18.63 13.13 31.92
N ILE B 268 -17.92 12.52 30.96
CA ILE B 268 -18.54 12.22 29.67
C ILE B 268 -19.71 11.26 29.84
N ASN B 269 -19.51 10.19 30.60
CA ASN B 269 -20.60 9.23 30.82
C ASN B 269 -21.74 9.87 31.61
N ALA B 270 -21.41 10.64 32.64
CA ALA B 270 -22.44 11.31 33.41
C ALA B 270 -23.29 12.21 32.53
N ALA B 271 -22.68 12.86 31.54
CA ALA B 271 -23.39 13.72 30.60
C ALA B 271 -23.88 12.96 29.37
N LEU B 272 -24.27 11.70 29.54
CA LEU B 272 -24.73 10.94 28.38
C LEU B 272 -25.84 9.97 28.76
N GLY B 273 -26.08 9.82 30.05
CA GLY B 273 -27.09 8.89 30.50
C GLY B 273 -26.60 7.85 31.49
N GLY B 274 -25.33 7.96 31.89
CA GLY B 274 -24.76 7.07 32.88
C GLY B 274 -24.69 5.60 32.50
N PHE B 275 -23.90 5.29 31.47
CA PHE B 275 -23.68 3.89 31.12
C PHE B 275 -22.82 3.22 32.20
N LYS B 276 -23.01 1.90 32.33
CA LYS B 276 -22.48 1.17 33.47
C LYS B 276 -20.95 1.14 33.48
N SER B 277 -20.35 0.46 32.51
CA SER B 277 -18.90 0.32 32.44
C SER B 277 -18.38 1.14 31.27
N PHE B 278 -18.45 2.47 31.44
CA PHE B 278 -18.06 3.39 30.37
C PHE B 278 -16.63 3.13 29.91
N ASP B 279 -15.70 2.96 30.85
CA ASP B 279 -14.30 2.75 30.50
C ASP B 279 -14.13 1.57 29.56
N THR B 280 -14.85 0.47 29.83
CA THR B 280 -14.77 -0.69 28.94
C THR B 280 -15.29 -0.37 27.55
N LEU B 281 -16.39 0.37 27.46
CA LEU B 281 -16.93 0.76 26.16
C LEU B 281 -15.90 1.54 25.35
N VAL B 282 -15.17 2.46 25.99
CA VAL B 282 -14.18 3.25 25.28
C VAL B 282 -13.11 2.33 24.67
N ALA B 283 -12.64 1.35 25.43
CA ALA B 283 -11.63 0.44 24.90
C ALA B 283 -12.14 -0.31 23.68
N LEU B 284 -13.40 -0.73 23.71
CA LEU B 284 -13.96 -1.45 22.55
C LEU B 284 -14.20 -0.51 21.38
N GLY B 285 -14.56 0.74 21.63
CA GLY B 285 -14.72 1.69 20.55
C GLY B 285 -13.42 1.94 19.81
N ALA B 286 -12.30 1.96 20.53
CA ALA B 286 -11.00 2.10 19.88
C ALA B 286 -10.75 0.99 18.88
N ILE B 287 -11.07 -0.26 19.26
CA ILE B 287 -10.90 -1.38 18.34
C ILE B 287 -11.69 -1.15 17.06
N LEU B 288 -12.84 -0.49 17.15
CA LEU B 288 -13.64 -0.22 15.96
C LEU B 288 -12.99 0.86 15.09
N MET B 289 -12.61 1.97 15.70
CA MET B 289 -11.94 3.04 14.94
C MET B 289 -10.67 2.53 14.30
N LEU B 290 -9.86 1.76 15.04
CA LEU B 290 -8.61 1.25 14.49
C LEU B 290 -8.87 0.29 13.33
N SER B 291 -10.00 -0.42 13.35
CA SER B 291 -10.35 -1.30 12.25
C SER B 291 -11.10 -0.57 11.15
N PHE B 292 -11.94 0.39 11.51
CA PHE B 292 -12.60 1.22 10.50
C PHE B 292 -11.58 2.05 9.74
N ALA B 293 -10.63 2.67 10.46
CA ALA B 293 -9.59 3.46 9.82
C ALA B 293 -8.60 2.61 9.03
N ARG B 294 -8.76 1.29 9.03
CA ARG B 294 -7.93 0.37 8.26
C ARG B 294 -6.47 0.38 8.71
N VAL B 295 -6.15 1.04 9.82
CA VAL B 295 -4.75 1.19 10.21
C VAL B 295 -4.17 -0.11 10.73
N VAL B 296 -5.02 -1.07 11.12
CA VAL B 296 -4.55 -2.35 11.63
C VAL B 296 -5.55 -3.43 11.27
N HIS B 297 -5.07 -4.54 10.72
CA HIS B 297 -5.94 -5.67 10.43
C HIS B 297 -6.13 -6.51 11.69
N TRP B 298 -7.23 -7.27 11.71
CA TRP B 298 -7.55 -8.03 12.91
C TRP B 298 -6.50 -9.09 13.20
N LYS B 299 -5.98 -9.73 12.15
CA LYS B 299 -4.91 -10.71 12.35
C LYS B 299 -3.77 -10.12 13.17
N GLU B 300 -3.54 -8.82 13.06
CA GLU B 300 -2.54 -8.15 13.89
C GLU B 300 -2.92 -8.22 15.36
N ILE B 301 -4.17 -7.87 15.68
CA ILE B 301 -4.60 -7.83 17.09
C ILE B 301 -4.55 -9.22 17.71
N GLN B 302 -4.89 -10.25 16.92
CA GLN B 302 -4.90 -11.60 17.45
C GLN B 302 -3.51 -12.06 17.88
N LYS B 303 -2.45 -11.49 17.30
CA LYS B 303 -1.09 -11.86 17.67
C LYS B 303 -0.67 -11.21 18.99
N THR B 304 -0.87 -9.88 19.09
CA THR B 304 -0.37 -9.16 20.25
C THR B 304 -1.07 -9.60 21.54
N ALA B 305 -2.38 -9.81 21.49
CA ALA B 305 -3.13 -10.10 22.69
C ALA B 305 -2.69 -11.43 23.30
N ASP B 306 -2.40 -11.40 24.61
CA ASP B 306 -2.07 -12.61 25.37
C ASP B 306 -3.37 -13.16 25.94
N TRP B 307 -4.07 -13.93 25.10
CA TRP B 307 -5.36 -14.48 25.51
C TRP B 307 -5.23 -15.33 26.78
N GLY B 308 -4.06 -15.92 27.01
CA GLY B 308 -3.85 -16.65 28.25
C GLY B 308 -4.00 -15.77 29.47
N VAL B 309 -3.53 -14.51 29.36
CA VAL B 309 -3.70 -13.57 30.47
C VAL B 309 -5.17 -13.18 30.60
N LEU B 310 -5.86 -12.98 29.48
CA LEU B 310 -7.28 -12.66 29.53
C LEU B 310 -8.07 -13.79 30.19
N LEU B 311 -7.71 -15.04 29.90
CA LEU B 311 -8.31 -16.16 30.60
C LEU B 311 -7.93 -16.14 32.08
N LEU B 312 -6.72 -15.70 32.40
CA LEU B 312 -6.30 -15.60 33.80
C LEU B 312 -7.17 -14.61 34.56
N PHE B 313 -7.48 -13.47 33.93
CA PHE B 313 -8.35 -12.47 34.57
C PHE B 313 -9.61 -13.11 35.14
N GLY B 314 -10.33 -13.87 34.32
CA GLY B 314 -11.53 -14.53 34.79
C GLY B 314 -11.26 -15.50 35.93
N GLY B 315 -10.19 -16.30 35.80
CA GLY B 315 -9.85 -17.24 36.86
C GLY B 315 -9.63 -16.56 38.20
N GLY B 316 -9.02 -15.38 38.18
CA GLY B 316 -8.80 -14.66 39.43
C GLY B 316 -10.08 -14.13 40.04
N LEU B 317 -11.01 -13.66 39.21
CA LEU B 317 -12.29 -13.20 39.72
C LEU B 317 -13.12 -14.37 40.24
N CYS B 318 -13.09 -15.50 39.55
CA CYS B 318 -13.80 -16.69 40.02
C CYS B 318 -13.34 -17.08 41.41
N LEU B 319 -12.02 -17.03 41.66
CA LEU B 319 -11.51 -17.33 42.99
C LEU B 319 -12.07 -16.38 44.03
N SER B 320 -12.07 -15.07 43.73
CA SER B 320 -12.60 -14.09 44.67
C SER B 320 -14.01 -14.42 45.11
N ASN B 321 -14.87 -14.78 44.15
CA ASN B 321 -16.24 -15.14 44.49
C ASN B 321 -16.32 -16.48 45.20
N VAL B 322 -15.40 -17.40 44.91
CA VAL B 322 -15.39 -18.68 45.60
C VAL B 322 -15.10 -18.48 47.08
N LEU B 323 -14.24 -17.52 47.42
CA LEU B 323 -13.94 -17.24 48.82
C LEU B 323 -15.18 -16.75 49.55
N LYS B 324 -15.99 -15.92 48.89
CA LYS B 324 -17.19 -15.40 49.52
C LYS B 324 -18.25 -16.49 49.68
N GLN B 325 -18.58 -17.18 48.59
CA GLN B 325 -19.65 -18.16 48.62
C GLN B 325 -19.40 -19.25 49.66
N THR B 326 -18.13 -19.62 49.88
CA THR B 326 -17.78 -20.61 50.87
C THR B 326 -17.55 -20.03 52.25
N GLY B 327 -17.57 -18.70 52.38
CA GLY B 327 -17.32 -18.06 53.66
C GLY B 327 -15.87 -18.02 54.08
N THR B 328 -14.95 -18.41 53.21
CA THR B 328 -13.53 -18.40 53.56
C THR B 328 -13.04 -16.99 53.86
N SER B 329 -13.65 -15.98 53.22
CA SER B 329 -13.25 -14.60 53.49
C SER B 329 -13.56 -14.21 54.92
N VAL B 330 -14.78 -14.51 55.39
CA VAL B 330 -15.14 -14.17 56.76
C VAL B 330 -14.47 -15.14 57.74
N PHE B 331 -14.20 -16.37 57.30
CA PHE B 331 -13.54 -17.33 58.16
C PHE B 331 -12.11 -16.88 58.50
N LEU B 332 -11.39 -16.35 57.51
CA LEU B 332 -10.04 -15.86 57.77
C LEU B 332 -10.07 -14.56 58.54
N ALA B 333 -11.04 -13.69 58.26
CA ALA B 333 -11.17 -12.46 59.03
C ALA B 333 -11.36 -12.75 60.52
N ASN B 334 -12.24 -13.72 60.83
CA ASN B 334 -12.42 -14.10 62.23
C ASN B 334 -11.15 -14.71 62.80
N ALA B 335 -10.44 -15.51 62.00
CA ALA B 335 -9.19 -16.12 62.46
C ALA B 335 -8.13 -15.06 62.71
N LEU B 336 -8.12 -13.99 61.92
CA LEU B 336 -7.17 -12.89 62.09
C LEU B 336 -7.69 -11.79 63.01
N SER B 337 -8.89 -11.95 63.57
CA SER B 337 -9.48 -10.91 64.39
C SER B 337 -8.55 -10.48 65.51
N ASP B 338 -8.07 -11.44 66.32
CA ASP B 338 -7.17 -11.09 67.40
C ASP B 338 -5.83 -10.59 66.89
N MET B 339 -5.38 -11.09 65.74
CA MET B 339 -4.09 -10.67 65.19
C MET B 339 -4.18 -9.29 64.55
N VAL B 340 -5.26 -9.01 63.81
CA VAL B 340 -5.41 -7.70 63.18
C VAL B 340 -5.73 -6.63 64.21
N SER B 341 -6.32 -7.00 65.35
CA SER B 341 -6.55 -6.02 66.40
C SER B 341 -5.27 -5.69 67.15
N HIS B 342 -4.36 -6.66 67.30
CA HIS B 342 -3.06 -6.38 67.88
C HIS B 342 -2.19 -5.53 66.96
N MET B 343 -2.52 -5.47 65.68
CA MET B 343 -1.77 -4.68 64.70
C MET B 343 -2.53 -3.42 64.32
N GLY B 344 -1.77 -2.37 63.99
CA GLY B 344 -2.35 -1.17 63.46
C GLY B 344 -2.46 -1.20 61.94
N ILE B 345 -3.16 -0.21 61.40
CA ILE B 345 -3.29 -0.11 59.94
C ILE B 345 -1.92 0.12 59.31
N PHE B 346 -1.01 0.76 60.05
CA PHE B 346 0.37 0.90 59.58
C PHE B 346 1.03 -0.46 59.44
N VAL B 347 0.95 -1.28 60.49
CA VAL B 347 1.55 -2.60 60.45
C VAL B 347 1.00 -3.42 59.29
N VAL B 348 -0.32 -3.33 59.07
CA VAL B 348 -0.95 -4.15 58.03
C VAL B 348 -0.39 -3.82 56.66
N ILE B 349 -0.52 -2.56 56.24
CA ILE B 349 -0.08 -2.18 54.90
C ILE B 349 1.43 -2.33 54.72
N LEU B 350 2.18 -2.30 55.82
CA LEU B 350 3.62 -2.54 55.73
C LEU B 350 3.95 -4.01 55.57
N VAL B 351 3.31 -4.87 56.38
CA VAL B 351 3.50 -6.31 56.25
C VAL B 351 3.10 -6.79 54.87
N VAL B 352 1.94 -6.33 54.37
CA VAL B 352 1.48 -6.74 53.05
C VAL B 352 2.48 -6.33 51.98
N ALA B 353 2.79 -5.03 51.91
CA ALA B 353 3.70 -4.53 50.89
C ALA B 353 5.03 -5.29 50.89
N THR B 354 5.64 -5.43 52.07
CA THR B 354 6.94 -6.11 52.15
C THR B 354 6.85 -7.55 51.65
N PHE B 355 5.80 -8.27 52.04
CA PHE B 355 5.68 -9.67 51.67
C PHE B 355 5.73 -9.85 50.15
N VAL B 356 4.99 -9.02 49.41
CA VAL B 356 4.88 -9.21 47.97
C VAL B 356 6.14 -8.72 47.25
N VAL B 357 6.69 -7.58 47.66
CA VAL B 357 7.85 -7.01 46.97
C VAL B 357 8.96 -8.03 46.84
N PHE B 358 9.11 -8.91 47.82
CA PHE B 358 10.09 -9.99 47.74
C PHE B 358 9.51 -11.27 47.16
N LEU B 359 8.19 -11.48 47.30
CA LEU B 359 7.57 -12.67 46.75
C LEU B 359 7.62 -12.68 45.23
N THR B 360 7.43 -11.52 44.60
CA THR B 360 7.45 -11.42 43.14
C THR B 360 8.81 -11.76 42.54
N GLU B 361 9.86 -11.85 43.35
CA GLU B 361 11.18 -12.20 42.82
C GLU B 361 11.26 -13.68 42.44
N PHE B 362 10.45 -14.53 43.06
CA PHE B 362 10.52 -15.96 42.82
C PHE B 362 9.46 -16.47 41.86
N ALA B 363 8.35 -15.77 41.69
CA ALA B 363 7.24 -16.22 40.88
C ALA B 363 6.80 -15.11 39.93
N SER B 364 5.94 -15.47 38.98
CA SER B 364 5.49 -14.51 37.99
C SER B 364 4.78 -13.33 38.67
N ASN B 365 4.96 -12.16 38.07
CA ASN B 365 4.32 -10.94 38.56
C ASN B 365 2.81 -11.08 38.55
N THR B 366 2.24 -11.32 37.37
CA THR B 366 0.79 -11.35 37.24
C THR B 366 0.17 -12.52 38.01
N ALA B 367 0.83 -13.67 38.00
CA ALA B 367 0.33 -14.83 38.74
C ALA B 367 0.19 -14.54 40.23
N SER B 368 1.06 -13.69 40.78
CA SER B 368 1.00 -13.37 42.21
C SER B 368 -0.22 -12.53 42.55
N ALA B 369 -0.50 -11.51 41.73
CA ALA B 369 -1.64 -10.65 42.00
C ALA B 369 -2.95 -11.42 41.93
N ALA B 370 -3.07 -12.34 40.97
CA ALA B 370 -4.30 -13.13 40.85
C ALA B 370 -4.60 -13.93 42.10
N LEU B 371 -3.59 -14.25 42.91
CA LEU B 371 -3.78 -15.04 44.11
C LEU B 371 -4.05 -14.18 45.35
N LEU B 372 -3.31 -13.09 45.53
CA LEU B 372 -3.41 -12.29 46.74
C LEU B 372 -4.51 -11.24 46.67
N ILE B 373 -4.77 -10.66 45.51
CA ILE B 373 -5.81 -9.63 45.40
C ILE B 373 -7.16 -10.14 45.88
N PRO B 374 -7.65 -11.30 45.43
CA PRO B 374 -8.94 -11.78 45.96
C PRO B 374 -8.91 -12.04 47.46
N VAL B 375 -7.89 -12.76 47.94
CA VAL B 375 -7.83 -13.12 49.35
C VAL B 375 -7.94 -11.89 50.24
N PHE B 376 -7.13 -10.87 49.94
CA PHE B 376 -7.09 -9.69 50.80
C PHE B 376 -8.35 -8.86 50.65
N ALA B 377 -8.77 -8.60 49.42
CA ALA B 377 -9.97 -7.79 49.20
C ALA B 377 -11.19 -8.44 49.83
N THR B 378 -11.29 -9.77 49.74
CA THR B 378 -12.44 -10.46 50.32
C THR B 378 -12.33 -10.52 51.83
N VAL B 379 -11.13 -10.76 52.36
CA VAL B 379 -10.94 -10.73 53.80
C VAL B 379 -11.14 -9.31 54.33
N ALA B 380 -10.57 -8.32 53.64
CA ALA B 380 -10.83 -6.93 54.00
C ALA B 380 -12.32 -6.63 53.96
N GLU B 381 -13.05 -7.25 53.01
CA GLU B 381 -14.50 -7.10 52.98
C GLU B 381 -15.15 -7.82 54.15
N ALA B 382 -14.57 -8.95 54.57
CA ALA B 382 -15.08 -9.62 55.77
C ALA B 382 -14.87 -8.76 57.00
N PHE B 383 -13.82 -7.94 57.01
CA PHE B 383 -13.58 -6.98 58.08
C PHE B 383 -14.39 -5.69 57.89
N GLY B 384 -15.26 -5.65 56.89
CA GLY B 384 -16.04 -4.45 56.63
C GLY B 384 -15.21 -3.26 56.18
N MET B 385 -14.04 -3.50 55.60
CA MET B 385 -13.17 -2.44 55.13
C MET B 385 -13.20 -2.39 53.60
N SER B 386 -13.12 -1.18 53.05
CA SER B 386 -13.09 -1.00 51.61
C SER B 386 -11.87 -1.70 51.03
N PRO B 387 -12.07 -2.75 50.23
CA PRO B 387 -10.93 -3.49 49.67
C PRO B 387 -10.12 -2.71 48.65
N VAL B 388 -10.51 -1.47 48.34
CA VAL B 388 -9.77 -0.69 47.34
C VAL B 388 -8.32 -0.51 47.78
N LEU B 389 -8.11 -0.10 49.03
CA LEU B 389 -6.77 0.16 49.51
C LEU B 389 -5.89 -1.08 49.41
N LEU B 390 -6.31 -2.16 50.08
CA LEU B 390 -5.52 -3.39 50.06
C LEU B 390 -5.34 -3.90 48.64
N SER B 391 -6.37 -3.78 47.80
CA SER B 391 -6.28 -4.28 46.44
C SER B 391 -5.29 -3.46 45.62
N VAL B 392 -5.47 -2.15 45.59
CA VAL B 392 -4.56 -1.28 44.84
C VAL B 392 -3.13 -1.43 45.35
N LEU B 393 -2.97 -1.52 46.67
CA LEU B 393 -1.65 -1.70 47.25
C LEU B 393 -0.98 -2.97 46.72
N ILE B 394 -1.66 -4.10 46.86
CA ILE B 394 -1.09 -5.37 46.40
C ILE B 394 -0.79 -5.31 44.91
N ALA B 395 -1.67 -4.67 44.13
CA ALA B 395 -1.46 -4.60 42.68
C ALA B 395 -0.21 -3.83 42.32
N VAL B 396 0.17 -2.84 43.12
CA VAL B 396 1.34 -2.03 42.80
C VAL B 396 2.63 -2.78 43.14
N ALA B 397 2.70 -3.34 44.35
CA ALA B 397 3.90 -4.06 44.76
C ALA B 397 4.21 -5.26 43.88
N ALA B 398 3.21 -5.81 43.20
CA ALA B 398 3.44 -6.97 42.34
C ALA B 398 4.39 -6.65 41.20
N SER B 399 4.46 -5.38 40.78
CA SER B 399 5.35 -4.96 39.71
C SER B 399 6.71 -4.48 40.21
N CYS B 400 7.12 -4.91 41.41
CA CYS B 400 8.40 -4.50 41.97
C CYS B 400 9.39 -5.66 42.01
N ALA B 401 9.67 -6.26 40.86
CA ALA B 401 10.63 -7.35 40.77
C ALA B 401 11.94 -6.81 40.19
N PHE B 402 12.97 -6.76 41.03
CA PHE B 402 14.25 -6.17 40.63
C PHE B 402 15.46 -7.04 40.93
N MET B 403 15.35 -8.05 41.79
CA MET B 403 16.48 -8.90 42.11
C MET B 403 16.83 -9.82 40.94
N LEU B 404 16.96 -11.11 41.20
CA LEU B 404 17.37 -12.09 40.21
C LEU B 404 16.46 -12.04 38.98
N PRO B 405 16.87 -12.69 37.89
CA PRO B 405 15.95 -12.83 36.75
C PRO B 405 14.84 -13.79 37.10
N VAL B 406 14.19 -14.38 36.09
CA VAL B 406 13.06 -15.31 36.22
C VAL B 406 11.90 -14.70 37.01
N ALA B 407 12.13 -13.54 37.61
CA ALA B 407 11.05 -12.81 38.27
C ALA B 407 10.13 -12.14 37.25
N THR B 408 10.71 -11.43 36.29
CA THR B 408 9.98 -10.76 35.23
C THR B 408 10.79 -10.91 33.95
N PRO B 409 10.13 -11.11 32.81
CA PRO B 409 10.85 -11.29 31.55
C PRO B 409 11.87 -10.17 31.33
N PRO B 410 11.47 -8.91 31.53
CA PRO B 410 12.45 -7.82 31.42
C PRO B 410 13.75 -8.08 32.17
N ASN B 411 13.68 -8.72 33.35
CA ASN B 411 14.89 -9.05 34.07
C ASN B 411 15.72 -10.07 33.29
N ALA B 412 15.08 -11.14 32.83
CA ALA B 412 15.78 -12.15 32.05
C ALA B 412 16.07 -11.68 30.63
N ILE B 413 15.44 -10.60 30.19
CA ILE B 413 15.71 -10.07 28.85
C ILE B 413 17.04 -9.31 28.84
N VAL B 414 17.21 -8.37 29.78
CA VAL B 414 18.49 -7.69 29.91
C VAL B 414 19.53 -8.60 30.54
N PHE B 415 19.10 -9.69 31.19
CA PHE B 415 20.06 -10.65 31.74
C PHE B 415 20.53 -11.64 30.69
N ALA B 416 19.67 -11.99 29.74
CA ALA B 416 20.05 -12.86 28.64
C ALA B 416 21.10 -12.24 27.73
N SER B 417 21.41 -10.96 27.93
CA SER B 417 22.45 -10.30 27.15
C SER B 417 23.84 -10.82 27.48
N GLY B 418 23.95 -11.80 28.38
CA GLY B 418 25.22 -12.41 28.72
C GLY B 418 26.29 -11.41 29.16
N HIS B 419 25.91 -10.50 30.05
CA HIS B 419 26.85 -9.50 30.53
C HIS B 419 26.55 -9.13 31.97
N ILE B 420 25.27 -8.92 32.30
CA ILE B 420 24.87 -8.53 33.64
C ILE B 420 24.96 -9.74 34.55
N LYS B 421 25.63 -9.58 35.69
CA LYS B 421 25.88 -10.69 36.59
C LYS B 421 24.66 -10.98 37.47
N GLN B 422 24.53 -12.24 37.86
CA GLN B 422 23.47 -12.62 38.78
C GLN B 422 23.61 -11.86 40.10
N SER B 423 24.81 -11.89 40.68
CA SER B 423 25.03 -11.19 41.94
C SER B 423 24.81 -9.69 41.79
N GLU B 424 25.17 -9.13 40.64
CA GLU B 424 24.95 -7.71 40.40
C GLU B 424 23.46 -7.38 40.53
N MET B 425 22.63 -8.07 39.77
CA MET B 425 21.19 -7.82 39.82
C MET B 425 20.58 -8.31 41.13
N MET B 426 21.09 -9.41 41.68
CA MET B 426 20.54 -9.98 42.90
C MET B 426 20.62 -9.01 44.08
N ARG B 427 21.54 -8.05 44.04
CA ARG B 427 21.71 -7.10 45.14
C ARG B 427 21.23 -5.70 44.81
N VAL B 428 21.21 -5.30 43.54
CA VAL B 428 20.60 -4.03 43.18
C VAL B 428 19.09 -4.09 43.38
N GLY B 429 18.48 -5.24 43.07
CA GLY B 429 17.07 -5.42 43.35
C GLY B 429 16.78 -5.60 44.84
N LEU B 430 17.68 -6.30 45.53
CA LEU B 430 17.52 -6.45 46.98
C LEU B 430 17.55 -5.10 47.68
N TYR B 431 18.33 -4.14 47.16
CA TYR B 431 18.30 -2.79 47.69
C TYR B 431 17.10 -2.00 47.17
N LEU B 432 16.84 -2.08 45.87
CA LEU B 432 15.70 -1.38 45.30
C LEU B 432 14.39 -1.87 45.88
N ASN B 433 14.32 -3.17 46.22
CA ASN B 433 13.12 -3.71 46.85
C ASN B 433 12.80 -2.96 48.14
N ILE B 434 13.78 -2.89 49.04
CA ILE B 434 13.59 -2.18 50.31
C ILE B 434 13.18 -0.73 50.05
N ALA B 435 13.73 -0.12 49.00
CA ALA B 435 13.38 1.26 48.67
C ALA B 435 11.89 1.40 48.37
N CYS B 436 11.31 0.42 47.68
CA CYS B 436 9.90 0.52 47.30
C CYS B 436 8.98 0.30 48.51
N ILE B 437 9.32 -0.67 49.37
CA ILE B 437 8.48 -0.94 50.54
C ILE B 437 8.21 0.33 51.32
N GLY B 438 9.19 1.22 51.40
CA GLY B 438 8.97 2.49 52.08
C GLY B 438 8.02 3.41 51.31
N LEU B 439 8.33 3.65 50.04
CA LEU B 439 7.50 4.54 49.24
C LEU B 439 6.03 4.10 49.22
N LEU B 440 5.78 2.80 49.09
CA LEU B 440 4.42 2.31 49.02
C LEU B 440 3.68 2.53 50.34
N THR B 441 4.23 2.00 51.44
CA THR B 441 3.58 2.17 52.74
C THR B 441 3.33 3.64 53.06
N ALA B 442 4.22 4.52 52.62
CA ALA B 442 4.00 5.96 52.82
C ALA B 442 2.79 6.42 52.04
N ILE B 443 2.79 6.19 50.72
CA ILE B 443 1.66 6.61 49.89
C ILE B 443 0.38 5.92 50.35
N ALA B 444 0.48 4.66 50.76
CA ALA B 444 -0.71 3.95 51.21
C ALA B 444 -1.33 4.63 52.44
N MET B 445 -0.50 5.23 53.29
CA MET B 445 -1.03 5.98 54.42
C MET B 445 -1.60 7.33 54.00
N LEU B 446 -0.96 7.97 53.02
CA LEU B 446 -1.46 9.25 52.53
C LEU B 446 -2.78 9.08 51.79
N PHE B 447 -2.88 8.06 50.92
CA PHE B 447 -4.12 7.75 50.21
C PHE B 447 -5.06 7.03 51.19
N TRP B 448 -5.49 7.80 52.20
CA TRP B 448 -6.39 7.26 53.22
C TRP B 448 -7.58 8.20 53.41
N GLN B 449 -7.32 9.45 53.78
CA GLN B 449 -8.38 10.44 53.92
C GLN B 449 -7.93 11.79 53.36
N HIS C 6 20.96 27.91 1.61
CA HIS C 6 20.92 26.45 1.53
C HIS C 6 22.25 25.92 1.00
N ARG C 7 22.51 24.63 1.26
CA ARG C 7 23.76 24.02 0.83
C ARG C 7 23.92 24.10 -0.69
N ASN C 8 22.94 23.58 -1.42
CA ASN C 8 23.07 23.48 -2.88
C ASN C 8 23.16 24.86 -3.52
N SER C 9 22.46 25.85 -2.96
CA SER C 9 22.56 27.20 -3.49
C SER C 9 23.97 27.75 -3.45
N LEU C 10 24.81 27.24 -2.54
CA LEU C 10 26.19 27.70 -2.46
C LEU C 10 27.07 27.03 -3.51
N ILE C 11 26.90 25.72 -3.72
CA ILE C 11 27.69 25.02 -4.73
C ILE C 11 27.56 25.71 -6.08
N VAL C 12 26.36 26.20 -6.40
CA VAL C 12 26.16 26.91 -7.67
C VAL C 12 27.03 28.16 -7.71
N LEU C 13 26.96 28.98 -6.66
CA LEU C 13 27.78 30.19 -6.64
C LEU C 13 29.26 29.86 -6.57
N ALA C 14 29.63 28.84 -5.81
CA ALA C 14 31.02 28.39 -5.78
C ALA C 14 31.45 27.88 -7.14
N ASP C 15 30.54 27.21 -7.86
CA ASP C 15 30.86 26.74 -9.21
C ASP C 15 30.91 27.90 -10.20
N VAL C 16 30.02 28.88 -10.04
CA VAL C 16 30.08 30.06 -10.90
C VAL C 16 31.40 30.77 -10.73
N ALA C 17 31.87 30.89 -9.48
CA ALA C 17 33.18 31.49 -9.22
C ALA C 17 34.29 30.66 -9.85
N LEU C 18 34.25 29.34 -9.63
CA LEU C 18 35.25 28.47 -10.24
C LEU C 18 35.31 28.65 -11.75
N PHE C 19 34.15 28.71 -12.39
CA PHE C 19 34.12 28.96 -13.83
C PHE C 19 34.73 30.32 -14.16
N LEU C 20 34.23 31.38 -13.52
CA LEU C 20 34.76 32.71 -13.77
C LEU C 20 36.27 32.76 -13.55
N ALA C 21 36.75 32.08 -12.50
CA ALA C 21 38.18 32.04 -12.25
C ALA C 21 38.92 31.34 -13.38
N LEU C 22 38.53 30.10 -13.69
CA LEU C 22 39.18 29.36 -14.77
C LEU C 22 39.10 30.11 -16.10
N TYR C 23 38.02 30.84 -16.34
CA TYR C 23 37.85 31.53 -17.61
C TYR C 23 38.92 32.59 -17.82
N HIS C 24 39.17 33.40 -16.80
CA HIS C 24 40.07 34.55 -16.94
C HIS C 24 41.54 34.21 -16.66
N PHE C 25 41.83 33.09 -16.01
CA PHE C 25 43.18 32.79 -15.57
C PHE C 25 43.88 31.73 -16.41
N LEU C 26 43.15 30.83 -17.05
CA LEU C 26 43.79 29.81 -17.87
C LEU C 26 44.52 30.46 -19.03
N PRO C 27 45.81 30.16 -19.24
CA PRO C 27 46.56 30.85 -20.29
C PRO C 27 46.63 30.07 -21.60
N PHE C 28 45.48 29.71 -22.15
CA PHE C 28 45.42 28.96 -23.40
C PHE C 28 44.57 29.70 -24.42
N GLU C 29 44.53 29.16 -25.63
CA GLU C 29 43.67 29.69 -26.68
C GLU C 29 42.24 29.81 -26.17
N HIS C 30 41.58 30.91 -26.53
CA HIS C 30 40.27 31.22 -25.96
C HIS C 30 39.31 30.04 -26.07
N ASN C 31 39.28 29.38 -27.23
CA ASN C 31 38.37 28.26 -27.42
C ASN C 31 38.68 27.13 -26.45
N VAL C 32 39.96 26.79 -26.30
CA VAL C 32 40.34 25.73 -25.36
C VAL C 32 40.00 26.14 -23.93
N VAL C 33 40.25 27.41 -23.58
CA VAL C 33 39.90 27.90 -22.25
C VAL C 33 38.40 27.80 -22.02
N LEU C 34 37.61 28.22 -23.00
CA LEU C 34 36.16 28.16 -22.88
C LEU C 34 35.70 26.71 -22.67
N GLY C 35 36.23 25.78 -23.46
CA GLY C 35 35.86 24.39 -23.30
C GLY C 35 36.26 23.83 -21.94
N ILE C 36 37.45 24.17 -21.47
CA ILE C 36 37.91 23.70 -20.16
C ILE C 36 37.03 24.28 -19.06
N SER C 37 36.77 25.59 -19.12
CA SER C 37 35.94 26.23 -18.10
C SER C 37 34.58 25.56 -18.02
N MET C 38 33.93 25.36 -19.16
CA MET C 38 32.61 24.74 -19.16
C MET C 38 32.66 23.33 -18.59
N LEU C 39 33.66 22.54 -19.00
CA LEU C 39 33.76 21.17 -18.52
C LEU C 39 33.85 21.13 -16.99
N ALA C 40 34.71 21.96 -16.41
CA ALA C 40 34.80 22.02 -14.95
C ALA C 40 33.47 22.44 -14.34
N PHE C 41 32.83 23.45 -14.92
CA PHE C 41 31.53 23.90 -14.42
C PHE C 41 30.53 22.76 -14.41
N ILE C 42 30.30 22.13 -15.56
CA ILE C 42 29.30 21.07 -15.64
C ILE C 42 29.66 19.92 -14.72
N ALA C 43 30.94 19.55 -14.69
CA ALA C 43 31.37 18.46 -13.82
C ALA C 43 30.91 18.68 -12.38
N VAL C 44 31.12 19.90 -11.87
CA VAL C 44 30.68 20.21 -10.51
C VAL C 44 29.16 20.17 -10.42
N LEU C 45 28.48 20.91 -11.32
CA LEU C 45 27.03 21.01 -11.26
C LEU C 45 26.34 19.66 -11.35
N TRP C 46 27.00 18.65 -11.93
CA TRP C 46 26.42 17.32 -12.05
C TRP C 46 26.81 16.38 -10.93
N LEU C 47 27.99 16.55 -10.34
CA LEU C 47 28.41 15.69 -9.25
C LEU C 47 27.78 16.12 -7.93
N THR C 48 27.77 17.42 -7.65
CA THR C 48 27.09 17.91 -6.45
C THR C 48 25.58 17.91 -6.61
N GLU C 49 25.09 18.10 -7.84
CA GLU C 49 23.66 18.10 -8.11
C GLU C 49 22.94 19.25 -7.38
N ALA C 50 23.62 20.38 -7.25
CA ALA C 50 22.98 21.57 -6.69
C ALA C 50 21.70 21.91 -7.44
N LEU C 51 21.73 21.82 -8.77
CA LEU C 51 20.54 21.92 -9.60
C LEU C 51 20.20 20.56 -10.19
N HIS C 52 18.90 20.31 -10.37
CA HIS C 52 18.43 19.04 -10.89
C HIS C 52 19.12 18.71 -12.21
N VAL C 53 19.56 17.46 -12.34
CA VAL C 53 20.25 16.96 -13.51
C VAL C 53 19.64 17.47 -14.81
N THR C 54 18.31 17.48 -14.88
CA THR C 54 17.66 17.94 -16.11
C THR C 54 17.82 19.43 -16.31
N VAL C 55 17.76 20.21 -15.23
CA VAL C 55 17.97 21.65 -15.36
C VAL C 55 19.40 21.94 -15.79
N THR C 56 20.35 21.17 -15.28
CA THR C 56 21.73 21.30 -15.73
C THR C 56 21.87 20.91 -17.19
N ALA C 57 21.17 19.86 -17.61
CA ALA C 57 21.19 19.46 -19.01
C ALA C 57 20.73 20.60 -19.91
N ILE C 58 19.66 21.30 -19.51
CA ILE C 58 19.19 22.44 -20.29
C ILE C 58 20.22 23.56 -20.29
N LEU C 59 21.06 23.62 -19.25
CA LEU C 59 22.09 24.65 -19.17
C LEU C 59 23.22 24.42 -20.17
N VAL C 60 23.44 23.17 -20.59
CA VAL C 60 24.51 22.83 -21.52
C VAL C 60 24.32 23.59 -22.82
N PRO C 61 23.19 23.40 -23.52
CA PRO C 61 23.02 24.07 -24.82
C PRO C 61 23.00 25.58 -24.72
N VAL C 62 22.30 26.13 -23.72
CA VAL C 62 22.21 27.58 -23.58
C VAL C 62 23.60 28.20 -23.48
N MET C 63 24.57 27.45 -22.95
CA MET C 63 25.94 27.96 -22.90
C MET C 63 26.59 27.94 -24.27
N ALA C 64 26.55 26.79 -24.95
CA ALA C 64 27.17 26.68 -26.27
C ALA C 64 26.67 27.76 -27.23
N VAL C 65 25.39 28.11 -27.12
CA VAL C 65 24.81 29.09 -28.03
C VAL C 65 25.36 30.48 -27.74
N PHE C 66 25.40 30.87 -26.46
CA PHE C 66 25.81 32.22 -26.11
C PHE C 66 27.31 32.43 -26.31
N PHE C 67 28.12 31.37 -26.20
CA PHE C 67 29.57 31.49 -26.35
C PHE C 67 30.04 31.23 -27.77
N GLY C 68 29.16 31.40 -28.76
CA GLY C 68 29.54 31.33 -30.16
C GLY C 68 30.02 29.97 -30.62
N ILE C 69 29.94 28.97 -29.76
CA ILE C 69 30.35 27.62 -30.15
C ILE C 69 29.43 27.07 -31.22
N PHE C 70 28.13 27.21 -31.02
CA PHE C 70 27.14 26.75 -31.99
C PHE C 70 26.03 27.79 -32.09
N GLU C 71 25.23 27.67 -33.14
CA GLU C 71 24.01 28.44 -33.27
C GLU C 71 22.87 27.73 -32.56
N THR C 72 21.86 28.51 -32.17
CA THR C 72 20.80 27.99 -31.30
C THR C 72 20.27 26.65 -31.79
N GLN C 73 19.70 26.62 -32.99
CA GLN C 73 19.06 25.40 -33.47
C GLN C 73 20.02 24.22 -33.50
N ALA C 74 21.29 24.47 -33.82
CA ALA C 74 22.26 23.38 -33.87
C ALA C 74 22.40 22.70 -32.52
N ALA C 75 22.40 23.48 -31.43
CA ALA C 75 22.55 22.90 -30.10
C ALA C 75 21.33 22.06 -29.73
N LEU C 76 20.13 22.60 -29.97
CA LEU C 76 18.92 21.87 -29.59
C LEU C 76 18.80 20.56 -30.34
N ASN C 77 19.32 20.49 -31.57
CA ASN C 77 19.16 19.28 -32.38
C ASN C 77 19.74 18.05 -31.70
N ASN C 78 20.67 18.22 -30.75
CA ASN C 78 21.23 17.07 -30.05
C ASN C 78 20.14 16.29 -29.30
N PHE C 79 19.11 16.97 -28.84
CA PHE C 79 18.04 16.34 -28.07
C PHE C 79 17.15 15.43 -28.90
N ALA C 80 17.46 15.24 -30.19
CA ALA C 80 16.67 14.37 -31.05
C ALA C 80 17.49 13.19 -31.56
N ASN C 81 18.54 12.80 -30.85
CA ASN C 81 19.34 11.66 -31.27
C ASN C 81 18.49 10.41 -31.33
N SER C 82 18.82 9.52 -32.27
CA SER C 82 18.04 8.31 -32.45
C SER C 82 18.03 7.44 -31.20
N ILE C 83 19.09 7.50 -30.41
CA ILE C 83 19.14 6.69 -29.18
C ILE C 83 18.10 7.15 -28.18
N ILE C 84 17.86 8.46 -28.10
CA ILE C 84 16.85 8.98 -27.18
C ILE C 84 15.50 8.32 -27.46
N PHE C 85 15.10 8.27 -28.73
CA PHE C 85 13.84 7.62 -29.08
C PHE C 85 13.89 6.13 -28.84
N LEU C 86 15.05 5.50 -29.04
CA LEU C 86 15.19 4.08 -28.70
C LEU C 86 14.92 3.86 -27.22
N PHE C 87 15.41 4.76 -26.37
CA PHE C 87 15.13 4.65 -24.94
C PHE C 87 13.67 4.95 -24.63
N LEU C 88 13.06 5.88 -25.38
CA LEU C 88 11.64 6.13 -25.19
C LEU C 88 10.80 4.90 -25.51
N GLY C 89 11.24 4.08 -26.46
CA GLY C 89 10.55 2.83 -26.73
C GLY C 89 10.60 1.89 -25.54
N GLY C 90 11.76 1.81 -24.88
CA GLY C 90 11.84 1.01 -23.67
C GLY C 90 10.98 1.55 -22.55
N PHE C 91 10.73 2.86 -22.55
CA PHE C 91 9.83 3.44 -21.55
C PHE C 91 8.39 3.04 -21.82
N ALA C 92 7.93 3.20 -23.06
CA ALA C 92 6.59 2.76 -23.42
C ALA C 92 6.47 1.25 -23.38
N LEU C 93 7.56 0.52 -23.66
CA LEU C 93 7.52 -0.93 -23.58
C LEU C 93 7.36 -1.39 -22.14
N ALA C 94 8.02 -0.72 -21.19
CA ALA C 94 7.86 -1.06 -19.79
C ALA C 94 6.49 -0.61 -19.28
N ALA C 95 6.11 0.63 -19.56
CA ALA C 95 4.80 1.11 -19.15
C ALA C 95 3.68 0.21 -19.63
N ALA C 96 3.83 -0.40 -20.81
CA ALA C 96 2.80 -1.27 -21.35
C ALA C 96 2.57 -2.47 -20.44
N MET C 97 3.63 -3.23 -20.14
CA MET C 97 3.49 -4.43 -19.33
C MET C 97 3.31 -4.13 -17.85
N HIS C 98 3.45 -2.87 -17.44
CA HIS C 98 3.15 -2.48 -16.06
C HIS C 98 1.68 -2.08 -15.90
N HIS C 99 1.19 -1.19 -16.76
CA HIS C 99 -0.22 -0.84 -16.75
C HIS C 99 -1.10 -2.06 -16.98
N GLN C 100 -0.63 -3.03 -17.77
CA GLN C 100 -1.37 -4.26 -17.99
C GLN C 100 -1.26 -5.21 -16.80
N GLY C 101 -0.26 -5.03 -15.95
CA GLY C 101 -0.02 -5.91 -14.83
C GLY C 101 0.85 -7.11 -15.17
N LEU C 102 1.51 -7.10 -16.32
CA LEU C 102 2.35 -8.22 -16.73
C LEU C 102 3.60 -8.35 -15.87
N ASP C 103 3.95 -7.32 -15.09
CA ASP C 103 5.12 -7.40 -14.24
C ASP C 103 4.81 -8.15 -12.94
N LYS C 104 3.60 -7.97 -12.42
CA LYS C 104 3.21 -8.69 -11.22
C LYS C 104 3.10 -10.19 -11.49
N VAL C 105 2.42 -10.56 -12.57
CA VAL C 105 2.31 -11.97 -12.92
C VAL C 105 3.68 -12.57 -13.20
N ILE C 106 4.61 -11.76 -13.71
CA ILE C 106 5.97 -12.25 -13.91
C ILE C 106 6.66 -12.50 -12.57
N ALA C 107 6.25 -11.77 -11.53
CA ALA C 107 6.78 -11.97 -10.18
C ALA C 107 6.03 -13.06 -9.45
N ASP C 108 4.70 -13.11 -9.60
CA ASP C 108 3.91 -14.13 -8.94
C ASP C 108 4.18 -15.51 -9.52
N LYS C 109 4.03 -15.65 -10.84
CA LYS C 109 4.23 -16.94 -11.50
C LYS C 109 5.61 -17.51 -11.17
N VAL C 110 6.59 -16.67 -10.91
CA VAL C 110 7.93 -17.12 -10.54
C VAL C 110 8.04 -17.34 -9.03
N LEU C 111 7.58 -16.37 -8.24
CA LEU C 111 7.64 -16.52 -6.79
C LEU C 111 6.81 -17.70 -6.32
N ALA C 112 5.70 -18.01 -7.02
CA ALA C 112 4.91 -19.18 -6.68
C ALA C 112 5.54 -20.47 -7.18
N MET C 113 6.44 -20.38 -8.16
CA MET C 113 7.18 -21.56 -8.58
C MET C 113 7.95 -22.17 -7.42
N ALA C 114 8.48 -21.33 -6.53
CA ALA C 114 9.03 -21.81 -5.28
C ALA C 114 7.88 -22.24 -4.36
N GLN C 115 7.86 -23.52 -4.01
CA GLN C 115 6.75 -24.08 -3.25
C GLN C 115 6.48 -23.26 -1.98
N GLY C 116 7.51 -23.05 -1.16
CA GLY C 116 7.37 -22.26 0.04
C GLY C 116 8.69 -22.13 0.77
N LYS C 117 9.76 -22.52 0.10
CA LYS C 117 11.11 -22.50 0.67
C LYS C 117 11.64 -21.08 0.65
N MET C 118 11.81 -20.48 1.84
CA MET C 118 12.40 -19.15 1.90
C MET C 118 13.81 -19.17 1.32
N SER C 119 14.49 -20.31 1.36
CA SER C 119 15.81 -20.42 0.78
C SER C 119 15.76 -20.11 -0.71
N VAL C 120 14.83 -20.75 -1.44
CA VAL C 120 14.69 -20.51 -2.87
C VAL C 120 13.77 -19.33 -3.18
N ALA C 121 13.11 -18.75 -2.18
CA ALA C 121 12.27 -17.58 -2.44
C ALA C 121 13.14 -16.35 -2.73
N VAL C 122 14.10 -16.06 -1.84
CA VAL C 122 14.95 -14.88 -2.03
C VAL C 122 15.73 -15.00 -3.33
N PHE C 123 16.26 -16.18 -3.63
CA PHE C 123 17.02 -16.37 -4.87
C PHE C 123 16.14 -16.10 -6.08
N MET C 124 14.89 -16.57 -6.05
CA MET C 124 13.96 -16.24 -7.13
C MET C 124 13.59 -14.76 -7.10
N LEU C 125 13.65 -14.13 -5.93
CA LEU C 125 13.39 -12.69 -5.85
C LEU C 125 14.48 -11.89 -6.55
N PHE C 126 15.73 -12.36 -6.46
CA PHE C 126 16.82 -11.63 -7.10
C PHE C 126 16.78 -11.81 -8.62
N GLY C 127 16.62 -13.06 -9.08
CA GLY C 127 16.59 -13.31 -10.51
C GLY C 127 15.48 -12.57 -11.23
N VAL C 128 14.36 -12.35 -10.55
CA VAL C 128 13.25 -11.63 -11.17
C VAL C 128 13.49 -10.13 -11.13
N THR C 129 13.97 -9.61 -10.00
CA THR C 129 14.25 -8.17 -9.91
C THR C 129 15.24 -7.74 -10.99
N ALA C 130 16.24 -8.58 -11.27
CA ALA C 130 17.23 -8.23 -12.29
C ALA C 130 16.65 -8.33 -13.69
N LEU C 131 15.96 -9.44 -13.99
CA LEU C 131 15.40 -9.62 -15.33
C LEU C 131 14.37 -8.54 -15.66
N LEU C 132 13.61 -8.07 -14.67
CA LEU C 132 12.64 -7.01 -14.92
C LEU C 132 13.34 -5.69 -15.22
N SER C 133 14.48 -5.44 -14.57
CA SER C 133 15.24 -4.22 -14.82
C SER C 133 15.82 -4.19 -16.23
N MET C 134 15.97 -5.34 -16.88
CA MET C 134 16.53 -5.37 -18.22
C MET C 134 15.74 -4.52 -19.20
N TRP C 135 14.44 -4.32 -18.94
CA TRP C 135 13.58 -3.68 -19.92
C TRP C 135 12.81 -2.52 -19.32
N ILE C 136 12.57 -2.56 -18.01
CA ILE C 136 11.78 -1.53 -17.35
C ILE C 136 12.72 -0.42 -16.86
N SER C 137 13.45 -0.70 -15.80
CA SER C 137 14.34 0.30 -15.20
C SER C 137 14.99 -0.28 -13.95
N ASN C 138 15.60 0.59 -13.13
CA ASN C 138 16.18 0.19 -11.86
C ASN C 138 15.40 0.75 -10.69
N THR C 139 15.16 2.06 -10.65
CA THR C 139 14.32 2.64 -9.63
C THR C 139 12.91 2.06 -9.67
N ALA C 140 12.35 1.90 -10.88
CA ALA C 140 11.02 1.34 -11.00
C ALA C 140 10.98 -0.12 -10.60
N THR C 141 12.01 -0.89 -10.96
CA THR C 141 12.07 -2.29 -10.58
C THR C 141 12.18 -2.45 -9.07
N ALA C 142 12.89 -1.53 -8.40
CA ALA C 142 13.03 -1.59 -6.96
C ALA C 142 11.69 -1.29 -6.26
N ALA C 143 11.01 -0.23 -6.69
CA ALA C 143 9.74 0.13 -6.07
C ALA C 143 8.70 -0.98 -6.23
N MET C 144 8.77 -1.74 -7.33
CA MET C 144 7.84 -2.84 -7.51
C MET C 144 8.26 -4.08 -6.73
N MET C 145 9.57 -4.24 -6.50
CA MET C 145 10.05 -5.43 -5.80
C MET C 145 10.00 -5.28 -4.28
N LEU C 146 10.13 -4.06 -3.76
CA LEU C 146 10.11 -3.86 -2.31
C LEU C 146 8.88 -4.50 -1.66
N PRO C 147 7.66 -4.21 -2.10
CA PRO C 147 6.50 -4.90 -1.51
C PRO C 147 6.55 -6.41 -1.66
N LEU C 148 7.09 -6.92 -2.76
CA LEU C 148 7.20 -8.37 -2.91
C LEU C 148 8.32 -8.93 -2.05
N VAL C 149 9.33 -8.13 -1.74
CA VAL C 149 10.34 -8.54 -0.77
C VAL C 149 9.93 -8.13 0.64
N LEU C 150 9.50 -6.88 0.79
CA LEU C 150 8.93 -6.36 2.04
C LEU C 150 7.49 -6.84 2.16
N GLY C 151 7.22 -8.04 1.65
CA GLY C 151 5.92 -8.68 1.77
C GLY C 151 6.05 -10.14 2.16
N VAL C 152 7.03 -10.82 1.55
CA VAL C 152 7.32 -12.20 1.91
C VAL C 152 7.84 -12.27 3.34
N LEU C 153 8.70 -11.33 3.71
CA LEU C 153 9.20 -11.27 5.08
C LEU C 153 8.21 -10.58 6.02
N SER C 154 7.61 -9.48 5.57
CA SER C 154 6.72 -8.67 6.41
C SER C 154 5.75 -9.53 7.22
N LYS C 155 5.28 -10.63 6.63
CA LYS C 155 4.47 -11.58 7.39
C LYS C 155 5.32 -12.34 8.42
N VAL C 156 6.61 -12.51 8.15
CA VAL C 156 7.49 -13.27 9.02
C VAL C 156 8.63 -12.34 9.45
N ASP C 157 8.43 -11.64 10.57
CA ASP C 157 9.39 -10.65 11.03
C ASP C 157 10.33 -11.33 12.01
N ALA C 158 11.64 -11.24 11.75
CA ALA C 158 12.66 -11.85 12.62
C ALA C 158 13.74 -10.80 12.90
N ASP C 159 13.42 -9.87 13.79
CA ASP C 159 14.41 -8.87 14.18
C ASP C 159 15.69 -9.50 14.70
N LYS C 160 15.59 -10.68 15.33
CA LYS C 160 16.80 -11.41 15.72
C LYS C 160 17.50 -12.03 14.51
N GLN C 161 16.74 -12.53 13.54
CA GLN C 161 17.33 -13.14 12.35
C GLN C 161 17.54 -12.09 11.27
N ARG C 162 18.74 -11.53 11.23
CA ARG C 162 19.08 -10.50 10.25
C ARG C 162 20.05 -10.99 9.17
N SER C 163 20.92 -11.94 9.49
CA SER C 163 21.81 -12.50 8.48
C SER C 163 21.07 -13.34 7.47
N THR C 164 19.77 -13.53 7.66
CA THR C 164 18.89 -14.17 6.68
C THR C 164 17.79 -13.23 6.23
N TYR C 165 17.91 -11.93 6.53
CA TYR C 165 16.85 -10.97 6.28
C TYR C 165 17.32 -9.79 5.45
N VAL C 166 18.49 -9.24 5.78
CA VAL C 166 19.04 -8.14 4.97
C VAL C 166 19.53 -8.68 3.64
N PHE C 167 20.00 -9.93 3.62
CA PHE C 167 20.47 -10.54 2.37
C PHE C 167 19.39 -10.48 1.29
N VAL C 168 18.12 -10.63 1.68
CA VAL C 168 17.05 -10.58 0.70
C VAL C 168 16.68 -9.16 0.29
N LEU C 169 16.95 -8.16 1.14
CA LEU C 169 16.68 -6.77 0.76
C LEU C 169 17.83 -6.19 -0.05
N LEU C 170 19.06 -6.34 0.45
CA LEU C 170 20.23 -5.88 -0.30
C LEU C 170 20.43 -6.67 -1.58
N GLY C 171 19.86 -7.87 -1.68
CA GLY C 171 20.00 -8.66 -2.90
C GLY C 171 19.26 -8.04 -4.06
N VAL C 172 18.01 -7.63 -3.84
CA VAL C 172 17.23 -7.02 -4.91
C VAL C 172 17.77 -5.63 -5.24
N ALA C 173 18.27 -4.91 -4.24
CA ALA C 173 18.85 -3.59 -4.49
C ALA C 173 20.03 -3.69 -5.45
N TYR C 174 20.73 -4.82 -5.47
CA TYR C 174 21.82 -5.04 -6.40
C TYR C 174 21.36 -5.66 -7.72
N SER C 175 20.40 -6.58 -7.66
CA SER C 175 19.88 -7.19 -8.88
C SER C 175 19.24 -6.15 -9.80
N ALA C 176 18.64 -5.11 -9.22
CA ALA C 176 18.03 -4.06 -10.05
C ALA C 176 19.09 -3.29 -10.81
N SER C 177 20.25 -3.04 -10.19
CA SER C 177 21.32 -2.32 -10.87
C SER C 177 22.07 -3.22 -11.84
N ILE C 178 22.27 -4.48 -11.48
CA ILE C 178 22.96 -5.40 -12.38
C ILE C 178 22.05 -5.77 -13.55
N GLY C 179 20.76 -5.94 -13.29
CA GLY C 179 19.83 -6.24 -14.36
C GLY C 179 19.73 -5.13 -15.38
N GLY C 180 19.94 -3.89 -14.94
CA GLY C 180 19.91 -2.75 -15.85
C GLY C 180 21.12 -2.67 -16.77
N ILE C 181 22.11 -3.53 -16.58
CA ILE C 181 23.30 -3.55 -17.42
C ILE C 181 23.19 -4.62 -18.51
N ALA C 182 22.01 -5.21 -18.68
CA ALA C 182 21.82 -6.29 -19.65
C ALA C 182 21.48 -5.80 -21.05
N THR C 183 20.72 -4.72 -21.15
CA THR C 183 20.27 -4.23 -22.45
C THR C 183 20.50 -2.72 -22.55
N LEU C 184 20.39 -2.22 -23.78
CA LEU C 184 20.55 -0.78 -24.00
C LEU C 184 19.49 0.00 -23.21
N VAL C 185 18.27 -0.51 -23.16
CA VAL C 185 17.23 0.04 -22.30
C VAL C 185 17.36 -0.59 -20.92
N GLY C 186 17.12 0.21 -19.89
CA GLY C 186 17.29 -0.26 -18.52
C GLY C 186 17.94 0.76 -17.64
N SER C 187 19.16 1.18 -18.00
CA SER C 187 19.88 2.21 -17.29
C SER C 187 20.28 3.30 -18.27
N PRO C 188 20.08 4.57 -17.94
CA PRO C 188 20.43 5.66 -18.85
C PRO C 188 21.86 5.57 -19.32
N PRO C 189 22.81 5.31 -18.42
CA PRO C 189 24.22 5.22 -18.85
C PRO C 189 24.44 4.34 -20.07
N ASN C 190 23.75 3.20 -20.16
CA ASN C 190 23.88 2.35 -21.33
C ASN C 190 23.55 3.11 -22.61
N ALA C 191 22.44 3.85 -22.60
CA ALA C 191 22.06 4.62 -23.79
C ALA C 191 23.07 5.73 -24.07
N ILE C 192 23.60 6.37 -23.03
CA ILE C 192 24.57 7.45 -23.22
C ILE C 192 25.81 6.91 -23.91
N ALA C 193 26.22 5.70 -23.58
CA ALA C 193 27.39 5.10 -24.24
C ALA C 193 27.08 4.79 -25.70
N ALA C 194 25.95 4.12 -25.96
CA ALA C 194 25.58 3.80 -27.33
C ALA C 194 25.40 5.06 -28.17
N ALA C 195 24.85 6.12 -27.56
CA ALA C 195 24.65 7.37 -28.29
C ALA C 195 25.97 8.06 -28.58
N GLU C 196 26.96 7.89 -27.70
CA GLU C 196 28.26 8.53 -27.91
C GLU C 196 29.02 7.87 -29.05
N VAL C 197 29.13 6.54 -29.03
CA VAL C 197 29.90 5.81 -30.02
C VAL C 197 29.05 5.24 -31.15
N GLY C 198 27.72 5.33 -31.04
CA GLY C 198 26.84 4.82 -32.08
C GLY C 198 26.69 3.31 -32.04
N LEU C 199 26.31 2.78 -30.88
CA LEU C 199 26.08 1.36 -30.72
C LEU C 199 24.64 0.99 -31.05
N SER C 200 24.48 -0.21 -31.61
CA SER C 200 23.16 -0.77 -31.80
C SER C 200 22.73 -1.52 -30.54
N PHE C 201 21.43 -1.84 -30.47
CA PHE C 201 20.93 -2.56 -29.31
C PHE C 201 21.63 -3.91 -29.16
N THR C 202 21.73 -4.66 -30.27
CA THR C 202 22.42 -5.95 -30.22
C THR C 202 23.92 -5.79 -29.97
N ASP C 203 24.49 -4.63 -30.30
CA ASP C 203 25.90 -4.41 -30.01
C ASP C 203 26.15 -4.32 -28.50
N TRP C 204 25.31 -3.56 -27.79
CA TRP C 204 25.50 -3.38 -26.36
C TRP C 204 25.06 -4.60 -25.57
N MET C 205 24.12 -5.39 -26.08
CA MET C 205 23.68 -6.58 -25.37
C MET C 205 24.78 -7.64 -25.36
N LYS C 206 25.50 -7.79 -26.47
CA LYS C 206 26.63 -8.71 -26.50
C LYS C 206 27.68 -8.35 -25.45
N PHE C 207 27.77 -7.06 -25.11
CA PHE C 207 28.71 -6.62 -24.08
C PHE C 207 28.12 -6.76 -22.69
N GLY C 208 26.99 -6.11 -22.44
CA GLY C 208 26.49 -6.00 -21.08
C GLY C 208 25.88 -7.30 -20.56
N LEU C 209 25.05 -7.95 -21.38
CA LEU C 209 24.36 -9.16 -20.92
C LEU C 209 25.30 -10.20 -20.34
N PRO C 210 26.37 -10.62 -21.01
CA PRO C 210 27.34 -11.51 -20.35
C PRO C 210 27.83 -10.98 -19.03
N THR C 211 28.13 -9.68 -18.96
CA THR C 211 28.58 -9.10 -17.69
C THR C 211 27.49 -9.18 -16.63
N ALA C 212 26.25 -8.91 -17.01
CA ALA C 212 25.15 -9.04 -16.05
C ALA C 212 24.99 -10.48 -15.61
N MET C 213 25.07 -11.42 -16.54
CA MET C 213 25.05 -12.83 -16.17
C MET C 213 26.21 -13.20 -15.27
N MET C 214 27.36 -12.51 -15.43
CA MET C 214 28.54 -12.82 -14.65
C MET C 214 28.49 -12.17 -13.27
N MET C 215 28.08 -10.91 -13.21
CA MET C 215 28.19 -10.15 -11.97
C MET C 215 27.10 -10.51 -10.97
N LEU C 216 25.94 -10.98 -11.42
CA LEU C 216 24.85 -11.29 -10.50
C LEU C 216 25.21 -12.43 -9.55
N PRO C 217 25.63 -13.60 -10.02
CA PRO C 217 26.02 -14.65 -9.07
C PRO C 217 27.18 -14.25 -8.19
N MET C 218 28.23 -13.69 -8.78
CA MET C 218 29.39 -13.24 -8.00
C MET C 218 28.99 -12.24 -6.92
N ALA C 219 27.96 -11.43 -7.18
CA ALA C 219 27.52 -10.46 -6.19
C ALA C 219 26.75 -11.13 -5.06
N ILE C 220 25.85 -12.07 -5.40
CA ILE C 220 25.09 -12.77 -4.37
C ILE C 220 25.99 -13.64 -3.52
N ALA C 221 26.97 -14.31 -4.15
CA ALA C 221 27.89 -15.15 -3.40
C ALA C 221 28.59 -14.37 -2.31
N ILE C 222 29.00 -13.14 -2.59
CA ILE C 222 29.63 -12.30 -1.58
C ILE C 222 28.63 -11.95 -0.48
N LEU C 223 27.37 -11.69 -0.86
CA LEU C 223 26.34 -11.42 0.14
C LEU C 223 26.00 -12.67 0.94
N TYR C 224 26.01 -13.84 0.30
CA TYR C 224 25.67 -15.07 0.99
C TYR C 224 26.64 -15.38 2.13
N PHE C 225 27.93 -15.23 1.88
CA PHE C 225 28.95 -15.64 2.85
C PHE C 225 29.07 -14.64 3.99
N LEU C 226 27.94 -14.21 4.54
CA LEU C 226 27.92 -13.38 5.73
C LEU C 226 26.93 -13.91 6.77
N ASN C 243 -3.92 -13.75 -13.51
CA ASN C 243 -4.39 -14.49 -14.67
C ASN C 243 -4.29 -13.65 -15.94
N TRP C 244 -3.87 -14.30 -17.03
CA TRP C 244 -3.72 -13.63 -18.32
C TRP C 244 -5.07 -13.10 -18.81
N ASP C 245 -5.22 -11.77 -18.84
CA ASP C 245 -6.50 -11.18 -19.22
C ASP C 245 -6.46 -10.61 -20.64
N LYS C 246 -7.16 -9.49 -20.86
CA LYS C 246 -7.33 -8.93 -22.19
C LYS C 246 -6.01 -8.51 -22.83
N GLY C 247 -5.58 -9.24 -23.86
CA GLY C 247 -4.43 -8.86 -24.63
C GLY C 247 -3.14 -8.73 -23.86
N LYS C 248 -2.97 -9.51 -22.78
CA LYS C 248 -1.64 -9.64 -22.19
C LYS C 248 -0.71 -10.44 -23.09
N VAL C 249 -1.27 -11.33 -23.91
CA VAL C 249 -0.48 -11.98 -24.95
C VAL C 249 -0.15 -10.97 -26.05
N VAL C 250 -1.03 -9.99 -26.28
CA VAL C 250 -0.72 -8.94 -27.23
C VAL C 250 0.45 -8.10 -26.74
N THR C 251 0.39 -7.64 -25.48
CA THR C 251 1.52 -6.94 -24.89
C THR C 251 2.77 -7.81 -24.91
N LEU C 252 2.63 -9.09 -24.57
CA LEU C 252 3.77 -10.00 -24.64
C LEU C 252 4.20 -10.24 -26.07
N GLY C 253 3.23 -10.45 -26.97
CA GLY C 253 3.57 -10.64 -28.38
C GLY C 253 4.35 -9.48 -28.95
N ILE C 254 3.87 -8.26 -28.70
CA ILE C 254 4.58 -7.06 -29.14
C ILE C 254 5.98 -7.02 -28.53
N PHE C 255 6.05 -7.18 -27.21
CA PHE C 255 7.35 -7.20 -26.54
C PHE C 255 8.25 -8.28 -27.13
N GLY C 256 7.76 -9.51 -27.23
CA GLY C 256 8.55 -10.57 -27.82
C GLY C 256 8.97 -10.22 -29.24
N LEU C 257 8.04 -9.72 -30.05
CA LEU C 257 8.38 -9.30 -31.40
C LEU C 257 9.44 -8.20 -31.38
N THR C 258 9.29 -7.23 -30.47
CA THR C 258 10.26 -6.14 -30.39
C THR C 258 11.65 -6.66 -30.03
N VAL C 259 11.74 -7.48 -28.97
CA VAL C 259 13.04 -8.00 -28.55
C VAL C 259 13.65 -8.86 -29.64
N PHE C 260 12.82 -9.60 -30.38
CA PHE C 260 13.33 -10.40 -31.48
C PHE C 260 13.95 -9.54 -32.56
N LEU C 261 13.28 -8.43 -32.91
CA LEU C 261 13.82 -7.54 -33.94
C LEU C 261 15.08 -6.82 -33.43
N TRP C 262 15.11 -6.46 -32.15
CA TRP C 262 16.28 -5.79 -31.60
C TRP C 262 17.53 -6.66 -31.75
N ILE C 263 17.37 -7.97 -31.55
CA ILE C 263 18.50 -8.88 -31.67
C ILE C 263 18.87 -9.08 -33.14
N PHE C 264 17.88 -9.40 -33.98
CA PHE C 264 18.10 -9.68 -35.40
C PHE C 264 18.05 -8.44 -36.27
N SER C 265 18.35 -7.27 -35.72
CA SER C 265 18.28 -6.04 -36.52
C SER C 265 19.31 -6.05 -37.65
N SER C 266 20.49 -6.63 -37.40
CA SER C 266 21.55 -6.63 -38.40
C SER C 266 21.13 -7.27 -39.71
N PRO C 267 20.67 -8.52 -39.74
CA PRO C 267 20.32 -9.12 -41.04
C PRO C 267 19.02 -8.59 -41.61
N ILE C 268 18.03 -8.29 -40.76
CA ILE C 268 16.74 -7.82 -41.27
C ILE C 268 16.91 -6.50 -42.00
N ASN C 269 17.62 -5.55 -41.39
CA ASN C 269 17.82 -4.26 -42.04
C ASN C 269 18.64 -4.39 -43.32
N ALA C 270 19.69 -5.21 -43.28
CA ALA C 270 20.49 -5.42 -44.48
C ALA C 270 19.65 -5.99 -45.61
N ALA C 271 18.70 -6.88 -45.28
CA ALA C 271 17.79 -7.46 -46.25
C ALA C 271 16.54 -6.61 -46.47
N LEU C 272 16.66 -5.29 -46.37
CA LEU C 272 15.52 -4.40 -46.53
C LEU C 272 15.85 -3.08 -47.22
N GLY C 273 17.12 -2.75 -47.43
CA GLY C 273 17.48 -1.50 -48.05
C GLY C 273 18.49 -0.72 -47.22
N GLY C 274 18.93 -1.32 -46.12
CA GLY C 274 19.92 -0.68 -45.25
C GLY C 274 19.44 0.61 -44.63
N PHE C 275 18.44 0.52 -43.77
CA PHE C 275 17.98 1.69 -43.04
C PHE C 275 19.02 2.12 -42.01
N LYS C 276 19.04 3.42 -41.71
CA LYS C 276 20.12 4.01 -40.95
C LYS C 276 20.16 3.53 -39.50
N SER C 277 19.18 3.95 -38.71
CA SER C 277 19.11 3.60 -37.29
C SER C 277 17.95 2.63 -37.08
N PHE C 278 18.13 1.40 -37.55
CA PHE C 278 17.07 0.40 -37.50
C PHE C 278 16.59 0.18 -36.07
N ASP C 279 17.52 0.08 -35.11
CA ASP C 279 17.13 -0.14 -33.72
C ASP C 279 16.16 0.92 -33.23
N THR C 280 16.40 2.18 -33.57
CA THR C 280 15.49 3.25 -33.15
C THR C 280 14.11 3.06 -33.77
N LEU C 281 14.06 2.70 -35.06
CA LEU C 281 12.77 2.45 -35.71
C LEU C 281 11.99 1.37 -34.97
N VAL C 282 12.67 0.29 -34.56
CA VAL C 282 11.99 -0.79 -33.86
C VAL C 282 11.35 -0.26 -32.57
N ALA C 283 12.10 0.53 -31.80
CA ALA C 283 11.55 1.06 -30.56
C ALA C 283 10.32 1.91 -30.82
N LEU C 284 10.37 2.75 -31.85
CA LEU C 284 9.22 3.58 -32.19
C LEU C 284 8.09 2.77 -32.82
N GLY C 285 8.45 1.76 -33.62
CA GLY C 285 7.42 0.90 -34.19
C GLY C 285 6.64 0.15 -33.14
N ALA C 286 7.32 -0.27 -32.06
CA ALA C 286 6.63 -0.95 -30.97
C ALA C 286 5.54 -0.05 -30.38
N ILE C 287 5.84 1.24 -30.19
CA ILE C 287 4.86 2.18 -29.67
C ILE C 287 3.61 2.19 -30.54
N LEU C 288 3.77 1.98 -31.85
CA LEU C 288 2.61 1.97 -32.74
C LEU C 288 1.75 0.73 -32.53
N MET C 289 2.39 -0.46 -32.52
CA MET C 289 1.64 -1.68 -32.28
C MET C 289 0.93 -1.65 -30.93
N LEU C 290 1.62 -1.17 -29.89
CA LEU C 290 1.00 -1.11 -28.57
C LEU C 290 -0.19 -0.17 -28.54
N SER C 291 -0.18 0.85 -29.40
CA SER C 291 -1.31 1.77 -29.50
C SER C 291 -2.39 1.25 -30.45
N PHE C 292 -1.98 0.58 -31.54
CA PHE C 292 -2.96 -0.04 -32.43
C PHE C 292 -3.71 -1.15 -31.72
N ALA C 293 -3.00 -1.99 -30.98
CA ALA C 293 -3.63 -3.08 -30.24
C ALA C 293 -4.48 -2.59 -29.08
N ARG C 294 -4.53 -1.29 -28.82
CA ARG C 294 -5.36 -0.69 -27.78
C ARG C 294 -4.96 -1.14 -26.38
N VAL C 295 -3.86 -1.88 -26.23
CA VAL C 295 -3.52 -2.47 -24.95
C VAL C 295 -2.98 -1.45 -23.95
N VAL C 296 -2.55 -0.28 -24.42
CA VAL C 296 -2.00 0.73 -23.52
C VAL C 296 -2.32 2.12 -24.07
N HIS C 297 -2.84 2.99 -23.21
CA HIS C 297 -3.14 4.36 -23.59
C HIS C 297 -1.89 5.24 -23.47
N TRP C 298 -1.90 6.35 -24.20
CA TRP C 298 -0.73 7.22 -24.27
C TRP C 298 -0.43 7.89 -22.93
N LYS C 299 -1.47 8.32 -22.21
CA LYS C 299 -1.26 8.96 -20.91
C LYS C 299 -0.40 8.11 -19.99
N GLU C 300 -0.44 6.78 -20.15
CA GLU C 300 0.44 5.92 -19.37
C GLU C 300 1.91 6.20 -19.70
N ILE C 301 2.23 6.27 -20.99
CA ILE C 301 3.62 6.45 -21.41
C ILE C 301 4.16 7.78 -20.94
N GLN C 302 3.32 8.83 -20.95
CA GLN C 302 3.80 10.15 -20.55
C GLN C 302 4.24 10.18 -19.09
N LYS C 303 3.65 9.33 -18.25
CA LYS C 303 4.07 9.26 -16.85
C LYS C 303 5.31 8.38 -16.70
N THR C 304 5.30 7.20 -17.31
CA THR C 304 6.42 6.27 -17.14
C THR C 304 7.71 6.85 -17.67
N ALA C 305 7.65 7.50 -18.84
CA ALA C 305 8.85 8.04 -19.46
C ALA C 305 9.44 9.15 -18.60
N ASP C 306 10.74 9.05 -18.32
CA ASP C 306 11.45 10.08 -17.57
C ASP C 306 11.98 11.12 -18.55
N TRP C 307 11.10 12.06 -18.91
CA TRP C 307 11.48 13.08 -19.88
C TRP C 307 12.71 13.86 -19.43
N GLY C 308 12.93 13.98 -18.12
CA GLY C 308 14.13 14.63 -17.63
C GLY C 308 15.39 13.91 -18.08
N VAL C 309 15.34 12.58 -18.11
CA VAL C 309 16.50 11.80 -18.58
C VAL C 309 16.65 11.95 -20.09
N LEU C 310 15.53 11.94 -20.82
CA LEU C 310 15.60 12.13 -22.27
C LEU C 310 16.19 13.50 -22.62
N LEU C 311 15.82 14.53 -21.85
CA LEU C 311 16.46 15.82 -22.02
C LEU C 311 17.93 15.78 -21.65
N LEU C 312 18.29 14.96 -20.66
CA LEU C 312 19.69 14.82 -20.28
C LEU C 312 20.54 14.26 -21.43
N PHE C 313 20.02 13.25 -22.13
CA PHE C 313 20.74 12.67 -23.26
C PHE C 313 21.28 13.74 -24.19
N GLY C 314 20.43 14.66 -24.63
CA GLY C 314 20.89 15.72 -25.52
C GLY C 314 21.99 16.56 -24.91
N GLY C 315 21.84 16.92 -23.63
CA GLY C 315 22.87 17.70 -22.96
C GLY C 315 24.23 17.03 -22.98
N GLY C 316 24.24 15.69 -22.84
CA GLY C 316 25.51 14.98 -22.85
C GLY C 316 26.16 14.97 -24.23
N LEU C 317 25.35 14.83 -25.28
CA LEU C 317 25.89 14.91 -26.64
C LEU C 317 26.38 16.32 -26.95
N CYS C 318 25.62 17.33 -26.54
CA CYS C 318 26.06 18.71 -26.73
C CYS C 318 27.42 18.96 -26.10
N LEU C 319 27.63 18.43 -24.90
CA LEU C 319 28.94 18.58 -24.25
C LEU C 319 30.04 17.92 -25.07
N SER C 320 29.79 16.69 -25.53
CA SER C 320 30.78 16.00 -26.36
C SER C 320 31.17 16.83 -27.56
N ASN C 321 30.18 17.41 -28.24
CA ASN C 321 30.46 18.23 -29.41
C ASN C 321 31.12 19.55 -29.01
N VAL C 322 30.79 20.08 -27.83
CA VAL C 322 31.43 21.30 -27.36
C VAL C 322 32.91 21.07 -27.13
N LEU C 323 33.27 19.89 -26.63
CA LEU C 323 34.68 19.56 -26.41
C LEU C 323 35.42 19.49 -27.74
N LYS C 324 34.77 18.96 -28.77
CA LYS C 324 35.43 18.83 -30.07
C LYS C 324 35.59 20.20 -30.74
N GLN C 325 34.50 20.96 -30.85
CA GLN C 325 34.55 22.23 -31.56
C GLN C 325 35.56 23.19 -30.94
N THR C 326 35.73 23.13 -29.62
CA THR C 326 36.70 23.98 -28.94
C THR C 326 38.09 23.36 -28.86
N GLY C 327 38.25 22.12 -29.30
CA GLY C 327 39.53 21.45 -29.22
C GLY C 327 39.91 20.98 -27.83
N THR C 328 38.99 21.06 -26.87
CA THR C 328 39.30 20.61 -25.51
C THR C 328 39.59 19.12 -25.48
N SER C 329 39.01 18.36 -26.40
CA SER C 329 39.27 16.92 -26.45
C SER C 329 40.74 16.66 -26.80
N VAL C 330 41.24 17.35 -27.81
CA VAL C 330 42.65 17.17 -28.19
C VAL C 330 43.57 17.83 -27.19
N PHE C 331 43.12 18.90 -26.53
CA PHE C 331 43.95 19.57 -25.54
C PHE C 331 44.22 18.66 -24.35
N LEU C 332 43.21 17.93 -23.88
CA LEU C 332 43.41 17.03 -22.75
C LEU C 332 44.22 15.81 -23.17
N ALA C 333 43.99 15.30 -24.39
CA ALA C 333 44.79 14.18 -24.89
C ALA C 333 46.26 14.56 -24.94
N ASN C 334 46.56 15.76 -25.43
CA ASN C 334 47.95 16.22 -25.47
C ASN C 334 48.52 16.37 -24.06
N ALA C 335 47.70 16.88 -23.13
CA ALA C 335 48.16 17.05 -21.76
C ALA C 335 48.42 15.71 -21.08
N LEU C 336 47.63 14.69 -21.42
CA LEU C 336 47.80 13.35 -20.86
C LEU C 336 48.71 12.47 -21.70
N SER C 337 49.24 13.00 -22.81
CA SER C 337 50.07 12.18 -23.70
C SER C 337 51.23 11.54 -22.94
N ASP C 338 52.02 12.35 -22.24
CA ASP C 338 53.14 11.80 -21.48
C ASP C 338 52.66 10.94 -20.33
N MET C 339 51.52 11.27 -19.74
CA MET C 339 51.00 10.47 -18.63
C MET C 339 50.38 9.17 -19.10
N VAL C 340 49.62 9.22 -20.19
CA VAL C 340 49.02 7.99 -20.72
C VAL C 340 50.08 7.13 -21.39
N SER C 341 51.16 7.73 -21.87
CA SER C 341 52.26 6.95 -22.43
C SER C 341 53.11 6.29 -21.37
N HIS C 342 53.26 6.94 -20.21
CA HIS C 342 53.93 6.30 -19.08
C HIS C 342 53.09 5.18 -18.49
N MET C 343 51.79 5.14 -18.79
CA MET C 343 50.89 4.12 -18.32
C MET C 343 50.55 3.17 -19.47
N GLY C 344 50.30 1.91 -19.12
CA GLY C 344 49.84 0.95 -20.12
C GLY C 344 48.33 0.95 -20.26
N ILE C 345 47.86 0.26 -21.30
CA ILE C 345 46.42 0.14 -21.50
C ILE C 345 45.79 -0.65 -20.36
N PHE C 346 46.54 -1.57 -19.76
CA PHE C 346 46.07 -2.26 -18.58
C PHE C 346 45.89 -1.29 -17.41
N VAL C 347 46.92 -0.49 -17.13
CA VAL C 347 46.84 0.47 -16.03
C VAL C 347 45.69 1.45 -16.26
N VAL C 348 45.52 1.90 -17.50
CA VAL C 348 44.50 2.91 -17.80
C VAL C 348 43.12 2.40 -17.44
N ILE C 349 42.71 1.28 -18.04
CA ILE C 349 41.35 0.78 -17.82
C ILE C 349 41.13 0.40 -16.37
N LEU C 350 42.21 0.13 -15.63
CA LEU C 350 42.07 -0.13 -14.20
C LEU C 350 41.87 1.17 -13.43
N VAL C 351 42.66 2.20 -13.73
CA VAL C 351 42.47 3.51 -13.11
C VAL C 351 41.07 4.03 -13.42
N VAL C 352 40.64 3.90 -14.68
CA VAL C 352 39.30 4.37 -15.06
C VAL C 352 38.24 3.62 -14.27
N ALA C 353 38.26 2.28 -14.37
CA ALA C 353 37.28 1.47 -13.65
C ALA C 353 37.29 1.81 -12.15
N THR C 354 38.48 1.79 -11.55
CA THR C 354 38.57 2.12 -10.12
C THR C 354 38.06 3.53 -9.85
N PHE C 355 38.47 4.49 -10.69
CA PHE C 355 38.05 5.88 -10.48
C PHE C 355 36.54 6.00 -10.48
N VAL C 356 35.87 5.37 -11.44
CA VAL C 356 34.42 5.52 -11.56
C VAL C 356 33.71 4.68 -10.51
N VAL C 357 34.14 3.43 -10.32
CA VAL C 357 33.48 2.55 -9.36
C VAL C 357 33.40 3.21 -8.00
N PHE C 358 34.40 4.01 -7.65
CA PHE C 358 34.38 4.77 -6.40
C PHE C 358 33.82 6.18 -6.60
N LEU C 359 33.99 6.75 -7.78
CA LEU C 359 33.42 8.07 -8.05
C LEU C 359 31.90 8.01 -8.06
N THR C 360 31.34 6.94 -8.65
CA THR C 360 29.90 6.78 -8.70
C THR C 360 29.29 6.61 -7.32
N GLU C 361 30.11 6.40 -6.28
CA GLU C 361 29.59 6.29 -4.93
C GLU C 361 29.14 7.63 -4.37
N PHE C 362 29.68 8.73 -4.89
CA PHE C 362 29.36 10.06 -4.39
C PHE C 362 28.30 10.79 -5.23
N ALA C 363 28.13 10.41 -6.49
CA ALA C 363 27.21 11.10 -7.39
C ALA C 363 26.32 10.10 -8.11
N SER C 364 25.30 10.64 -8.79
CA SER C 364 24.34 9.81 -9.49
C SER C 364 25.02 8.97 -10.57
N ASN C 365 24.46 7.79 -10.83
CA ASN C 365 25.00 6.90 -11.85
C ASN C 365 24.99 7.58 -13.21
N THR C 366 23.82 7.99 -13.70
CA THR C 366 23.73 8.60 -15.01
C THR C 366 24.41 9.96 -15.05
N ALA C 367 24.26 10.74 -13.97
CA ALA C 367 24.94 12.04 -13.91
C ALA C 367 26.45 11.88 -14.07
N SER C 368 27.00 10.77 -13.55
CA SER C 368 28.43 10.54 -13.70
C SER C 368 28.78 10.16 -15.14
N ALA C 369 27.98 9.28 -15.75
CA ALA C 369 28.25 8.88 -17.13
C ALA C 369 28.11 10.06 -18.08
N ALA C 370 27.11 10.91 -17.87
CA ALA C 370 26.91 12.06 -18.73
C ALA C 370 28.13 12.98 -18.74
N LEU C 371 28.93 12.95 -17.67
CA LEU C 371 30.12 13.78 -17.57
C LEU C 371 31.36 13.08 -18.09
N LEU C 372 31.54 11.80 -17.76
CA LEU C 372 32.77 11.09 -18.10
C LEU C 372 32.75 10.50 -19.50
N ILE C 373 31.59 10.04 -19.98
CA ILE C 373 31.53 9.46 -21.32
C ILE C 373 32.01 10.43 -22.38
N PRO C 374 31.53 11.68 -22.43
CA PRO C 374 32.04 12.61 -23.45
C PRO C 374 33.52 12.91 -23.30
N VAL C 375 33.97 13.24 -22.09
CA VAL C 375 35.36 13.63 -21.88
C VAL C 375 36.30 12.53 -22.35
N PHE C 376 36.05 11.29 -21.92
CA PHE C 376 36.96 10.20 -22.25
C PHE C 376 36.83 9.79 -23.71
N ALA C 377 35.60 9.65 -24.20
CA ALA C 377 35.40 9.25 -25.59
C ALA C 377 36.03 10.25 -26.54
N THR C 378 35.91 11.54 -26.23
CA THR C 378 36.48 12.57 -27.10
C THR C 378 37.99 12.61 -26.97
N VAL C 379 38.51 12.47 -25.74
CA VAL C 379 39.95 12.39 -25.54
C VAL C 379 40.50 11.12 -26.17
N ALA C 380 39.82 9.99 -25.97
CA ALA C 380 40.22 8.75 -26.65
C ALA C 380 40.21 8.92 -28.15
N GLU C 381 39.30 9.73 -28.69
CA GLU C 381 39.32 10.00 -30.13
C GLU C 381 40.52 10.85 -30.52
N ALA C 382 40.95 11.76 -29.64
CA ALA C 382 42.15 12.53 -29.91
C ALA C 382 43.38 11.63 -29.95
N PHE C 383 43.37 10.54 -29.18
CA PHE C 383 44.44 9.55 -29.19
C PHE C 383 44.31 8.58 -30.35
N GLY C 384 43.34 8.78 -31.24
CA GLY C 384 43.14 7.85 -32.34
C GLY C 384 42.70 6.47 -31.92
N MET C 385 42.07 6.35 -30.77
CA MET C 385 41.61 5.06 -30.25
C MET C 385 40.10 4.95 -30.36
N SER C 386 39.62 3.75 -30.67
CA SER C 386 38.19 3.48 -30.78
C SER C 386 37.50 3.75 -29.45
N PRO C 387 36.63 4.76 -29.38
CA PRO C 387 35.97 5.08 -28.11
C PRO C 387 34.95 4.03 -27.66
N VAL C 388 34.75 2.95 -28.41
CA VAL C 388 33.77 1.95 -28.02
C VAL C 388 34.15 1.32 -26.69
N LEU C 389 35.41 0.92 -26.55
CA LEU C 389 35.85 0.24 -25.34
C LEU C 389 35.66 1.11 -24.10
N LEU C 390 36.30 2.29 -24.08
CA LEU C 390 36.22 3.16 -22.92
C LEU C 390 34.78 3.54 -22.60
N SER C 391 33.96 3.75 -23.62
CA SER C 391 32.58 4.18 -23.40
C SER C 391 31.76 3.09 -22.72
N VAL C 392 31.76 1.88 -23.30
CA VAL C 392 30.98 0.78 -22.73
C VAL C 392 31.42 0.50 -21.29
N LEU C 393 32.72 0.57 -21.03
CA LEU C 393 33.22 0.33 -19.68
C LEU C 393 32.59 1.29 -18.68
N ILE C 394 32.69 2.60 -18.95
CA ILE C 394 32.13 3.59 -18.03
C ILE C 394 30.64 3.36 -17.82
N ALA C 395 29.92 3.01 -18.89
CA ALA C 395 28.49 2.79 -18.75
C ALA C 395 28.20 1.61 -17.83
N VAL C 396 29.06 0.60 -17.83
CA VAL C 396 28.86 -0.56 -16.96
C VAL C 396 29.32 -0.23 -15.54
N ALA C 397 30.53 0.31 -15.40
CA ALA C 397 31.04 0.65 -14.08
C ALA C 397 30.18 1.71 -13.41
N ALA C 398 29.49 2.54 -14.19
CA ALA C 398 28.62 3.55 -13.60
C ALA C 398 27.47 2.91 -12.83
N SER C 399 27.08 1.70 -13.21
CA SER C 399 26.01 0.96 -12.54
C SER C 399 26.54 0.03 -11.46
N CYS C 400 27.75 0.28 -10.95
CA CYS C 400 28.34 -0.55 -9.92
C CYS C 400 28.42 0.20 -8.60
N ALA C 401 27.28 0.67 -8.11
CA ALA C 401 27.19 1.38 -6.84
C ALA C 401 26.65 0.43 -5.79
N PHE C 402 27.50 0.05 -4.84
CA PHE C 402 27.15 -0.94 -3.83
C PHE C 402 27.43 -0.52 -2.40
N MET C 403 28.27 0.49 -2.17
CA MET C 403 28.59 0.92 -0.81
C MET C 403 27.44 1.75 -0.22
N LEU C 404 27.76 2.92 0.33
CA LEU C 404 26.78 3.74 1.01
C LEU C 404 25.59 4.04 0.12
N PRO C 405 24.47 4.54 0.68
CA PRO C 405 23.35 4.97 -0.15
C PRO C 405 23.65 6.28 -0.87
N VAL C 406 22.61 6.93 -1.38
CA VAL C 406 22.76 8.20 -2.10
C VAL C 406 23.47 7.95 -3.44
N ALA C 407 24.08 6.78 -3.58
CA ALA C 407 24.71 6.42 -4.85
C ALA C 407 23.67 6.03 -5.89
N THR C 408 22.72 5.16 -5.52
CA THR C 408 21.68 4.74 -6.43
C THR C 408 20.35 4.63 -5.70
N PRO C 409 19.26 5.02 -6.33
CA PRO C 409 17.93 4.98 -5.67
C PRO C 409 17.63 3.61 -5.10
N PRO C 410 17.86 2.53 -5.86
CA PRO C 410 17.63 1.18 -5.30
C PRO C 410 18.23 0.97 -3.93
N ASN C 411 19.39 1.57 -3.64
CA ASN C 411 19.98 1.44 -2.31
C ASN C 411 19.09 2.08 -1.26
N ALA C 412 18.63 3.31 -1.51
CA ALA C 412 17.79 4.02 -0.56
C ALA C 412 16.37 3.46 -0.49
N ILE C 413 15.96 2.62 -1.44
CA ILE C 413 14.63 2.03 -1.39
C ILE C 413 14.56 0.94 -0.34
N VAL C 414 15.51 0.00 -0.37
CA VAL C 414 15.61 -1.01 0.67
C VAL C 414 16.11 -0.44 1.98
N PHE C 415 16.69 0.76 1.96
CA PHE C 415 17.16 1.40 3.18
C PHE C 415 16.02 2.10 3.91
N ALA C 416 15.03 2.62 3.19
CA ALA C 416 13.88 3.25 3.83
C ALA C 416 13.06 2.27 4.66
N SER C 417 13.36 0.97 4.57
CA SER C 417 12.70 -0.03 5.40
C SER C 417 13.07 0.08 6.87
N GLY C 418 13.90 1.06 7.23
CA GLY C 418 14.28 1.28 8.62
C GLY C 418 14.85 0.06 9.31
N HIS C 419 15.81 -0.61 8.67
CA HIS C 419 16.40 -1.80 9.26
C HIS C 419 17.88 -1.95 8.90
N ILE C 420 18.23 -1.73 7.64
CA ILE C 420 19.60 -1.94 7.18
C ILE C 420 20.47 -0.78 7.66
N LYS C 421 21.60 -1.11 8.27
CA LYS C 421 22.49 -0.10 8.85
C LYS C 421 23.41 0.48 7.79
N GLN C 422 23.82 1.74 8.01
CA GLN C 422 24.77 2.39 7.12
C GLN C 422 26.09 1.64 7.07
N SER C 423 26.65 1.31 8.24
CA SER C 423 27.96 0.66 8.28
C SER C 423 27.95 -0.71 7.61
N GLU C 424 26.83 -1.43 7.69
CA GLU C 424 26.76 -2.75 7.06
C GLU C 424 27.06 -2.67 5.57
N MET C 425 26.37 -1.79 4.85
CA MET C 425 26.57 -1.68 3.41
C MET C 425 27.92 -1.09 3.05
N MET C 426 28.46 -0.19 3.89
CA MET C 426 29.71 0.48 3.57
C MET C 426 30.87 -0.50 3.39
N ARG C 427 30.81 -1.69 3.97
CA ARG C 427 31.90 -2.65 3.82
C ARG C 427 31.56 -3.83 2.91
N VAL C 428 30.28 -4.17 2.75
CA VAL C 428 29.90 -5.16 1.76
C VAL C 428 30.14 -4.61 0.36
N GLY C 429 29.88 -3.31 0.17
CA GLY C 429 30.18 -2.69 -1.12
C GLY C 429 31.67 -2.50 -1.32
N LEU C 430 32.39 -2.18 -0.25
CA LEU C 430 33.85 -2.06 -0.35
C LEU C 430 34.48 -3.37 -0.81
N TYR C 431 33.87 -4.50 -0.44
CA TYR C 431 34.32 -5.79 -0.95
C TYR C 431 33.84 -6.01 -2.37
N LEU C 432 32.53 -5.78 -2.61
CA LEU C 432 31.98 -5.95 -3.95
C LEU C 432 32.58 -4.96 -4.95
N ASN C 433 32.89 -3.74 -4.50
CA ASN C 433 33.49 -2.76 -5.40
C ASN C 433 34.80 -3.29 -5.98
N ILE C 434 35.73 -3.67 -5.10
CA ILE C 434 36.98 -4.26 -5.57
C ILE C 434 36.70 -5.50 -6.39
N ALA C 435 35.68 -6.27 -6.00
CA ALA C 435 35.31 -7.47 -6.75
C ALA C 435 34.91 -7.13 -8.18
N CYS C 436 34.17 -6.03 -8.35
CA CYS C 436 33.72 -5.65 -9.70
C CYS C 436 34.87 -5.06 -10.51
N ILE C 437 35.68 -4.20 -9.89
CA ILE C 437 36.82 -3.61 -10.59
C ILE C 437 37.68 -4.70 -11.22
N GLY C 438 37.82 -5.84 -10.54
CA GLY C 438 38.54 -6.95 -11.12
C GLY C 438 37.80 -7.57 -12.29
N LEU C 439 36.54 -7.93 -12.08
CA LEU C 439 35.75 -8.55 -13.15
C LEU C 439 35.72 -7.68 -14.39
N LEU C 440 35.54 -6.36 -14.21
CA LEU C 440 35.47 -5.46 -15.35
C LEU C 440 36.81 -5.38 -16.07
N THR C 441 37.87 -4.99 -15.36
CA THR C 441 39.19 -4.88 -15.96
C THR C 441 39.60 -6.17 -16.64
N ALA C 442 39.21 -7.32 -16.08
CA ALA C 442 39.51 -8.60 -16.72
C ALA C 442 38.80 -8.72 -18.07
N ILE C 443 37.48 -8.56 -18.07
CA ILE C 443 36.71 -8.67 -19.30
C ILE C 443 37.18 -7.62 -20.32
N ALA C 444 37.54 -6.43 -19.84
CA ALA C 444 37.99 -5.38 -20.75
C ALA C 444 39.24 -5.79 -21.51
N MET C 445 40.11 -6.60 -20.90
CA MET C 445 41.29 -7.07 -21.61
C MET C 445 40.93 -8.16 -22.62
N LEU C 446 39.97 -9.02 -22.28
CA LEU C 446 39.54 -10.05 -23.22
C LEU C 446 38.83 -9.45 -24.42
N PHE C 447 37.98 -8.46 -24.20
CA PHE C 447 37.30 -7.77 -25.28
C PHE C 447 38.24 -6.83 -26.01
N TRP C 448 39.24 -7.38 -26.69
CA TRP C 448 40.18 -6.58 -27.45
C TRP C 448 40.32 -7.15 -28.87
N GLN C 449 40.75 -8.40 -28.96
CA GLN C 449 40.84 -9.08 -30.24
C GLN C 449 40.38 -10.53 -30.12
N HIS D 6 -13.71 -2.66 -31.63
CA HIS D 6 -13.96 -1.32 -31.15
C HIS D 6 -14.04 -0.32 -32.31
N ARG D 7 -14.66 0.83 -32.06
CA ARG D 7 -14.80 1.85 -33.10
C ARG D 7 -13.44 2.30 -33.62
N ASN D 8 -12.57 2.77 -32.73
CA ASN D 8 -11.30 3.34 -33.17
C ASN D 8 -10.42 2.29 -33.83
N SER D 9 -10.46 1.05 -33.33
CA SER D 9 -9.70 -0.01 -33.97
C SER D 9 -10.12 -0.21 -35.42
N LEU D 10 -11.37 0.13 -35.74
CA LEU D 10 -11.84 0.02 -37.12
C LEU D 10 -11.42 1.24 -37.95
N ILE D 11 -11.56 2.44 -37.37
CA ILE D 11 -11.15 3.65 -38.07
C ILE D 11 -9.71 3.55 -38.55
N VAL D 12 -8.85 2.94 -37.73
CA VAL D 12 -7.45 2.75 -38.13
C VAL D 12 -7.38 1.87 -39.37
N LEU D 13 -8.07 0.74 -39.36
CA LEU D 13 -8.05 -0.16 -40.51
C LEU D 13 -8.69 0.50 -41.73
N ALA D 14 -9.77 1.26 -41.51
CA ALA D 14 -10.39 1.98 -42.63
C ALA D 14 -9.42 3.00 -43.23
N ASP D 15 -8.59 3.62 -42.39
CA ASP D 15 -7.59 4.55 -42.89
C ASP D 15 -6.46 3.82 -43.61
N VAL D 16 -6.08 2.65 -43.09
CA VAL D 16 -5.04 1.85 -43.76
C VAL D 16 -5.49 1.46 -45.16
N ALA D 17 -6.77 1.08 -45.30
CA ALA D 17 -7.29 0.75 -46.62
C ALA D 17 -7.24 1.94 -47.56
N LEU D 18 -7.70 3.10 -47.09
CA LEU D 18 -7.66 4.30 -47.93
C LEU D 18 -6.25 4.57 -48.45
N PHE D 19 -5.25 4.42 -47.58
CA PHE D 19 -3.86 4.61 -48.01
C PHE D 19 -3.49 3.61 -49.10
N LEU D 20 -3.69 2.32 -48.84
CA LEU D 20 -3.37 1.30 -49.83
C LEU D 20 -4.09 1.57 -51.15
N ALA D 21 -5.35 1.99 -51.09
CA ALA D 21 -6.10 2.28 -52.30
C ALA D 21 -5.44 3.40 -53.10
N LEU D 22 -5.26 4.57 -52.48
CA LEU D 22 -4.62 5.68 -53.16
C LEU D 22 -3.23 5.32 -53.65
N TYR D 23 -2.53 4.43 -52.94
CA TYR D 23 -1.16 4.08 -53.32
C TYR D 23 -1.12 3.43 -54.69
N HIS D 24 -1.99 2.45 -54.94
CA HIS D 24 -1.93 1.67 -56.17
C HIS D 24 -2.74 2.26 -57.32
N PHE D 25 -3.69 3.16 -57.03
CA PHE D 25 -4.63 3.62 -58.06
C PHE D 25 -4.39 5.03 -58.55
N LEU D 26 -3.78 5.90 -57.73
CA LEU D 26 -3.56 7.27 -58.16
C LEU D 26 -2.60 7.30 -59.35
N PRO D 27 -2.95 7.95 -60.45
CA PRO D 27 -2.09 7.94 -61.64
C PRO D 27 -1.21 9.18 -61.75
N PHE D 28 -0.42 9.45 -60.72
CA PHE D 28 0.46 10.62 -60.69
C PHE D 28 1.90 10.16 -60.47
N GLU D 29 2.82 11.13 -60.53
CA GLU D 29 4.21 10.84 -60.22
C GLU D 29 4.31 10.16 -58.87
N HIS D 30 5.17 9.13 -58.79
CA HIS D 30 5.20 8.26 -57.63
C HIS D 30 5.32 9.06 -56.33
N ASN D 31 6.21 10.05 -56.31
CA ASN D 31 6.39 10.85 -55.10
C ASN D 31 5.11 11.58 -54.72
N VAL D 32 4.45 12.19 -55.71
CA VAL D 32 3.19 12.88 -55.44
C VAL D 32 2.14 11.91 -54.92
N VAL D 33 2.10 10.71 -55.50
CA VAL D 33 1.15 9.69 -55.03
C VAL D 33 1.43 9.34 -53.58
N LEU D 34 2.70 9.10 -53.25
CA LEU D 34 3.07 8.79 -51.87
C LEU D 34 2.69 9.93 -50.93
N GLY D 35 3.01 11.17 -51.32
CA GLY D 35 2.64 12.30 -50.49
C GLY D 35 1.14 12.46 -50.35
N ILE D 36 0.41 12.27 -51.44
CA ILE D 36 -1.05 12.36 -51.38
C ILE D 36 -1.61 11.24 -50.51
N SER D 37 -1.15 10.01 -50.74
CA SER D 37 -1.64 8.88 -49.94
C SER D 37 -1.37 9.10 -48.45
N MET D 38 -0.13 9.47 -48.12
CA MET D 38 0.21 9.69 -46.71
C MET D 38 -0.61 10.82 -46.10
N LEU D 39 -0.77 11.92 -46.84
CA LEU D 39 -1.51 13.06 -46.32
C LEU D 39 -2.92 12.65 -45.89
N ALA D 40 -3.61 11.90 -46.75
CA ALA D 40 -4.94 11.41 -46.39
C ALA D 40 -4.90 10.54 -45.14
N PHE D 41 -3.91 9.66 -45.05
CA PHE D 41 -3.76 8.79 -43.88
C PHE D 41 -3.71 9.60 -42.59
N ILE D 42 -2.75 10.51 -42.49
CA ILE D 42 -2.57 11.28 -41.26
C ILE D 42 -3.82 12.10 -40.95
N ALA D 43 -4.43 12.69 -41.97
CA ALA D 43 -5.61 13.51 -41.76
C ALA D 43 -6.68 12.78 -40.95
N VAL D 44 -6.95 11.52 -41.32
CA VAL D 44 -7.95 10.74 -40.59
C VAL D 44 -7.51 10.50 -39.15
N LEU D 45 -6.30 9.95 -38.98
CA LEU D 45 -5.82 9.61 -37.64
C LEU D 45 -5.79 10.80 -36.71
N TRP D 46 -5.69 12.01 -37.23
CA TRP D 46 -5.66 13.21 -36.40
C TRP D 46 -7.02 13.86 -36.22
N LEU D 47 -7.89 13.78 -37.22
CA LEU D 47 -9.23 14.37 -37.10
C LEU D 47 -10.18 13.45 -36.36
N THR D 48 -10.17 12.16 -36.69
CA THR D 48 -11.00 11.20 -35.97
C THR D 48 -10.42 10.87 -34.61
N GLU D 49 -9.10 10.95 -34.47
CA GLU D 49 -8.40 10.64 -33.23
C GLU D 49 -8.57 9.17 -32.84
N ALA D 50 -8.67 8.28 -33.84
CA ALA D 50 -8.64 6.85 -33.54
C ALA D 50 -7.39 6.51 -32.76
N LEU D 51 -6.24 7.06 -33.16
CA LEU D 51 -5.01 7.01 -32.39
C LEU D 51 -4.72 8.39 -31.83
N HIS D 52 -4.13 8.43 -30.64
CA HIS D 52 -3.84 9.70 -29.99
C HIS D 52 -3.06 10.60 -30.93
N VAL D 53 -3.46 11.88 -30.98
CA VAL D 53 -2.83 12.89 -31.82
C VAL D 53 -1.32 12.73 -31.81
N THR D 54 -0.76 12.46 -30.63
CA THR D 54 0.68 12.29 -30.52
C THR D 54 1.14 10.99 -31.17
N VAL D 55 0.33 9.92 -31.05
CA VAL D 55 0.70 8.66 -31.69
C VAL D 55 0.72 8.81 -33.21
N THR D 56 -0.23 9.56 -33.76
CA THR D 56 -0.20 9.83 -35.20
C THR D 56 1.04 10.65 -35.57
N ALA D 57 1.39 11.63 -34.74
CA ALA D 57 2.61 12.40 -34.99
C ALA D 57 3.83 11.50 -35.01
N ILE D 58 3.91 10.55 -34.07
CA ILE D 58 5.02 9.61 -34.05
C ILE D 58 4.97 8.70 -35.26
N LEU D 59 3.77 8.48 -35.82
CA LEU D 59 3.61 7.62 -36.98
C LEU D 59 4.14 8.28 -38.25
N VAL D 60 4.20 9.60 -38.29
CA VAL D 60 4.65 10.34 -39.47
C VAL D 60 6.07 9.93 -39.84
N PRO D 61 7.05 10.08 -38.94
CA PRO D 61 8.44 9.77 -39.33
C PRO D 61 8.67 8.31 -39.68
N VAL D 62 8.09 7.38 -38.93
CA VAL D 62 8.32 5.96 -39.20
C VAL D 62 7.92 5.60 -40.63
N MET D 63 6.96 6.32 -41.20
CA MET D 63 6.56 6.08 -42.58
C MET D 63 7.62 6.61 -43.55
N ALA D 64 7.98 7.90 -43.40
CA ALA D 64 8.95 8.51 -44.31
C ALA D 64 10.26 7.72 -44.38
N VAL D 65 10.68 7.13 -43.26
CA VAL D 65 11.96 6.43 -43.23
C VAL D 65 11.89 5.15 -44.05
N PHE D 66 10.82 4.37 -43.86
CA PHE D 66 10.74 3.08 -44.53
C PHE D 66 10.46 3.23 -46.02
N PHE D 67 9.80 4.31 -46.43
CA PHE D 67 9.48 4.56 -47.83
C PHE D 67 10.54 5.39 -48.54
N GLY D 68 11.78 5.39 -48.04
CA GLY D 68 12.88 6.04 -48.71
C GLY D 68 12.78 7.55 -48.79
N ILE D 69 11.78 8.17 -48.15
CA ILE D 69 11.66 9.61 -48.18
C ILE D 69 12.83 10.27 -47.47
N PHE D 70 13.14 9.79 -46.26
CA PHE D 70 14.24 10.34 -45.48
C PHE D 70 15.00 9.20 -44.80
N GLU D 71 16.20 9.52 -44.32
CA GLU D 71 16.94 8.63 -43.44
C GLU D 71 16.50 8.86 -41.99
N THR D 72 16.70 7.83 -41.17
CA THR D 72 16.17 7.85 -39.81
C THR D 72 16.51 9.16 -39.08
N GLN D 73 17.80 9.42 -38.87
CA GLN D 73 18.20 10.55 -38.05
C GLN D 73 17.68 11.88 -38.60
N ALA D 74 17.63 12.01 -39.92
CA ALA D 74 17.15 13.26 -40.51
C ALA D 74 15.71 13.56 -40.11
N ALA D 75 14.86 12.53 -40.07
CA ALA D 75 13.46 12.74 -39.74
C ALA D 75 13.28 13.15 -38.28
N LEU D 76 13.97 12.47 -37.35
CA LEU D 76 13.79 12.75 -35.93
C LEU D 76 14.15 14.19 -35.58
N ASN D 77 15.11 14.78 -36.29
CA ASN D 77 15.58 16.12 -35.93
C ASN D 77 14.47 17.15 -35.89
N ASN D 78 13.35 16.91 -36.59
CA ASN D 78 12.26 17.88 -36.57
C ASN D 78 11.70 18.07 -35.17
N PHE D 79 11.72 17.02 -34.34
CA PHE D 79 11.16 17.10 -32.99
C PHE D 79 11.99 17.94 -32.04
N ALA D 80 13.06 18.59 -32.52
CA ALA D 80 13.90 19.43 -31.68
C ALA D 80 13.85 20.89 -32.12
N ASN D 81 12.78 21.29 -32.81
CA ASN D 81 12.65 22.67 -33.24
C ASN D 81 12.66 23.61 -32.05
N SER D 82 13.19 24.82 -32.26
CA SER D 82 13.30 25.79 -31.18
C SER D 82 11.93 26.12 -30.58
N ILE D 83 10.87 26.03 -31.38
CA ILE D 83 9.54 26.34 -30.87
C ILE D 83 9.13 25.31 -29.82
N ILE D 84 9.50 24.04 -30.03
CA ILE D 84 9.19 23.02 -29.04
C ILE D 84 9.78 23.39 -27.69
N PHE D 85 11.06 23.78 -27.68
CA PHE D 85 11.68 24.23 -26.44
C PHE D 85 11.09 25.55 -25.96
N LEU D 86 10.71 26.43 -26.89
CA LEU D 86 10.00 27.65 -26.50
C LEU D 86 8.68 27.31 -25.82
N PHE D 87 7.95 26.32 -26.35
CA PHE D 87 6.71 25.90 -25.71
C PHE D 87 6.99 25.15 -24.42
N LEU D 88 8.06 24.35 -24.39
CA LEU D 88 8.46 23.68 -23.16
C LEU D 88 8.84 24.67 -22.08
N GLY D 89 9.43 25.80 -22.45
CA GLY D 89 9.73 26.83 -21.47
C GLY D 89 8.48 27.41 -20.85
N GLY D 90 7.45 27.63 -21.65
CA GLY D 90 6.18 28.09 -21.11
C GLY D 90 5.53 27.10 -20.18
N PHE D 91 5.84 25.81 -20.36
CA PHE D 91 5.30 24.79 -19.48
C PHE D 91 5.94 24.87 -18.10
N ALA D 92 7.27 24.98 -18.04
CA ALA D 92 7.95 25.13 -16.76
C ALA D 92 7.62 26.45 -16.10
N LEU D 93 7.33 27.50 -16.88
CA LEU D 93 6.95 28.78 -16.30
C LEU D 93 5.60 28.69 -15.60
N ALA D 94 4.66 27.94 -16.16
CA ALA D 94 3.36 27.75 -15.51
C ALA D 94 3.50 26.84 -14.30
N ALA D 95 4.18 25.71 -14.46
CA ALA D 95 4.38 24.80 -13.32
C ALA D 95 5.01 25.52 -12.14
N ALA D 96 5.89 26.49 -12.41
CA ALA D 96 6.54 27.22 -11.33
C ALA D 96 5.52 28.01 -10.51
N MET D 97 4.74 28.86 -11.18
CA MET D 97 3.77 29.71 -10.48
C MET D 97 2.52 28.96 -10.03
N HIS D 98 2.37 27.68 -10.39
CA HIS D 98 1.29 26.88 -9.86
C HIS D 98 1.70 26.22 -8.54
N HIS D 99 2.86 25.56 -8.53
CA HIS D 99 3.40 25.05 -7.27
C HIS D 99 3.56 26.17 -6.26
N GLN D 100 3.85 27.39 -6.74
CA GLN D 100 3.96 28.55 -5.86
C GLN D 100 2.61 29.07 -5.40
N GLY D 101 1.52 28.78 -6.10
CA GLY D 101 0.21 29.28 -5.73
C GLY D 101 -0.12 30.66 -6.27
N LEU D 102 0.64 31.16 -7.24
CA LEU D 102 0.43 32.50 -7.77
C LEU D 102 -0.89 32.68 -8.51
N ASP D 103 -1.58 31.59 -8.86
CA ASP D 103 -2.84 31.72 -9.59
C ASP D 103 -4.00 32.07 -8.67
N LYS D 104 -4.00 31.55 -7.44
CA LYS D 104 -5.08 31.87 -6.50
C LYS D 104 -5.04 33.34 -6.10
N VAL D 105 -3.85 33.84 -5.73
CA VAL D 105 -3.74 35.25 -5.35
C VAL D 105 -4.11 36.14 -6.52
N ILE D 106 -3.84 35.68 -7.75
CA ILE D 106 -4.27 36.44 -8.92
C ILE D 106 -5.79 36.40 -9.04
N ALA D 107 -6.43 35.35 -8.51
CA ALA D 107 -7.88 35.27 -8.54
C ALA D 107 -8.49 36.02 -7.35
N ASP D 108 -7.88 35.93 -6.17
CA ASP D 108 -8.42 36.58 -4.99
C ASP D 108 -8.31 38.10 -5.10
N LYS D 109 -7.10 38.61 -5.33
CA LYS D 109 -6.89 40.05 -5.39
C LYS D 109 -7.79 40.72 -6.43
N VAL D 110 -8.14 40.01 -7.50
CA VAL D 110 -9.02 40.58 -8.52
C VAL D 110 -10.49 40.31 -8.20
N LEU D 111 -10.83 39.05 -7.89
CA LEU D 111 -12.21 38.73 -7.56
C LEU D 111 -12.66 39.44 -6.30
N ALA D 112 -11.74 39.66 -5.35
CA ALA D 112 -12.07 40.40 -4.15
C ALA D 112 -12.10 41.91 -4.38
N MET D 113 -11.48 42.39 -5.46
CA MET D 113 -11.60 43.81 -5.79
C MET D 113 -13.06 44.19 -5.98
N ALA D 114 -13.86 43.29 -6.55
CA ALA D 114 -15.31 43.44 -6.53
C ALA D 114 -15.80 43.15 -5.12
N GLN D 115 -16.45 44.15 -4.49
CA GLN D 115 -16.83 44.02 -3.10
C GLN D 115 -17.56 42.71 -2.84
N GLY D 116 -18.62 42.44 -3.61
CA GLY D 116 -19.35 41.20 -3.44
C GLY D 116 -20.51 41.07 -4.42
N LYS D 117 -20.49 41.85 -5.49
CA LYS D 117 -21.56 41.83 -6.48
C LYS D 117 -21.38 40.60 -7.36
N MET D 118 -22.20 39.57 -7.13
CA MET D 118 -22.15 38.38 -7.97
C MET D 118 -22.65 38.65 -9.37
N SER D 119 -23.57 39.62 -9.54
CA SER D 119 -24.10 39.92 -10.86
C SER D 119 -23.02 40.31 -11.84
N VAL D 120 -22.17 41.27 -11.45
CA VAL D 120 -21.06 41.71 -12.28
C VAL D 120 -19.80 40.87 -12.07
N ALA D 121 -19.88 39.85 -11.21
CA ALA D 121 -18.72 38.99 -10.95
C ALA D 121 -18.30 38.23 -12.20
N VAL D 122 -19.27 37.72 -12.96
CA VAL D 122 -18.93 36.93 -14.15
C VAL D 122 -17.97 37.68 -15.04
N PHE D 123 -18.14 39.00 -15.16
CA PHE D 123 -17.23 39.79 -15.98
C PHE D 123 -15.80 39.66 -15.48
N MET D 124 -15.60 39.65 -14.16
CA MET D 124 -14.26 39.43 -13.62
C MET D 124 -13.80 37.99 -13.86
N LEU D 125 -14.74 37.05 -13.98
CA LEU D 125 -14.38 35.67 -14.30
C LEU D 125 -13.82 35.55 -15.71
N PHE D 126 -14.33 36.35 -16.65
CA PHE D 126 -13.86 36.28 -18.02
C PHE D 126 -12.47 36.87 -18.16
N GLY D 127 -12.25 38.05 -17.60
CA GLY D 127 -10.95 38.69 -17.70
C GLY D 127 -9.83 37.86 -17.12
N VAL D 128 -10.12 37.09 -16.08
CA VAL D 128 -9.11 36.22 -15.49
C VAL D 128 -8.99 34.93 -16.28
N THR D 129 -10.11 34.32 -16.65
CA THR D 129 -10.07 33.11 -17.46
C THR D 129 -9.33 33.35 -18.76
N ALA D 130 -9.54 34.51 -19.38
CA ALA D 130 -8.86 34.83 -20.63
C ALA D 130 -7.39 35.18 -20.39
N LEU D 131 -7.14 36.06 -19.42
CA LEU D 131 -5.76 36.47 -19.13
C LEU D 131 -4.91 35.30 -18.67
N LEU D 132 -5.51 34.36 -17.92
CA LEU D 132 -4.76 33.19 -17.48
C LEU D 132 -4.42 32.27 -18.65
N SER D 133 -5.33 32.16 -19.63
CA SER D 133 -5.06 31.34 -20.80
C SER D 133 -3.96 31.92 -21.66
N MET D 134 -3.67 33.21 -21.53
CA MET D 134 -2.62 33.84 -22.32
C MET D 134 -1.27 33.17 -22.12
N TRP D 135 -1.05 32.54 -20.96
CA TRP D 135 0.28 32.03 -20.62
C TRP D 135 0.23 30.57 -20.21
N ILE D 136 -0.91 30.12 -19.69
CA ILE D 136 -1.04 28.76 -19.19
C ILE D 136 -1.48 27.83 -20.31
N SER D 137 -2.77 27.91 -20.67
CA SER D 137 -3.35 27.01 -21.66
C SER D 137 -4.83 27.30 -21.84
N ASN D 138 -5.54 26.39 -22.49
CA ASN D 138 -6.98 26.50 -22.67
C ASN D 138 -7.75 25.45 -21.88
N THR D 139 -7.41 24.18 -22.04
CA THR D 139 -8.03 23.12 -21.25
C THR D 139 -7.80 23.33 -19.75
N ALA D 140 -6.58 23.72 -19.38
CA ALA D 140 -6.27 23.91 -17.96
C ALA D 140 -7.02 25.10 -17.37
N THR D 141 -7.15 26.19 -18.13
CA THR D 141 -7.86 27.37 -17.62
C THR D 141 -9.31 27.06 -17.34
N ALA D 142 -9.94 26.21 -18.15
CA ALA D 142 -11.34 25.86 -17.92
C ALA D 142 -11.50 25.02 -16.66
N ALA D 143 -10.67 23.98 -16.52
CA ALA D 143 -10.78 23.11 -15.34
C ALA D 143 -10.46 23.87 -14.06
N MET D 144 -9.61 24.89 -14.14
CA MET D 144 -9.29 25.68 -12.96
C MET D 144 -10.37 26.69 -12.61
N MET D 145 -11.12 27.15 -13.60
CA MET D 145 -12.16 28.16 -13.35
C MET D 145 -13.47 27.52 -12.89
N LEU D 146 -13.76 26.30 -13.31
CA LEU D 146 -15.02 25.65 -12.95
C LEU D 146 -15.28 25.67 -11.45
N PRO D 147 -14.38 25.20 -10.58
CA PRO D 147 -14.63 25.31 -9.15
C PRO D 147 -14.81 26.75 -8.70
N LEU D 148 -14.04 27.68 -9.28
CA LEU D 148 -14.20 29.09 -8.97
C LEU D 148 -15.43 29.70 -9.64
N VAL D 149 -15.92 29.08 -10.71
CA VAL D 149 -17.16 29.51 -11.34
C VAL D 149 -18.37 28.86 -10.69
N LEU D 150 -18.31 27.55 -10.43
CA LEU D 150 -19.38 26.88 -9.71
C LEU D 150 -19.34 27.14 -8.22
N GLY D 151 -18.75 28.26 -7.80
CA GLY D 151 -18.73 28.69 -6.42
C GLY D 151 -19.39 30.05 -6.33
N VAL D 152 -19.07 30.91 -7.28
CA VAL D 152 -19.75 32.20 -7.41
C VAL D 152 -21.21 31.98 -7.78
N LEU D 153 -21.48 30.99 -8.63
CA LEU D 153 -22.83 30.69 -9.06
C LEU D 153 -23.63 29.95 -7.98
N SER D 154 -23.16 30.03 -6.73
CA SER D 154 -23.85 29.42 -5.60
C SER D 154 -24.79 30.37 -4.87
N LYS D 155 -24.45 31.67 -4.81
CA LYS D 155 -25.37 32.65 -4.25
C LYS D 155 -26.63 32.77 -5.09
N VAL D 156 -26.52 32.46 -6.37
CA VAL D 156 -27.67 32.38 -7.25
C VAL D 156 -27.65 30.94 -7.73
N ASP D 157 -28.18 30.05 -6.89
CA ASP D 157 -28.09 28.62 -7.08
C ASP D 157 -29.30 28.04 -7.79
N ALA D 158 -30.38 28.81 -7.88
CA ALA D 158 -31.60 28.39 -8.56
C ALA D 158 -31.31 27.81 -9.93
N ASP D 159 -30.90 26.54 -9.98
CA ASP D 159 -30.68 25.89 -11.27
C ASP D 159 -31.89 26.05 -12.17
N LYS D 160 -33.07 26.29 -11.58
CA LYS D 160 -34.22 26.70 -12.38
C LYS D 160 -33.92 28.02 -13.08
N GLN D 161 -33.11 28.87 -12.47
CA GLN D 161 -32.61 30.08 -13.10
C GLN D 161 -31.33 29.69 -13.84
N ARG D 162 -31.46 29.43 -15.14
CA ARG D 162 -30.35 28.92 -15.92
C ARG D 162 -29.71 29.98 -16.82
N SER D 163 -30.46 30.97 -17.29
CA SER D 163 -29.89 32.03 -18.11
C SER D 163 -28.97 32.95 -17.33
N THR D 164 -28.80 32.74 -16.02
CA THR D 164 -27.82 33.48 -15.24
C THR D 164 -26.77 32.54 -14.66
N TYR D 165 -26.75 31.30 -15.11
CA TYR D 165 -25.88 30.21 -14.66
C TYR D 165 -25.15 29.57 -15.82
N VAL D 166 -25.85 29.30 -16.92
CA VAL D 166 -25.18 28.79 -18.12
C VAL D 166 -24.38 29.88 -18.80
N PHE D 167 -24.87 31.12 -18.76
CA PHE D 167 -24.12 32.23 -19.36
C PHE D 167 -22.74 32.36 -18.73
N VAL D 168 -22.64 32.10 -17.43
CA VAL D 168 -21.36 32.21 -16.74
C VAL D 168 -20.49 30.98 -16.98
N LEU D 169 -21.09 29.84 -17.34
CA LEU D 169 -20.31 28.65 -17.64
C LEU D 169 -19.79 28.69 -19.06
N LEU D 170 -20.67 28.99 -20.03
CA LEU D 170 -20.24 29.15 -21.42
C LEU D 170 -19.32 30.35 -21.61
N GLY D 171 -19.36 31.32 -20.69
CA GLY D 171 -18.50 32.48 -20.83
C GLY D 171 -17.04 32.13 -20.61
N VAL D 172 -16.74 31.40 -19.53
CA VAL D 172 -15.37 31.01 -19.27
C VAL D 172 -14.92 29.93 -20.26
N ALA D 173 -15.83 29.06 -20.68
CA ALA D 173 -15.48 28.05 -21.67
C ALA D 173 -15.03 28.68 -22.99
N TYR D 174 -15.51 29.89 -23.28
CA TYR D 174 -15.07 30.61 -24.46
C TYR D 174 -13.86 31.48 -24.18
N SER D 175 -13.82 32.12 -23.01
CA SER D 175 -12.66 32.95 -22.66
C SER D 175 -11.38 32.13 -22.61
N ALA D 176 -11.47 30.86 -22.21
CA ALA D 176 -10.28 30.02 -22.17
C ALA D 176 -9.73 29.77 -23.57
N SER D 177 -10.62 29.62 -24.56
CA SER D 177 -10.16 29.41 -25.93
C SER D 177 -9.69 30.71 -26.57
N ILE D 178 -10.35 31.82 -26.26
CA ILE D 178 -9.94 33.11 -26.81
C ILE D 178 -8.66 33.59 -26.16
N GLY D 179 -8.51 33.35 -24.85
CA GLY D 179 -7.30 33.77 -24.17
C GLY D 179 -6.05 33.08 -24.69
N GLY D 180 -6.19 31.85 -25.19
CA GLY D 180 -5.05 31.14 -25.74
C GLY D 180 -4.58 31.67 -27.08
N ILE D 181 -5.30 32.62 -27.67
CA ILE D 181 -4.93 33.21 -28.95
C ILE D 181 -4.21 34.55 -28.76
N ALA D 182 -3.83 34.88 -27.53
CA ALA D 182 -3.19 36.15 -27.24
C ALA D 182 -1.68 36.10 -27.43
N THR D 183 -1.06 34.98 -27.10
CA THR D 183 0.39 34.83 -27.16
C THR D 183 0.74 33.52 -27.87
N LEU D 184 2.01 33.40 -28.24
CA LEU D 184 2.47 32.17 -28.88
C LEU D 184 2.21 30.96 -27.98
N VAL D 185 2.40 31.13 -26.68
CA VAL D 185 2.03 30.12 -25.71
C VAL D 185 0.57 30.33 -25.34
N GLY D 186 -0.14 29.23 -25.11
CA GLY D 186 -1.56 29.30 -24.83
C GLY D 186 -2.31 28.18 -25.53
N SER D 187 -2.21 28.14 -26.87
CA SER D 187 -2.78 27.06 -27.65
C SER D 187 -1.68 26.47 -28.52
N PRO D 188 -1.55 25.14 -28.56
CA PRO D 188 -0.50 24.52 -29.36
C PRO D 188 -0.56 24.99 -30.81
N PRO D 189 -1.74 25.07 -31.42
CA PRO D 189 -1.81 25.54 -32.81
C PRO D 189 -1.00 26.79 -33.07
N ASN D 190 -1.03 27.75 -32.14
CA ASN D 190 -0.20 28.94 -32.29
C ASN D 190 1.27 28.56 -32.46
N ALA D 191 1.76 27.65 -31.61
CA ALA D 191 3.15 27.22 -31.72
C ALA D 191 3.39 26.49 -33.03
N ILE D 192 2.41 25.68 -33.47
CA ILE D 192 2.55 24.96 -34.73
C ILE D 192 2.66 25.96 -35.89
N ALA D 193 1.92 27.05 -35.81
CA ALA D 193 2.01 28.09 -36.84
C ALA D 193 3.36 28.80 -36.78
N ALA D 194 3.75 29.24 -35.58
CA ALA D 194 5.04 29.91 -35.43
C ALA D 194 6.18 28.99 -35.81
N ALA D 195 6.06 27.69 -35.50
CA ALA D 195 7.10 26.75 -35.87
C ALA D 195 7.13 26.50 -37.38
N GLU D 196 5.99 26.63 -38.05
CA GLU D 196 5.94 26.41 -39.49
C GLU D 196 6.63 27.53 -40.24
N VAL D 197 6.30 28.79 -39.93
CA VAL D 197 6.86 29.93 -40.64
C VAL D 197 8.03 30.57 -39.90
N GLY D 198 8.32 30.15 -38.68
CA GLY D 198 9.41 30.73 -37.93
C GLY D 198 9.08 32.07 -37.31
N LEU D 199 7.98 32.13 -36.58
CA LEU D 199 7.54 33.36 -35.92
C LEU D 199 8.17 33.50 -34.54
N SER D 200 8.46 34.74 -34.17
CA SER D 200 8.88 35.03 -32.80
C SER D 200 7.65 35.29 -31.92
N PHE D 201 7.88 35.29 -30.61
CA PHE D 201 6.78 35.54 -29.69
C PHE D 201 6.19 36.93 -29.90
N THR D 202 7.05 37.94 -29.99
CA THR D 202 6.56 39.30 -30.22
C THR D 202 5.92 39.47 -31.58
N ASP D 203 6.28 38.64 -32.57
CA ASP D 203 5.62 38.69 -33.87
C ASP D 203 4.17 38.22 -33.76
N TRP D 204 3.94 37.12 -33.05
CA TRP D 204 2.60 36.57 -32.94
C TRP D 204 1.70 37.36 -32.00
N MET D 205 2.28 38.10 -31.05
CA MET D 205 1.47 38.88 -30.13
C MET D 205 0.80 40.05 -30.85
N LYS D 206 1.49 40.66 -31.81
CA LYS D 206 0.87 41.72 -32.60
C LYS D 206 -0.37 41.22 -33.32
N PHE D 207 -0.42 39.93 -33.65
CA PHE D 207 -1.61 39.36 -34.27
C PHE D 207 -2.66 38.98 -33.24
N GLY D 208 -2.30 38.08 -32.32
CA GLY D 208 -3.31 37.49 -31.45
C GLY D 208 -3.83 38.47 -30.40
N LEU D 209 -2.92 39.16 -29.71
CA LEU D 209 -3.35 40.06 -28.64
C LEU D 209 -4.39 41.07 -29.10
N PRO D 210 -4.17 41.85 -30.16
CA PRO D 210 -5.26 42.69 -30.68
C PRO D 210 -6.51 41.90 -30.99
N THR D 211 -6.38 40.73 -31.61
CA THR D 211 -7.54 39.89 -31.89
C THR D 211 -8.19 39.43 -30.60
N ALA D 212 -7.38 39.05 -29.61
CA ALA D 212 -7.93 38.65 -28.31
C ALA D 212 -8.65 39.81 -27.63
N MET D 213 -8.07 41.02 -27.71
CA MET D 213 -8.75 42.19 -27.17
C MET D 213 -10.08 42.44 -27.85
N MET D 214 -10.19 42.12 -29.14
CA MET D 214 -11.42 42.38 -29.89
C MET D 214 -12.42 41.24 -29.73
N MET D 215 -11.97 39.99 -29.83
CA MET D 215 -12.89 38.87 -29.93
C MET D 215 -13.55 38.52 -28.59
N LEU D 216 -12.89 38.82 -27.47
CA LEU D 216 -13.47 38.45 -26.18
C LEU D 216 -14.78 39.18 -25.90
N PRO D 217 -14.85 40.51 -26.00
CA PRO D 217 -16.15 41.17 -25.79
C PRO D 217 -17.21 40.70 -26.76
N MET D 218 -16.88 40.63 -28.05
CA MET D 218 -17.83 40.15 -29.04
C MET D 218 -18.35 38.75 -28.70
N ALA D 219 -17.53 37.92 -28.07
CA ALA D 219 -17.99 36.59 -27.68
C ALA D 219 -18.92 36.66 -26.47
N ILE D 220 -18.57 37.47 -25.47
CA ILE D 220 -19.43 37.63 -24.31
C ILE D 220 -20.71 38.35 -24.70
N ALA D 221 -20.61 39.34 -25.57
CA ALA D 221 -21.80 40.08 -26.02
C ALA D 221 -22.84 39.14 -26.61
N ILE D 222 -22.39 38.15 -27.41
CA ILE D 222 -23.33 37.20 -27.99
C ILE D 222 -23.98 36.37 -26.90
N LEU D 223 -23.20 36.00 -25.87
CA LEU D 223 -23.78 35.30 -24.72
C LEU D 223 -24.67 36.24 -23.92
N TYR D 224 -24.28 37.51 -23.82
CA TYR D 224 -25.07 38.47 -23.05
C TYR D 224 -26.46 38.66 -23.66
N PHE D 225 -26.51 38.94 -24.96
CA PHE D 225 -27.78 39.20 -25.64
C PHE D 225 -28.52 37.93 -26.05
N LEU D 226 -28.59 36.94 -25.16
CA LEU D 226 -29.40 35.75 -25.40
C LEU D 226 -30.27 35.43 -24.19
N ASN D 243 -1.75 35.56 0.97
CA ASN D 243 -0.67 36.45 1.36
C ASN D 243 0.60 36.12 0.59
N TRP D 244 1.32 37.16 0.17
CA TRP D 244 2.57 36.97 -0.57
C TRP D 244 3.58 36.24 0.31
N ASP D 245 3.86 34.98 -0.01
CA ASP D 245 4.76 34.17 0.80
C ASP D 245 6.13 34.03 0.13
N LYS D 246 6.75 32.86 0.27
CA LYS D 246 8.11 32.62 -0.18
C LYS D 246 8.26 32.80 -1.70
N GLY D 247 8.92 33.88 -2.11
CA GLY D 247 9.29 34.07 -3.50
C GLY D 247 8.15 34.07 -4.49
N LYS D 248 6.96 34.53 -4.09
CA LYS D 248 5.92 34.78 -5.07
C LYS D 248 6.24 36.02 -5.91
N VAL D 249 6.96 36.98 -5.33
CA VAL D 249 7.48 38.09 -6.11
C VAL D 249 8.64 37.61 -7.00
N VAL D 250 9.39 36.61 -6.54
CA VAL D 250 10.46 36.04 -7.36
C VAL D 250 9.87 35.39 -8.60
N THR D 251 8.85 34.54 -8.40
CA THR D 251 8.15 33.96 -9.55
C THR D 251 7.58 35.06 -10.43
N LEU D 252 7.02 36.11 -9.83
CA LEU D 252 6.55 37.24 -10.62
C LEU D 252 7.72 38.00 -11.24
N GLY D 253 8.79 38.21 -10.47
CA GLY D 253 9.96 38.87 -11.03
C GLY D 253 10.54 38.11 -12.21
N ILE D 254 10.71 36.79 -12.06
CA ILE D 254 11.15 35.97 -13.18
C ILE D 254 10.14 36.04 -14.31
N PHE D 255 8.86 35.81 -14.00
CA PHE D 255 7.81 35.91 -15.01
C PHE D 255 7.81 37.28 -15.67
N GLY D 256 7.78 38.35 -14.87
CA GLY D 256 7.81 39.68 -15.44
C GLY D 256 9.03 39.92 -16.29
N LEU D 257 10.21 39.52 -15.81
CA LEU D 257 11.43 39.68 -16.57
C LEU D 257 11.35 38.93 -17.90
N THR D 258 10.83 37.70 -17.88
CA THR D 258 10.73 36.91 -19.10
C THR D 258 9.82 37.59 -20.11
N VAL D 259 8.61 37.97 -19.69
CA VAL D 259 7.68 38.63 -20.59
C VAL D 259 8.23 39.95 -21.09
N PHE D 260 9.00 40.65 -20.24
CA PHE D 260 9.60 41.91 -20.67
C PHE D 260 10.57 41.69 -21.84
N LEU D 261 11.39 40.64 -21.76
CA LEU D 261 12.32 40.35 -22.85
C LEU D 261 11.57 39.87 -24.09
N TRP D 262 10.51 39.08 -23.90
CA TRP D 262 9.75 38.57 -25.05
C TRP D 262 9.15 39.72 -25.85
N ILE D 263 8.68 40.77 -25.18
CA ILE D 263 8.12 41.91 -25.89
C ILE D 263 9.23 42.69 -26.57
N PHE D 264 10.29 43.04 -25.82
CA PHE D 264 11.41 43.78 -26.34
C PHE D 264 12.50 42.87 -26.92
N SER D 265 12.15 41.66 -27.33
CA SER D 265 13.13 40.73 -27.86
C SER D 265 13.76 41.25 -29.14
N SER D 266 12.98 41.94 -29.98
CA SER D 266 13.48 42.44 -31.25
C SER D 266 14.71 43.33 -31.06
N PRO D 267 14.65 44.41 -30.27
CA PRO D 267 15.83 45.25 -30.11
C PRO D 267 16.90 44.62 -29.23
N ILE D 268 16.51 43.85 -28.21
CA ILE D 268 17.48 43.27 -27.30
C ILE D 268 18.39 42.28 -28.04
N ASN D 269 17.79 41.38 -28.81
CA ASN D 269 18.59 40.41 -29.56
C ASN D 269 19.44 41.10 -30.62
N ALA D 270 18.87 42.06 -31.34
CA ALA D 270 19.64 42.78 -32.34
C ALA D 270 20.84 43.48 -31.71
N ALA D 271 20.68 43.98 -30.49
CA ALA D 271 21.76 44.61 -29.74
C ALA D 271 22.58 43.62 -28.91
N LEU D 272 22.77 42.40 -29.42
CA LEU D 272 23.51 41.38 -28.68
C LEU D 272 24.36 40.47 -29.54
N GLY D 273 24.24 40.50 -30.87
CA GLY D 273 25.02 39.64 -31.72
C GLY D 273 24.18 38.80 -32.67
N GLY D 274 22.87 39.00 -32.62
CA GLY D 274 21.96 38.29 -33.50
C GLY D 274 21.94 36.79 -33.31
N PHE D 275 21.51 36.33 -32.14
CA PHE D 275 21.34 34.91 -31.92
C PHE D 275 20.12 34.39 -32.70
N LYS D 276 20.18 33.12 -33.06
CA LYS D 276 19.22 32.57 -34.01
C LYS D 276 17.80 32.56 -33.45
N SER D 277 17.55 31.74 -32.45
CA SER D 277 16.21 31.61 -31.86
C SER D 277 16.22 32.21 -30.46
N PHE D 278 16.33 33.54 -30.40
CA PHE D 278 16.41 34.22 -29.11
C PHE D 278 15.21 33.88 -28.24
N ASP D 279 14.00 33.90 -28.80
CA ASP D 279 12.82 33.59 -28.01
C ASP D 279 12.94 32.22 -27.35
N THR D 280 13.45 31.23 -28.09
CA THR D 280 13.64 29.91 -27.51
C THR D 280 14.65 29.94 -26.37
N LEU D 281 15.75 30.68 -26.55
CA LEU D 281 16.72 30.82 -25.48
C LEU D 281 16.07 31.39 -24.23
N VAL D 282 15.23 32.41 -24.39
CA VAL D 282 14.54 33.00 -23.24
C VAL D 282 13.68 31.95 -22.55
N ALA D 283 12.95 31.14 -23.32
CA ALA D 283 12.10 30.12 -22.71
C ALA D 283 12.92 29.15 -21.87
N LEU D 284 14.09 28.75 -22.38
CA LEU D 284 14.93 27.81 -21.63
C LEU D 284 15.58 28.49 -20.43
N GLY D 285 15.91 29.78 -20.55
CA GLY D 285 16.44 30.50 -19.41
C GLY D 285 15.47 30.56 -18.25
N ALA D 286 14.17 30.70 -18.56
CA ALA D 286 13.15 30.69 -17.52
C ALA D 286 13.20 29.37 -16.75
N ILE D 287 13.30 28.25 -17.46
CA ILE D 287 13.42 26.95 -16.80
C ILE D 287 14.64 26.94 -15.88
N LEU D 288 15.71 27.63 -16.28
CA LEU D 288 16.90 27.70 -15.44
C LEU D 288 16.67 28.62 -14.25
N MET D 289 16.15 29.83 -14.50
CA MET D 289 15.85 30.75 -13.41
C MET D 289 14.85 30.14 -12.43
N LEU D 290 13.80 29.50 -12.94
CA LEU D 290 12.81 28.89 -12.06
C LEU D 290 13.41 27.76 -11.24
N SER D 291 14.42 27.08 -11.78
CA SER D 291 15.11 26.02 -11.04
C SER D 291 16.23 26.57 -10.16
N PHE D 292 16.94 27.60 -10.65
CA PHE D 292 17.95 28.25 -9.82
C PHE D 292 17.32 28.91 -8.61
N ALA D 293 16.20 29.62 -8.81
CA ALA D 293 15.50 30.29 -7.73
C ALA D 293 14.86 29.33 -6.74
N ARG D 294 14.95 28.02 -6.95
CA ARG D 294 14.41 27.01 -6.05
C ARG D 294 12.90 27.07 -5.95
N VAL D 295 12.25 27.90 -6.78
CA VAL D 295 10.82 28.11 -6.65
C VAL D 295 10.01 26.93 -7.19
N VAL D 296 10.61 26.08 -8.02
CA VAL D 296 9.91 24.96 -8.60
C VAL D 296 10.89 23.82 -8.83
N HIS D 297 10.53 22.62 -8.41
CA HIS D 297 11.34 21.46 -8.66
C HIS D 297 11.07 20.93 -10.07
N TRP D 298 12.03 20.19 -10.61
CA TRP D 298 11.87 19.72 -11.99
C TRP D 298 10.72 18.72 -12.08
N LYS D 299 10.54 17.87 -11.07
CA LYS D 299 9.41 16.97 -11.06
C LYS D 299 8.11 17.74 -11.27
N GLU D 300 8.06 18.98 -10.82
CA GLU D 300 6.91 19.83 -11.10
C GLU D 300 6.79 20.11 -12.59
N ILE D 301 7.89 20.50 -13.23
CA ILE D 301 7.88 20.81 -14.65
C ILE D 301 7.57 19.57 -15.47
N GLN D 302 8.08 18.41 -15.04
CA GLN D 302 7.83 17.18 -15.78
C GLN D 302 6.35 16.82 -15.77
N LYS D 303 5.60 17.26 -14.76
CA LYS D 303 4.17 16.99 -14.70
C LYS D 303 3.39 17.96 -15.59
N THR D 304 3.65 19.26 -15.46
CA THR D 304 2.88 20.26 -16.18
C THR D 304 3.05 20.14 -17.69
N ALA D 305 4.28 19.89 -18.15
CA ALA D 305 4.55 19.90 -19.58
C ALA D 305 3.76 18.81 -20.30
N ASP D 306 3.07 19.19 -21.37
CA ASP D 306 2.35 18.26 -22.23
C ASP D 306 3.31 17.79 -23.31
N TRP D 307 4.14 16.81 -22.96
CA TRP D 307 5.14 16.31 -23.89
C TRP D 307 4.49 15.77 -25.17
N GLY D 308 3.27 15.27 -25.08
CA GLY D 308 2.57 14.84 -26.28
C GLY D 308 2.36 15.95 -27.28
N VAL D 309 2.07 17.15 -26.78
CA VAL D 309 1.91 18.31 -27.67
C VAL D 309 3.27 18.72 -28.24
N LEU D 310 4.32 18.69 -27.42
CA LEU D 310 5.65 19.02 -27.91
C LEU D 310 6.07 18.05 -29.01
N LEU D 311 5.76 16.77 -28.85
CA LEU D 311 5.99 15.82 -29.93
C LEU D 311 5.10 16.10 -31.12
N LEU D 312 3.87 16.58 -30.88
CA LEU D 312 3.00 16.94 -31.99
C LEU D 312 3.61 18.05 -32.83
N PHE D 313 4.17 19.06 -32.17
CA PHE D 313 4.85 20.13 -32.89
C PHE D 313 5.83 19.55 -33.91
N GLY D 314 6.72 18.66 -33.46
CA GLY D 314 7.64 18.01 -34.38
C GLY D 314 6.91 17.19 -35.42
N GLY D 315 5.90 16.42 -35.00
CA GLY D 315 5.13 15.64 -35.95
C GLY D 315 4.50 16.48 -37.03
N GLY D 316 4.03 17.67 -36.65
CA GLY D 316 3.46 18.58 -37.64
C GLY D 316 4.50 19.15 -38.57
N LEU D 317 5.68 19.45 -38.04
CA LEU D 317 6.78 19.92 -38.88
C LEU D 317 7.28 18.82 -39.81
N CYS D 318 7.39 17.60 -39.29
CA CYS D 318 7.80 16.47 -40.13
C CYS D 318 6.85 16.30 -41.31
N LEU D 319 5.54 16.43 -41.06
CA LEU D 319 4.58 16.34 -42.15
C LEU D 319 4.83 17.41 -43.21
N SER D 320 5.06 18.65 -42.78
CA SER D 320 5.34 19.73 -43.72
C SER D 320 6.49 19.38 -44.66
N ASN D 321 7.57 18.80 -44.10
CA ASN D 321 8.72 18.47 -44.94
C ASN D 321 8.42 17.31 -45.88
N VAL D 322 7.53 16.40 -45.50
CA VAL D 322 7.17 15.29 -46.37
C VAL D 322 6.48 15.79 -47.64
N LEU D 323 5.67 16.85 -47.51
CA LEU D 323 4.96 17.38 -48.68
C LEU D 323 5.93 17.95 -49.70
N LYS D 324 7.00 18.62 -49.23
CA LYS D 324 7.95 19.24 -50.15
C LYS D 324 8.77 18.20 -50.89
N GLN D 325 9.40 17.28 -50.16
CA GLN D 325 10.30 16.33 -50.79
C GLN D 325 9.62 15.51 -51.89
N THR D 326 8.33 15.23 -51.74
CA THR D 326 7.59 14.48 -52.74
C THR D 326 6.95 15.37 -53.80
N GLY D 327 7.02 16.70 -53.64
CA GLY D 327 6.40 17.60 -54.59
C GLY D 327 4.90 17.69 -54.51
N THR D 328 4.29 17.10 -53.48
CA THR D 328 2.83 17.16 -53.36
C THR D 328 2.33 18.58 -53.18
N SER D 329 3.15 19.45 -52.59
CA SER D 329 2.76 20.85 -52.44
C SER D 329 2.63 21.53 -53.79
N VAL D 330 3.60 21.32 -54.68
CA VAL D 330 3.54 21.93 -56.00
C VAL D 330 2.49 21.23 -56.86
N PHE D 331 2.25 19.94 -56.63
CA PHE D 331 1.24 19.23 -57.40
C PHE D 331 -0.15 19.78 -57.11
N LEU D 332 -0.43 20.08 -55.84
CA LEU D 332 -1.73 20.65 -55.49
C LEU D 332 -1.85 22.09 -55.95
N ALA D 333 -0.74 22.84 -55.87
CA ALA D 333 -0.75 24.21 -56.40
C ALA D 333 -1.12 24.22 -57.88
N ASN D 334 -0.56 23.29 -58.66
CA ASN D 334 -0.92 23.20 -60.06
C ASN D 334 -2.38 22.81 -60.21
N ALA D 335 -2.87 21.89 -59.37
CA ALA D 335 -4.28 21.51 -59.43
C ALA D 335 -5.19 22.66 -59.04
N LEU D 336 -4.75 23.49 -58.09
CA LEU D 336 -5.52 24.66 -57.68
C LEU D 336 -5.15 25.92 -58.46
N SER D 337 -4.19 25.83 -59.39
CA SER D 337 -3.74 27.01 -60.12
C SER D 337 -4.91 27.70 -60.80
N ASP D 338 -5.66 26.96 -61.61
CA ASP D 338 -6.82 27.54 -62.28
C ASP D 338 -7.92 27.90 -61.28
N MET D 339 -8.04 27.12 -60.20
CA MET D 339 -9.07 27.37 -59.21
C MET D 339 -8.74 28.57 -58.32
N VAL D 340 -7.49 28.67 -57.87
CA VAL D 340 -7.10 29.79 -57.03
C VAL D 340 -7.00 31.06 -57.86
N SER D 341 -6.74 30.94 -59.16
CA SER D 341 -6.71 32.13 -60.01
C SER D 341 -8.12 32.61 -60.34
N HIS D 342 -9.09 31.68 -60.45
CA HIS D 342 -10.47 32.08 -60.61
C HIS D 342 -11.04 32.71 -59.34
N MET D 343 -10.38 32.52 -58.20
CA MET D 343 -10.79 33.09 -56.93
C MET D 343 -9.89 34.26 -56.57
N GLY D 344 -10.45 35.23 -55.84
CA GLY D 344 -9.67 36.34 -55.34
C GLY D 344 -9.03 36.04 -53.99
N ILE D 345 -8.13 36.94 -53.59
CA ILE D 345 -7.48 36.78 -52.29
C ILE D 345 -8.49 36.89 -51.16
N PHE D 346 -9.56 37.66 -51.36
CA PHE D 346 -10.65 37.68 -50.40
C PHE D 346 -11.33 36.32 -50.32
N VAL D 347 -11.67 35.75 -51.47
CA VAL D 347 -12.35 34.46 -51.51
C VAL D 347 -11.53 33.41 -50.76
N VAL D 348 -10.21 33.43 -50.94
CA VAL D 348 -9.36 32.41 -50.31
C VAL D 348 -9.46 32.49 -48.80
N ILE D 349 -9.10 33.65 -48.23
CA ILE D 349 -9.06 33.78 -46.78
C ILE D 349 -10.44 33.66 -46.16
N LEU D 350 -11.51 33.93 -46.92
CA LEU D 350 -12.85 33.73 -46.41
C LEU D 350 -13.22 32.26 -46.42
N VAL D 351 -12.94 31.57 -47.53
CA VAL D 351 -13.15 30.13 -47.58
C VAL D 351 -12.30 29.44 -46.52
N VAL D 352 -11.03 29.85 -46.39
CA VAL D 352 -10.15 29.27 -45.39
C VAL D 352 -10.69 29.54 -43.99
N ALA D 353 -10.89 30.82 -43.66
CA ALA D 353 -11.37 31.18 -42.33
C ALA D 353 -12.66 30.45 -41.99
N THR D 354 -13.65 30.51 -42.88
CA THR D 354 -14.91 29.82 -42.63
C THR D 354 -14.70 28.32 -42.49
N PHE D 355 -13.88 27.74 -43.36
CA PHE D 355 -13.65 26.30 -43.34
C PHE D 355 -13.16 25.83 -41.97
N VAL D 356 -12.20 26.55 -41.39
CA VAL D 356 -11.61 26.11 -40.13
C VAL D 356 -12.54 26.39 -38.96
N VAL D 357 -13.16 27.58 -38.94
CA VAL D 357 -14.01 27.97 -37.81
C VAL D 357 -15.05 26.90 -37.51
N PHE D 358 -15.52 26.19 -38.54
CA PHE D 358 -16.46 25.09 -38.33
C PHE D 358 -15.77 23.75 -38.17
N LEU D 359 -14.59 23.57 -38.77
CA LEU D 359 -13.88 22.30 -38.65
C LEU D 359 -13.41 22.05 -37.22
N THR D 360 -12.95 23.08 -36.54
CA THR D 360 -12.45 22.91 -35.17
C THR D 360 -13.54 22.44 -34.21
N GLU D 361 -14.81 22.47 -34.62
CA GLU D 361 -15.88 21.98 -33.77
C GLU D 361 -15.91 20.46 -33.70
N PHE D 362 -15.37 19.77 -34.72
CA PHE D 362 -15.43 18.32 -34.78
C PHE D 362 -14.17 17.62 -34.27
N ALA D 363 -13.02 18.29 -34.30
CA ALA D 363 -11.76 17.68 -33.93
C ALA D 363 -11.00 18.61 -32.98
N SER D 364 -9.93 18.08 -32.40
CA SER D 364 -9.13 18.85 -31.45
C SER D 364 -8.58 20.10 -32.12
N ASN D 365 -8.43 21.15 -31.31
CA ASN D 365 -7.89 22.41 -31.82
C ASN D 365 -6.52 22.20 -32.44
N THR D 366 -5.58 21.68 -31.64
CA THR D 366 -4.21 21.51 -32.14
C THR D 366 -4.15 20.47 -33.25
N ALA D 367 -4.92 19.38 -33.12
CA ALA D 367 -4.96 18.37 -34.17
C ALA D 367 -5.40 18.96 -35.50
N SER D 368 -6.29 19.95 -35.47
CA SER D 368 -6.73 20.60 -36.70
C SER D 368 -5.63 21.45 -37.29
N ALA D 369 -4.96 22.25 -36.45
CA ALA D 369 -3.87 23.10 -36.94
C ALA D 369 -2.70 22.25 -37.45
N ALA D 370 -2.39 21.16 -36.75
CA ALA D 370 -1.29 20.31 -37.17
C ALA D 370 -1.50 19.76 -38.57
N LEU D 371 -2.75 19.65 -39.02
CA LEU D 371 -3.04 19.11 -40.34
C LEU D 371 -3.12 20.21 -41.40
N LEU D 372 -3.77 21.32 -41.11
CA LEU D 372 -3.99 22.36 -42.10
C LEU D 372 -2.83 23.34 -42.22
N ILE D 373 -2.14 23.64 -41.13
CA ILE D 373 -1.01 24.57 -41.19
C ILE D 373 0.04 24.11 -42.18
N PRO D 374 0.52 22.86 -42.14
CA PRO D 374 1.50 22.43 -43.15
C PRO D 374 0.96 22.46 -44.57
N VAL D 375 -0.22 21.89 -44.80
CA VAL D 375 -0.75 21.78 -46.16
C VAL D 375 -0.84 23.15 -46.82
N PHE D 376 -1.43 24.12 -46.12
CA PHE D 376 -1.67 25.42 -46.74
C PHE D 376 -0.37 26.20 -46.94
N ALA D 377 0.49 26.23 -45.91
CA ALA D 377 1.73 26.99 -46.02
C ALA D 377 2.60 26.50 -47.16
N THR D 378 2.66 25.19 -47.38
CA THR D 378 3.50 24.66 -48.45
C THR D 378 2.89 24.91 -49.83
N VAL D 379 1.57 24.76 -49.95
CA VAL D 379 0.92 25.05 -51.22
C VAL D 379 0.99 26.55 -51.52
N ALA D 380 0.73 27.39 -50.52
CA ALA D 380 0.90 28.82 -50.69
C ALA D 380 2.33 29.18 -51.11
N GLU D 381 3.32 28.41 -50.64
CA GLU D 381 4.70 28.65 -51.04
C GLU D 381 4.93 28.36 -52.51
N ALA D 382 4.24 27.35 -53.05
CA ALA D 382 4.36 27.07 -54.48
C ALA D 382 3.82 28.22 -55.32
N PHE D 383 2.83 28.95 -54.81
CA PHE D 383 2.29 30.13 -55.48
C PHE D 383 3.14 31.38 -55.25
N GLY D 384 4.30 31.23 -54.61
CA GLY D 384 5.14 32.39 -54.32
C GLY D 384 4.52 33.36 -53.34
N MET D 385 3.61 32.90 -52.49
CA MET D 385 2.94 33.74 -51.51
C MET D 385 3.48 33.45 -50.11
N SER D 386 3.61 34.51 -49.31
CA SER D 386 4.08 34.38 -47.93
C SER D 386 3.11 33.53 -47.12
N PRO D 387 3.54 32.34 -46.66
CA PRO D 387 2.64 31.47 -45.89
C PRO D 387 2.31 32.00 -44.51
N VAL D 388 2.84 33.16 -44.10
CA VAL D 388 2.59 33.68 -42.76
C VAL D 388 1.09 33.93 -42.57
N LEU D 389 0.47 34.58 -43.54
CA LEU D 389 -0.94 34.96 -43.40
C LEU D 389 -1.81 33.72 -43.19
N LEU D 390 -1.77 32.78 -44.13
CA LEU D 390 -2.62 31.59 -44.03
C LEU D 390 -2.33 30.82 -42.74
N SER D 391 -1.07 30.77 -42.32
CA SER D 391 -0.72 30.00 -41.13
C SER D 391 -1.31 30.63 -39.87
N VAL D 392 -1.04 31.91 -39.64
CA VAL D 392 -1.56 32.58 -38.45
C VAL D 392 -3.09 32.52 -38.43
N LEU D 393 -3.72 32.71 -39.58
CA LEU D 393 -5.17 32.62 -39.65
C LEU D 393 -5.66 31.26 -39.16
N ILE D 394 -5.13 30.18 -39.75
CA ILE D 394 -5.55 28.84 -39.35
C ILE D 394 -5.30 28.63 -37.86
N ALA D 395 -4.16 29.10 -37.36
CA ALA D 395 -3.85 28.92 -35.95
C ALA D 395 -4.85 29.67 -35.06
N VAL D 396 -5.37 30.81 -35.52
CA VAL D 396 -6.32 31.57 -34.73
C VAL D 396 -7.71 30.94 -34.80
N ALA D 397 -8.19 30.67 -36.02
CA ALA D 397 -9.51 30.07 -36.18
C ALA D 397 -9.60 28.68 -35.55
N ALA D 398 -8.47 27.99 -35.41
CA ALA D 398 -8.50 26.65 -34.81
C ALA D 398 -8.98 26.71 -33.36
N SER D 399 -8.75 27.84 -32.67
CA SER D 399 -9.19 28.02 -31.30
C SER D 399 -10.56 28.67 -31.20
N CYS D 400 -11.37 28.59 -32.26
CA CYS D 400 -12.69 29.20 -32.28
C CYS D 400 -13.78 28.14 -32.27
N ALA D 401 -13.79 27.28 -31.27
CA ALA D 401 -14.80 26.24 -31.11
C ALA D 401 -15.78 26.69 -30.04
N PHE D 402 -17.00 27.00 -30.45
CA PHE D 402 -18.01 27.56 -29.55
C PHE D 402 -19.35 26.84 -29.58
N MET D 403 -19.64 26.05 -30.62
CA MET D 403 -20.92 25.35 -30.70
C MET D 403 -20.93 24.16 -29.73
N LEU D 404 -21.20 22.98 -30.25
CA LEU D 404 -21.32 21.78 -29.42
C LEU D 404 -20.05 21.56 -28.62
N PRO D 405 -20.07 20.66 -27.62
CA PRO D 405 -18.82 20.32 -26.93
C PRO D 405 -17.93 19.45 -27.79
N VAL D 406 -16.96 18.77 -27.19
CA VAL D 406 -16.02 17.90 -27.88
C VAL D 406 -15.21 18.66 -28.93
N ALA D 407 -15.56 19.93 -29.14
CA ALA D 407 -14.78 20.78 -30.04
C ALA D 407 -13.47 21.20 -29.37
N THR D 408 -13.56 21.67 -28.12
CA THR D 408 -12.42 22.06 -27.32
C THR D 408 -12.70 21.59 -25.89
N PRO D 409 -11.68 21.12 -25.18
CA PRO D 409 -11.89 20.62 -23.82
C PRO D 409 -12.63 21.64 -22.96
N PRO D 410 -12.25 22.91 -23.00
CA PRO D 410 -13.01 23.92 -22.24
C PRO D 410 -14.50 23.85 -22.46
N ASN D 411 -14.95 23.51 -23.67
CA ASN D 411 -16.39 23.35 -23.91
C ASN D 411 -16.97 22.20 -23.10
N ALA D 412 -16.30 21.04 -23.13
CA ALA D 412 -16.77 19.89 -22.38
C ALA D 412 -16.54 20.01 -20.88
N ILE D 413 -15.73 20.98 -20.45
CA ILE D 413 -15.51 21.18 -19.02
C ILE D 413 -16.70 21.86 -18.37
N VAL D 414 -17.15 22.98 -18.95
CA VAL D 414 -18.34 23.64 -18.45
C VAL D 414 -19.60 22.87 -18.82
N PHE D 415 -19.52 21.96 -19.78
CA PHE D 415 -20.68 21.15 -20.15
C PHE D 415 -20.85 19.95 -19.22
N ALA D 416 -19.75 19.39 -18.72
CA ALA D 416 -19.84 18.26 -17.79
C ALA D 416 -20.51 18.64 -16.48
N SER D 417 -20.80 19.92 -16.25
CA SER D 417 -21.50 20.35 -15.05
C SER D 417 -22.95 19.87 -15.01
N GLY D 418 -23.39 19.11 -16.02
CA GLY D 418 -24.73 18.57 -16.03
C GLY D 418 -25.79 19.64 -15.88
N HIS D 419 -25.67 20.72 -16.65
CA HIS D 419 -26.62 21.81 -16.56
C HIS D 419 -26.84 22.49 -17.90
N ILE D 420 -25.76 22.78 -18.63
CA ILE D 420 -25.88 23.50 -19.90
C ILE D 420 -26.43 22.55 -20.95
N LYS D 421 -27.46 23.01 -21.67
CA LYS D 421 -28.14 22.17 -22.63
C LYS D 421 -27.39 22.12 -23.96
N GLN D 422 -27.56 21.00 -24.67
CA GLN D 422 -26.95 20.85 -25.98
C GLN D 422 -27.44 21.94 -26.94
N SER D 423 -28.76 22.13 -27.03
CA SER D 423 -29.29 23.11 -27.96
C SER D 423 -28.86 24.52 -27.60
N GLU D 424 -28.72 24.82 -26.31
CA GLU D 424 -28.29 26.15 -25.90
C GLU D 424 -26.93 26.50 -26.50
N MET D 425 -25.93 25.65 -26.26
CA MET D 425 -24.58 25.93 -26.76
C MET D 425 -24.51 25.78 -28.27
N MET D 426 -25.26 24.82 -28.83
CA MET D 426 -25.18 24.57 -30.27
C MET D 426 -25.58 25.78 -31.11
N ARG D 427 -26.33 26.72 -30.54
CA ARG D 427 -26.79 27.88 -31.27
C ARG D 427 -26.06 29.17 -30.89
N VAL D 428 -25.51 29.25 -29.68
CA VAL D 428 -24.67 30.40 -29.33
C VAL D 428 -23.37 30.36 -30.13
N GLY D 429 -22.82 29.16 -30.36
CA GLY D 429 -21.64 29.06 -31.19
C GLY D 429 -21.92 29.28 -32.67
N LEU D 430 -23.07 28.81 -33.14
CA LEU D 430 -23.44 29.06 -34.53
C LEU D 430 -23.54 30.55 -34.84
N TYR D 431 -23.97 31.34 -33.84
CA TYR D 431 -23.96 32.79 -34.01
C TYR D 431 -22.55 33.35 -33.83
N LEU D 432 -21.86 32.92 -32.77
CA LEU D 432 -20.50 33.38 -32.55
C LEU D 432 -19.56 32.95 -33.68
N ASN D 433 -19.80 31.78 -34.27
CA ASN D 433 -18.99 31.33 -35.39
C ASN D 433 -19.04 32.33 -36.54
N ILE D 434 -20.25 32.63 -37.01
CA ILE D 434 -20.39 33.62 -38.08
C ILE D 434 -19.81 34.95 -37.64
N ALA D 435 -19.99 35.30 -36.37
CA ALA D 435 -19.44 36.55 -35.85
C ALA D 435 -17.92 36.56 -35.97
N CYS D 436 -17.28 35.43 -35.68
CA CYS D 436 -15.82 35.37 -35.76
C CYS D 436 -15.34 35.36 -37.20
N ILE D 437 -15.99 34.57 -38.06
CA ILE D 437 -15.61 34.52 -39.47
C ILE D 437 -15.56 35.92 -40.06
N GLY D 438 -16.52 36.78 -39.65
CA GLY D 438 -16.48 38.16 -40.09
C GLY D 438 -15.33 38.93 -39.49
N LEU D 439 -15.22 38.90 -38.15
CA LEU D 439 -14.14 39.62 -37.47
C LEU D 439 -12.77 39.17 -37.99
N LEU D 440 -12.59 37.87 -38.20
CA LEU D 440 -11.30 37.37 -38.66
C LEU D 440 -11.00 37.85 -40.06
N THR D 441 -11.87 37.54 -41.02
CA THR D 441 -11.66 37.97 -42.40
C THR D 441 -11.47 39.48 -42.49
N ALA D 442 -12.18 40.23 -41.65
CA ALA D 442 -12.02 41.69 -41.64
C ALA D 442 -10.61 42.08 -41.21
N ILE D 443 -10.21 41.64 -40.01
CA ILE D 443 -8.86 41.96 -39.53
C ILE D 443 -7.81 41.37 -40.45
N ALA D 444 -8.07 40.17 -40.99
CA ALA D 444 -7.12 39.53 -41.88
C ALA D 444 -6.88 40.36 -43.14
N MET D 445 -7.90 41.08 -43.60
CA MET D 445 -7.74 41.94 -44.78
C MET D 445 -6.93 43.19 -44.44
N LEU D 446 -7.09 43.73 -43.24
CA LEU D 446 -6.33 44.91 -42.85
C LEU D 446 -4.84 44.58 -42.74
N PHE D 447 -4.50 43.43 -42.16
CA PHE D 447 -3.12 42.99 -42.05
C PHE D 447 -2.62 42.47 -43.39
N TRP D 448 -2.59 43.36 -44.38
CA TRP D 448 -2.11 43.02 -45.72
C TRP D 448 -1.12 44.06 -46.21
N GLN D 449 -1.56 45.31 -46.32
CA GLN D 449 -0.68 46.41 -46.70
C GLN D 449 -1.00 47.66 -45.90
NA NA E . -19.17 -19.25 2.67
C1 LMR F . -15.31 -19.70 7.74
O1A LMR F . -14.86 -18.80 7.01
O1B LMR F . -16.52 -20.15 7.65
C2 LMR F . -14.44 -20.44 8.84
O2 LMR F . -15.14 -20.82 9.92
C3 LMR F . -13.78 -21.56 8.06
C4 LMR F . -12.99 -22.49 9.01
O4A LMR F . -13.48 -23.54 9.41
O4B LMR F . -11.82 -22.08 9.34
H2 LMR F . -13.81 -19.79 9.19
HO2 LMR F . -15.61 -21.45 9.70
H3 LMR F . -14.44 -22.10 7.60
H3A LMR F . -13.17 -21.21 7.39
NA NA G . 3.26 -1.90 30.67
NA NA H . 7.25 -11.97 38.86
C1 LMR I . 3.22 -9.51 34.28
O1A LMR I . 3.60 -9.19 35.40
O1B LMR I . 2.04 -9.95 34.00
C2 LMR I . 4.13 -9.35 33.00
O2 LMR I . 4.07 -10.39 32.13
C3 LMR I . 3.75 -8.00 32.40
C4 LMR I . 4.67 -7.64 31.16
O4A LMR I . 5.89 -8.00 31.25
O4B LMR I . 4.23 -7.04 30.17
H2 LMR I . 5.03 -9.39 33.36
HO2 LMR I . 3.93 -10.05 31.31
H3 LMR I . 2.82 -8.00 32.10
H3A LMR I . 3.84 -7.29 33.06
NA NA J . 25.92 6.77 -8.85
C1 LMR K . 17.46 3.82 -12.89
O1A LMR K . 17.30 4.19 -14.13
O1B LMR K . 16.58 3.35 -12.18
C2 LMR K . 18.92 4.08 -12.37
O2 LMR K . 19.80 3.09 -12.69
C3 LMR K . 19.30 5.44 -12.90
C4 LMR K . 20.35 6.12 -12.00
O4A LMR K . 20.56 5.58 -10.85
O4B LMR K . 20.96 7.12 -12.39
H2 LMR K . 18.85 4.05 -11.41
HO2 LMR K . 20.21 3.33 -13.39
H3 LMR K . 19.66 5.37 -13.80
H3A LMR K . 18.51 6.02 -12.95
NA NA L . -1.24 30.11 -22.37
NA NA M . -10.73 21.91 -32.17
C1 LMR N . -4.95 24.13 -25.26
O1A LMR N . -4.60 24.98 -26.07
O1B LMR N . -4.70 24.17 -23.99
C2 LMR N . -5.75 22.84 -25.69
O2 LMR N . -6.24 22.14 -24.64
C3 LMR N . -6.81 23.35 -26.65
C4 LMR N . -7.14 22.28 -27.71
O4A LMR N . -8.30 22.16 -28.12
O4B LMR N . -6.16 21.57 -28.15
H2 LMR N . -5.10 22.26 -26.12
HO2 LMR N . -7.05 22.35 -24.53
H3 LMR N . -7.62 23.56 -26.17
H3A LMR N . -6.51 24.15 -27.09
#